data_2WQ5
# 
_entry.id   2WQ5 
# 
_audit_conform.dict_name       mmcif_pdbx.dic 
_audit_conform.dict_version    5.398 
_audit_conform.dict_location   http://mmcif.pdb.org/dictionaries/ascii/mmcif_pdbx.dic 
# 
loop_
_database_2.database_id 
_database_2.database_code 
_database_2.pdbx_database_accession 
_database_2.pdbx_DOI 
PDB   2WQ5         pdb_00002wq5 10.2210/pdb2wq5/pdb 
PDBE  EBI-40668    ?            ?                   
WWPDB D_1290040668 ?            ?                   
# 
loop_
_pdbx_audit_revision_history.ordinal 
_pdbx_audit_revision_history.data_content_type 
_pdbx_audit_revision_history.major_revision 
_pdbx_audit_revision_history.minor_revision 
_pdbx_audit_revision_history.revision_date 
1 'Structure model' 1 0 2010-03-23 
2 'Structure model' 1 1 2011-07-13 
3 'Structure model' 1 2 2017-06-28 
4 'Structure model' 1 3 2023-12-20 
5 'Structure model' 1 4 2024-11-06 
# 
_pdbx_audit_revision_details.ordinal             1 
_pdbx_audit_revision_details.revision_ordinal    1 
_pdbx_audit_revision_details.data_content_type   'Structure model' 
_pdbx_audit_revision_details.provider            repository 
_pdbx_audit_revision_details.type                'Initial release' 
_pdbx_audit_revision_details.description         ? 
_pdbx_audit_revision_details.details             ? 
# 
loop_
_pdbx_audit_revision_group.ordinal 
_pdbx_audit_revision_group.revision_ordinal 
_pdbx_audit_revision_group.data_content_type 
_pdbx_audit_revision_group.group 
1  2 'Structure model' Advisory                    
2  2 'Structure model' 'Version format compliance' 
3  3 'Structure model' 'Data collection'           
4  4 'Structure model' 'Data collection'           
5  4 'Structure model' 'Database references'       
6  4 'Structure model' 'Derived calculations'      
7  4 'Structure model' Other                       
8  4 'Structure model' 'Refinement description'    
9  4 'Structure model' 'Structure summary'         
10 5 'Structure model' 'Structure summary'         
# 
loop_
_pdbx_audit_revision_category.ordinal 
_pdbx_audit_revision_category.revision_ordinal 
_pdbx_audit_revision_category.data_content_type 
_pdbx_audit_revision_category.category 
1  3 'Structure model' diffrn_source                 
2  4 'Structure model' chem_comp                     
3  4 'Structure model' chem_comp_atom                
4  4 'Structure model' chem_comp_bond                
5  4 'Structure model' database_2                    
6  4 'Structure model' entity                        
7  4 'Structure model' pdbx_database_status          
8  4 'Structure model' pdbx_entity_nonpoly           
9  4 'Structure model' pdbx_initial_refinement_model 
10 4 'Structure model' pdbx_struct_conn_angle        
11 4 'Structure model' pdbx_struct_special_symmetry  
12 4 'Structure model' struct_conn                   
13 4 'Structure model' struct_site                   
14 5 'Structure model' pdbx_entry_details            
15 5 'Structure model' pdbx_modification_feature     
# 
loop_
_pdbx_audit_revision_item.ordinal 
_pdbx_audit_revision_item.revision_ordinal 
_pdbx_audit_revision_item.data_content_type 
_pdbx_audit_revision_item.item 
1  3 'Structure model' '_diffrn_source.type'                          
2  4 'Structure model' '_chem_comp.name'                              
3  4 'Structure model' '_database_2.pdbx_DOI'                         
4  4 'Structure model' '_database_2.pdbx_database_accession'          
5  4 'Structure model' '_entity.pdbx_description'                     
6  4 'Structure model' '_pdbx_database_status.status_code_sf'         
7  4 'Structure model' '_pdbx_entity_nonpoly.name'                    
8  4 'Structure model' '_pdbx_struct_conn_angle.ptnr1_auth_comp_id'   
9  4 'Structure model' '_pdbx_struct_conn_angle.ptnr1_auth_seq_id'    
10 4 'Structure model' '_pdbx_struct_conn_angle.ptnr1_label_asym_id'  
11 4 'Structure model' '_pdbx_struct_conn_angle.ptnr1_label_atom_id'  
12 4 'Structure model' '_pdbx_struct_conn_angle.ptnr1_label_comp_id'  
13 4 'Structure model' '_pdbx_struct_conn_angle.ptnr1_label_seq_id'   
14 4 'Structure model' '_pdbx_struct_conn_angle.ptnr1_symmetry'       
15 4 'Structure model' '_pdbx_struct_conn_angle.ptnr3_auth_comp_id'   
16 4 'Structure model' '_pdbx_struct_conn_angle.ptnr3_auth_seq_id'    
17 4 'Structure model' '_pdbx_struct_conn_angle.ptnr3_label_asym_id'  
18 4 'Structure model' '_pdbx_struct_conn_angle.ptnr3_label_atom_id'  
19 4 'Structure model' '_pdbx_struct_conn_angle.ptnr3_label_comp_id'  
20 4 'Structure model' '_pdbx_struct_conn_angle.ptnr3_label_seq_id'   
21 4 'Structure model' '_pdbx_struct_conn_angle.ptnr3_symmetry'       
22 4 'Structure model' '_pdbx_struct_conn_angle.value'                
23 4 'Structure model' '_struct_conn.pdbx_dist_value'                 
24 4 'Structure model' '_struct_conn.ptnr1_auth_comp_id'              
25 4 'Structure model' '_struct_conn.ptnr1_auth_seq_id'               
26 4 'Structure model' '_struct_conn.ptnr1_label_asym_id'             
27 4 'Structure model' '_struct_conn.ptnr1_label_atom_id'             
28 4 'Structure model' '_struct_conn.ptnr1_label_comp_id'             
29 4 'Structure model' '_struct_conn.ptnr1_label_seq_id'              
30 4 'Structure model' '_struct_conn.ptnr1_symmetry'                  
31 4 'Structure model' '_struct_conn.ptnr2_auth_comp_id'              
32 4 'Structure model' '_struct_conn.ptnr2_auth_seq_id'               
33 4 'Structure model' '_struct_conn.ptnr2_label_asym_id'             
34 4 'Structure model' '_struct_conn.ptnr2_label_atom_id'             
35 4 'Structure model' '_struct_conn.ptnr2_label_comp_id'             
36 4 'Structure model' '_struct_conn.ptnr2_label_seq_id'              
37 4 'Structure model' '_struct_conn.ptnr2_symmetry'                  
38 4 'Structure model' '_struct_site.pdbx_auth_asym_id'               
39 4 'Structure model' '_struct_site.pdbx_auth_comp_id'               
40 4 'Structure model' '_struct_site.pdbx_auth_seq_id'                
41 5 'Structure model' '_pdbx_entry_details.has_protein_modification' 
# 
_pdbx_database_status.status_code                     REL 
_pdbx_database_status.entry_id                        2WQ5 
_pdbx_database_status.deposit_site                    PDBE 
_pdbx_database_status.process_site                    PDBE 
_pdbx_database_status.SG_entry                        . 
_pdbx_database_status.recvd_initial_deposition_date   2009-08-13 
_pdbx_database_status.pdb_format_compatible           Y 
_pdbx_database_status.status_code_sf                  REL 
_pdbx_database_status.status_code_mr                  ? 
_pdbx_database_status.status_code_cs                  ? 
_pdbx_database_status.methods_development_category    ? 
_pdbx_database_status.status_code_nmr_data            ? 
# 
loop_
_pdbx_database_related.db_name 
_pdbx_database_related.db_id 
_pdbx_database_related.content_type 
_pdbx_database_related.details 
PDB 1PSH unspecified 'CRYSTAL STRUCTURE OF PHOSPHOLIPASE A2 FROM INDIAN COBRA REVEALS A TRIMERIC ASSOCIATION' 
PDB 1OWS unspecified 
'CRYSTAL STRUCTURE OF A C49 PHOSPHOLIPASE A2 FROM INDIANCOBRA REVEALS CARBOHYDRATE BINDING IN THE HYDROPHOBICCHANNEL' 
PDB 1A3F unspecified 'PHOSPHOLIPASE A2 (PLA2) FROM NAJA NAJA VENOM' 
PDB 1A3D unspecified 'PHOSPHOLIPASE A2 (PLA2) FROM NAJA NAJA VENOM' 
# 
loop_
_audit_author.name 
_audit_author.pdbx_ordinal 
'Dalm, D.'     1 
'Palm, G.J.'   2 
'Hinrichs, W.' 3 
# 
_citation.id                        primary 
_citation.title                     
'Non-Antibiotic Properties of Tetracyclines: Structural Basis for Inhibition of Secretory Phospholipase A(2).' 
_citation.journal_abbrev            J.Mol.Biol. 
_citation.journal_volume            398 
_citation.page_first                83 
_citation.page_last                 ? 
_citation.year                      2010 
_citation.journal_id_ASTM           JMOBAK 
_citation.country                   UK 
_citation.journal_id_ISSN           0022-2836 
_citation.journal_id_CSD            0070 
_citation.book_publisher            ? 
_citation.pdbx_database_id_PubMed   20211188 
_citation.pdbx_database_id_DOI      10.1016/J.JMB.2010.02.049 
# 
loop_
_citation_author.citation_id 
_citation_author.name 
_citation_author.ordinal 
_citation_author.identifier_ORCID 
primary 'Dalm, D.'        1 ? 
primary 'Palm, G.J.'      2 ? 
primary 'Aleksandrov, A.' 3 ? 
primary 'Simonson, T.'    4 ? 
primary 'Hinrichs, W.'    5 ? 
# 
loop_
_entity.id 
_entity.type 
_entity.src_method 
_entity.pdbx_description 
_entity.formula_weight 
_entity.pdbx_number_of_molecules 
_entity.pdbx_ec 
_entity.pdbx_mutation 
_entity.pdbx_fragment 
_entity.details 
1 polymer     nat 'PHOSPHOLIPASE A2, ACIDIC' 13356.015 1   3.1.1.4 ? ? ? 
2 non-polymer syn 'CALCIUM ION' 40.078    1   ?       ? ? ? 
3 non-polymer syn 'SULFATE ION' 96.063    1   ?       ? ? ? 
4 non-polymer syn 
'(4S,4AS,5AR,12AS)-4,7-BIS(DIMETHYLAMINO)-3,10,12,12A-TETRAHYDROXY-1,11-DIOXO-1,4,4A,5,5A,6,11,12A-OCTAHYDROTETRACENE-2- CARBOXAMIDE' 
457.476   1   ?       ? ? ? 
5 water       nat water 18.015    167 ?       ? ? ? 
# 
_entity_name_com.entity_id   1 
_entity_name_com.name        'PHOSPHOLIPASE A2, PHOSPHATIDYLCHOLINE 2- ACYLHYDROLASE' 
# 
_entity_poly.entity_id                      1 
_entity_poly.type                           'polypeptide(L)' 
_entity_poly.nstd_linkage                   no 
_entity_poly.nstd_monomer                   no 
_entity_poly.pdbx_seq_one_letter_code       
;NLYQFKNMIKCTVPSRSWWDFADYGCYCGRGGSGTPVDDLDRCCQVHDNCYNEAEKISKCWPFFKTYSYKCSQGTLTCKG
GNNACAASVCDCDRLAAICFAGAPYNDNNYNIDLKARCQ
;
_entity_poly.pdbx_seq_one_letter_code_can   
;NLYQFKNMIKCTVPSRSWWDFADYGCYCGRGGSGTPVDDLDRCCQVHDNCYNEAEKISKCWPFFKTYSYKCSQGTLTCKG
GNNACAASVCDCDRLAAICFAGAPYNDNNYNIDLKARCQ
;
_entity_poly.pdbx_strand_id                 A 
_entity_poly.pdbx_target_identifier         ? 
# 
loop_
_pdbx_entity_nonpoly.entity_id 
_pdbx_entity_nonpoly.name 
_pdbx_entity_nonpoly.comp_id 
2 'CALCIUM ION' CA  
3 'SULFATE ION' SO4 
4 
'(4S,4AS,5AR,12AS)-4,7-BIS(DIMETHYLAMINO)-3,10,12,12A-TETRAHYDROXY-1,11-DIOXO-1,4,4A,5,5A,6,11,12A-OCTAHYDROTETRACENE-2- CARBOXAMIDE' 
MIY 
5 water HOH 
# 
loop_
_entity_poly_seq.entity_id 
_entity_poly_seq.num 
_entity_poly_seq.mon_id 
_entity_poly_seq.hetero 
1 1   ASN n 
1 2   LEU n 
1 3   TYR n 
1 4   GLN n 
1 5   PHE n 
1 6   LYS n 
1 7   ASN n 
1 8   MET n 
1 9   ILE n 
1 10  LYS n 
1 11  CYS n 
1 12  THR n 
1 13  VAL n 
1 14  PRO n 
1 15  SER n 
1 16  ARG n 
1 17  SER n 
1 18  TRP n 
1 19  TRP n 
1 20  ASP n 
1 21  PHE n 
1 22  ALA n 
1 23  ASP n 
1 24  TYR n 
1 25  GLY n 
1 26  CYS n 
1 27  TYR n 
1 28  CYS n 
1 29  GLY n 
1 30  ARG n 
1 31  GLY n 
1 32  GLY n 
1 33  SER n 
1 34  GLY n 
1 35  THR n 
1 36  PRO n 
1 37  VAL n 
1 38  ASP n 
1 39  ASP n 
1 40  LEU n 
1 41  ASP n 
1 42  ARG n 
1 43  CYS n 
1 44  CYS n 
1 45  GLN n 
1 46  VAL n 
1 47  HIS n 
1 48  ASP n 
1 49  ASN n 
1 50  CYS n 
1 51  TYR n 
1 52  ASN n 
1 53  GLU n 
1 54  ALA n 
1 55  GLU n 
1 56  LYS n 
1 57  ILE n 
1 58  SER n 
1 59  LYS n 
1 60  CYS n 
1 61  TRP n 
1 62  PRO n 
1 63  PHE n 
1 64  PHE n 
1 65  LYS n 
1 66  THR n 
1 67  TYR n 
1 68  SER n 
1 69  TYR n 
1 70  LYS n 
1 71  CYS n 
1 72  SER n 
1 73  GLN n 
1 74  GLY n 
1 75  THR n 
1 76  LEU n 
1 77  THR n 
1 78  CYS n 
1 79  LYS n 
1 80  GLY n 
1 81  GLY n 
1 82  ASN n 
1 83  ASN n 
1 84  ALA n 
1 85  CYS n 
1 86  ALA n 
1 87  ALA n 
1 88  SER n 
1 89  VAL n 
1 90  CYS n 
1 91  ASP n 
1 92  CYS n 
1 93  ASP n 
1 94  ARG n 
1 95  LEU n 
1 96  ALA n 
1 97  ALA n 
1 98  ILE n 
1 99  CYS n 
1 100 PHE n 
1 101 ALA n 
1 102 GLY n 
1 103 ALA n 
1 104 PRO n 
1 105 TYR n 
1 106 ASN n 
1 107 ASP n 
1 108 ASN n 
1 109 ASN n 
1 110 TYR n 
1 111 ASN n 
1 112 ILE n 
1 113 ASP n 
1 114 LEU n 
1 115 LYS n 
1 116 ALA n 
1 117 ARG n 
1 118 CYS n 
1 119 GLN n 
# 
_entity_src_nat.entity_id                  1 
_entity_src_nat.pdbx_src_id                1 
_entity_src_nat.pdbx_alt_source_flag       sample 
_entity_src_nat.pdbx_beg_seq_num           ? 
_entity_src_nat.pdbx_end_seq_num           ? 
_entity_src_nat.common_name                'INDIAN COBRA' 
_entity_src_nat.pdbx_organism_scientific   'NAJA NAJA' 
_entity_src_nat.pdbx_ncbi_taxonomy_id      35670 
_entity_src_nat.genus                      ? 
_entity_src_nat.species                    ? 
_entity_src_nat.strain                     ? 
_entity_src_nat.tissue                     ? 
_entity_src_nat.tissue_fraction            ? 
_entity_src_nat.pdbx_secretion             ? 
_entity_src_nat.pdbx_fragment              ? 
_entity_src_nat.pdbx_variant               ? 
_entity_src_nat.pdbx_cell_line             ? 
_entity_src_nat.pdbx_atcc                  ? 
_entity_src_nat.pdbx_cellular_location     ? 
_entity_src_nat.pdbx_organ                 'VENOM SACK' 
_entity_src_nat.pdbx_organelle             ? 
_entity_src_nat.pdbx_cell                  ? 
_entity_src_nat.pdbx_plasmid_name          ? 
_entity_src_nat.pdbx_plasmid_details       ? 
_entity_src_nat.details                    ? 
# 
loop_
_chem_comp.id 
_chem_comp.type 
_chem_comp.mon_nstd_flag 
_chem_comp.name 
_chem_comp.pdbx_synonyms 
_chem_comp.formula 
_chem_comp.formula_weight 
ALA 'L-peptide linking' y ALANINE ?           'C3 H7 N O2'     89.093  
ARG 'L-peptide linking' y ARGININE ?           'C6 H15 N4 O2 1' 175.209 
ASN 'L-peptide linking' y ASPARAGINE ?           'C4 H8 N2 O3'    132.118 
ASP 'L-peptide linking' y 'ASPARTIC ACID' ?           'C4 H7 N O4'     133.103 
CA  non-polymer         . 'CALCIUM ION' ?           'Ca 2'           40.078  
CYS 'L-peptide linking' y CYSTEINE ?           'C3 H7 N O2 S'   121.158 
GLN 'L-peptide linking' y GLUTAMINE ?           'C5 H10 N2 O3'   146.144 
GLU 'L-peptide linking' y 'GLUTAMIC ACID' ?           'C5 H9 N O4'     147.129 
GLY 'peptide linking'   y GLYCINE ?           'C2 H5 N O2'     75.067  
HIS 'L-peptide linking' y HISTIDINE ?           'C6 H10 N3 O2 1' 156.162 
HOH non-polymer         . WATER ?           'H2 O'           18.015  
ILE 'L-peptide linking' y ISOLEUCINE ?           'C6 H13 N O2'    131.173 
LEU 'L-peptide linking' y LEUCINE ?           'C6 H13 N O2'    131.173 
LYS 'L-peptide linking' y LYSINE ?           'C6 H15 N2 O2 1' 147.195 
MET 'L-peptide linking' y METHIONINE ?           'C5 H11 N O2 S'  149.211 
MIY non-polymer         . 
'(4S,4AS,5AR,12AS)-4,7-BIS(DIMETHYLAMINO)-3,10,12,12A-TETRAHYDROXY-1,11-DIOXO-1,4,4A,5,5A,6,11,12A-OCTAHYDROTETRACENE-2- CARBOXAMIDE' 
MINOCYCLINE 'C23 H27 N3 O7'  457.476 
PHE 'L-peptide linking' y PHENYLALANINE ?           'C9 H11 N O2'    165.189 
PRO 'L-peptide linking' y PROLINE ?           'C5 H9 N O2'     115.130 
SER 'L-peptide linking' y SERINE ?           'C3 H7 N O3'     105.093 
SO4 non-polymer         . 'SULFATE ION' ?           'O4 S -2'        96.063  
THR 'L-peptide linking' y THREONINE ?           'C4 H9 N O3'     119.119 
TRP 'L-peptide linking' y TRYPTOPHAN ?           'C11 H12 N2 O2'  204.225 
TYR 'L-peptide linking' y TYROSINE ?           'C9 H11 N O3'    181.189 
VAL 'L-peptide linking' y VALINE ?           'C5 H11 N O2'    117.146 
# 
loop_
_pdbx_poly_seq_scheme.asym_id 
_pdbx_poly_seq_scheme.entity_id 
_pdbx_poly_seq_scheme.seq_id 
_pdbx_poly_seq_scheme.mon_id 
_pdbx_poly_seq_scheme.ndb_seq_num 
_pdbx_poly_seq_scheme.pdb_seq_num 
_pdbx_poly_seq_scheme.auth_seq_num 
_pdbx_poly_seq_scheme.pdb_mon_id 
_pdbx_poly_seq_scheme.auth_mon_id 
_pdbx_poly_seq_scheme.pdb_strand_id 
_pdbx_poly_seq_scheme.pdb_ins_code 
_pdbx_poly_seq_scheme.hetero 
A 1 1   ASN 1   1   1   ASN ASN A . n 
A 1 2   LEU 2   2   2   LEU LEU A . n 
A 1 3   TYR 3   3   3   TYR TYR A . n 
A 1 4   GLN 4   4   4   GLN GLN A . n 
A 1 5   PHE 5   5   5   PHE PHE A . n 
A 1 6   LYS 6   6   6   LYS LYS A . n 
A 1 7   ASN 7   7   7   ASN ASN A . n 
A 1 8   MET 8   8   8   MET MET A . n 
A 1 9   ILE 9   9   9   ILE ILE A . n 
A 1 10  LYS 10  10  10  LYS LYS A . n 
A 1 11  CYS 11  11  11  CYS CYS A . n 
A 1 12  THR 12  12  12  THR THR A . n 
A 1 13  VAL 13  13  13  VAL VAL A . n 
A 1 14  PRO 14  14  14  PRO PRO A . n 
A 1 15  SER 15  15  15  SER SER A . n 
A 1 16  ARG 16  16  16  ARG ARG A . n 
A 1 17  SER 17  17  17  SER SER A . n 
A 1 18  TRP 18  18  18  TRP TRP A . n 
A 1 19  TRP 19  19  19  TRP TRP A . n 
A 1 20  ASP 20  20  20  ASP ASP A . n 
A 1 21  PHE 21  21  21  PHE PHE A . n 
A 1 22  ALA 22  22  22  ALA ALA A . n 
A 1 23  ASP 23  23  23  ASP ASP A . n 
A 1 24  TYR 24  24  24  TYR TYR A . n 
A 1 25  GLY 25  25  25  GLY GLY A . n 
A 1 26  CYS 26  26  26  CYS CYS A . n 
A 1 27  TYR 27  27  27  TYR TYR A . n 
A 1 28  CYS 28  28  28  CYS CYS A . n 
A 1 29  GLY 29  29  29  GLY GLY A . n 
A 1 30  ARG 30  30  30  ARG ARG A . n 
A 1 31  GLY 31  31  31  GLY GLY A . n 
A 1 32  GLY 32  32  32  GLY GLY A . n 
A 1 33  SER 33  33  33  SER SER A . n 
A 1 34  GLY 34  34  34  GLY GLY A . n 
A 1 35  THR 35  35  35  THR THR A . n 
A 1 36  PRO 36  36  36  PRO PRO A . n 
A 1 37  VAL 37  37  37  VAL VAL A . n 
A 1 38  ASP 38  38  38  ASP ASP A . n 
A 1 39  ASP 39  39  39  ASP ASP A . n 
A 1 40  LEU 40  40  40  LEU LEU A . n 
A 1 41  ASP 41  41  41  ASP ASP A . n 
A 1 42  ARG 42  42  42  ARG ARG A . n 
A 1 43  CYS 43  43  43  CYS CYS A . n 
A 1 44  CYS 44  44  44  CYS CYS A . n 
A 1 45  GLN 45  45  45  GLN GLN A . n 
A 1 46  VAL 46  46  46  VAL VAL A . n 
A 1 47  HIS 47  47  47  HIS HIS A . n 
A 1 48  ASP 48  48  48  ASP ASP A . n 
A 1 49  ASN 49  49  49  ASN ASN A . n 
A 1 50  CYS 50  50  50  CYS CYS A . n 
A 1 51  TYR 51  51  51  TYR TYR A . n 
A 1 52  ASN 52  52  52  ASN ASN A . n 
A 1 53  GLU 53  53  53  GLU GLU A . n 
A 1 54  ALA 54  54  54  ALA ALA A . n 
A 1 55  GLU 55  55  55  GLU GLU A . n 
A 1 56  LYS 56  56  56  LYS LYS A . n 
A 1 57  ILE 57  57  57  ILE ILE A . n 
A 1 58  SER 58  58  58  SER SER A . n 
A 1 59  LYS 59  59  59  LYS LYS A . n 
A 1 60  CYS 60  60  60  CYS CYS A . n 
A 1 61  TRP 61  61  61  TRP TRP A . n 
A 1 62  PRO 62  62  62  PRO PRO A . n 
A 1 63  PHE 63  63  63  PHE PHE A . n 
A 1 64  PHE 64  64  64  PHE PHE A . n 
A 1 65  LYS 65  65  65  LYS LYS A . n 
A 1 66  THR 66  66  66  THR THR A . n 
A 1 67  TYR 67  67  67  TYR TYR A . n 
A 1 68  SER 68  68  68  SER SER A . n 
A 1 69  TYR 69  69  69  TYR TYR A . n 
A 1 70  LYS 70  70  70  LYS LYS A . n 
A 1 71  CYS 71  71  71  CYS CYS A . n 
A 1 72  SER 72  72  72  SER SER A . n 
A 1 73  GLN 73  73  73  GLN GLN A . n 
A 1 74  GLY 74  74  74  GLY GLY A . n 
A 1 75  THR 75  75  75  THR THR A . n 
A 1 76  LEU 76  76  76  LEU LEU A . n 
A 1 77  THR 77  77  77  THR THR A . n 
A 1 78  CYS 78  78  78  CYS CYS A . n 
A 1 79  LYS 79  79  79  LYS LYS A . n 
A 1 80  GLY 80  80  80  GLY GLY A . n 
A 1 81  GLY 81  81  81  GLY GLY A . n 
A 1 82  ASN 82  82  82  ASN ASN A . n 
A 1 83  ASN 83  83  83  ASN ASN A . n 
A 1 84  ALA 84  84  84  ALA ALA A . n 
A 1 85  CYS 85  85  85  CYS CYS A . n 
A 1 86  ALA 86  86  86  ALA ALA A . n 
A 1 87  ALA 87  87  87  ALA ALA A . n 
A 1 88  SER 88  88  88  SER SER A . n 
A 1 89  VAL 89  89  89  VAL VAL A . n 
A 1 90  CYS 90  90  90  CYS CYS A . n 
A 1 91  ASP 91  91  91  ASP ASP A . n 
A 1 92  CYS 92  92  92  CYS CYS A . n 
A 1 93  ASP 93  93  93  ASP ASP A . n 
A 1 94  ARG 94  94  94  ARG ARG A . n 
A 1 95  LEU 95  95  95  LEU LEU A . n 
A 1 96  ALA 96  96  96  ALA ALA A . n 
A 1 97  ALA 97  97  97  ALA ALA A . n 
A 1 98  ILE 98  98  98  ILE ILE A . n 
A 1 99  CYS 99  99  99  CYS CYS A . n 
A 1 100 PHE 100 100 100 PHE PHE A . n 
A 1 101 ALA 101 101 101 ALA ALA A . n 
A 1 102 GLY 102 102 102 GLY GLY A . n 
A 1 103 ALA 103 103 103 ALA ALA A . n 
A 1 104 PRO 104 104 104 PRO PRO A . n 
A 1 105 TYR 105 105 105 TYR TYR A . n 
A 1 106 ASN 106 106 106 ASN ASN A . n 
A 1 107 ASP 107 107 107 ASP ASP A . n 
A 1 108 ASN 108 108 108 ASN ASN A . n 
A 1 109 ASN 109 109 109 ASN ASN A . n 
A 1 110 TYR 110 110 110 TYR TYR A . n 
A 1 111 ASN 111 111 111 ASN ASN A . n 
A 1 112 ILE 112 112 112 ILE ILE A . n 
A 1 113 ASP 113 113 113 ASP ASP A . n 
A 1 114 LEU 114 114 114 LEU LEU A . n 
A 1 115 LYS 115 115 115 LYS LYS A . n 
A 1 116 ALA 116 116 116 ALA ALA A . n 
A 1 117 ARG 117 117 117 ARG ARG A . n 
A 1 118 CYS 118 118 118 CYS CYS A . n 
A 1 119 GLN 119 119 119 GLN GLN A . n 
# 
loop_
_pdbx_nonpoly_scheme.asym_id 
_pdbx_nonpoly_scheme.entity_id 
_pdbx_nonpoly_scheme.mon_id 
_pdbx_nonpoly_scheme.ndb_seq_num 
_pdbx_nonpoly_scheme.pdb_seq_num 
_pdbx_nonpoly_scheme.auth_seq_num 
_pdbx_nonpoly_scheme.pdb_mon_id 
_pdbx_nonpoly_scheme.auth_mon_id 
_pdbx_nonpoly_scheme.pdb_strand_id 
_pdbx_nonpoly_scheme.pdb_ins_code 
B 2 CA  1   1001 1001 CA  CA  A . 
C 3 SO4 1   1002 1002 SO4 SO4 A . 
D 4 MIY 1   1120 1120 MIY MIY A . 
E 5 HOH 1   2001 2001 HOH HOH A . 
E 5 HOH 2   2002 2002 HOH HOH A . 
E 5 HOH 3   2003 2003 HOH HOH A . 
E 5 HOH 4   2004 2004 HOH HOH A . 
E 5 HOH 5   2005 2005 HOH HOH A . 
E 5 HOH 6   2006 2006 HOH HOH A . 
E 5 HOH 7   2007 2007 HOH HOH A . 
E 5 HOH 8   2008 2008 HOH HOH A . 
E 5 HOH 9   2009 2009 HOH HOH A . 
E 5 HOH 10  2010 2010 HOH HOH A . 
E 5 HOH 11  2011 2011 HOH HOH A . 
E 5 HOH 12  2012 2012 HOH HOH A . 
E 5 HOH 13  2013 2013 HOH HOH A . 
E 5 HOH 14  2014 2014 HOH HOH A . 
E 5 HOH 15  2015 2015 HOH HOH A . 
E 5 HOH 16  2016 2016 HOH HOH A . 
E 5 HOH 17  2017 2017 HOH HOH A . 
E 5 HOH 18  2018 2018 HOH HOH A . 
E 5 HOH 19  2019 2019 HOH HOH A . 
E 5 HOH 20  2020 2020 HOH HOH A . 
E 5 HOH 21  2021 2021 HOH HOH A . 
E 5 HOH 22  2022 2022 HOH HOH A . 
E 5 HOH 23  2023 2023 HOH HOH A . 
E 5 HOH 24  2024 2024 HOH HOH A . 
E 5 HOH 25  2025 2025 HOH HOH A . 
E 5 HOH 26  2026 2026 HOH HOH A . 
E 5 HOH 27  2027 2027 HOH HOH A . 
E 5 HOH 28  2028 2028 HOH HOH A . 
E 5 HOH 29  2029 2029 HOH HOH A . 
E 5 HOH 30  2030 2030 HOH HOH A . 
E 5 HOH 31  2031 2031 HOH HOH A . 
E 5 HOH 32  2032 2032 HOH HOH A . 
E 5 HOH 33  2033 2033 HOH HOH A . 
E 5 HOH 34  2034 2034 HOH HOH A . 
E 5 HOH 35  2035 2035 HOH HOH A . 
E 5 HOH 36  2036 2036 HOH HOH A . 
E 5 HOH 37  2037 2037 HOH HOH A . 
E 5 HOH 38  2038 2038 HOH HOH A . 
E 5 HOH 39  2039 2039 HOH HOH A . 
E 5 HOH 40  2040 2040 HOH HOH A . 
E 5 HOH 41  2041 2041 HOH HOH A . 
E 5 HOH 42  2042 2042 HOH HOH A . 
E 5 HOH 43  2043 2043 HOH HOH A . 
E 5 HOH 44  2044 2044 HOH HOH A . 
E 5 HOH 45  2045 2045 HOH HOH A . 
E 5 HOH 46  2046 2046 HOH HOH A . 
E 5 HOH 47  2047 2047 HOH HOH A . 
E 5 HOH 48  2048 2048 HOH HOH A . 
E 5 HOH 49  2049 2049 HOH HOH A . 
E 5 HOH 50  2050 2050 HOH HOH A . 
E 5 HOH 51  2051 2051 HOH HOH A . 
E 5 HOH 52  2052 2052 HOH HOH A . 
E 5 HOH 53  2053 2053 HOH HOH A . 
E 5 HOH 54  2054 2054 HOH HOH A . 
E 5 HOH 55  2055 2055 HOH HOH A . 
E 5 HOH 56  2056 2056 HOH HOH A . 
E 5 HOH 57  2057 2057 HOH HOH A . 
E 5 HOH 58  2058 2058 HOH HOH A . 
E 5 HOH 59  2059 2059 HOH HOH A . 
E 5 HOH 60  2060 2060 HOH HOH A . 
E 5 HOH 61  2061 2061 HOH HOH A . 
E 5 HOH 62  2062 2062 HOH HOH A . 
E 5 HOH 63  2063 2063 HOH HOH A . 
E 5 HOH 64  2064 2064 HOH HOH A . 
E 5 HOH 65  2065 2065 HOH HOH A . 
E 5 HOH 66  2066 2066 HOH HOH A . 
E 5 HOH 67  2067 2067 HOH HOH A . 
E 5 HOH 68  2068 2068 HOH HOH A . 
E 5 HOH 69  2069 2069 HOH HOH A . 
E 5 HOH 70  2070 2070 HOH HOH A . 
E 5 HOH 71  2071 2071 HOH HOH A . 
E 5 HOH 72  2072 2072 HOH HOH A . 
E 5 HOH 73  2073 2073 HOH HOH A . 
E 5 HOH 74  2074 2074 HOH HOH A . 
E 5 HOH 75  2075 2075 HOH HOH A . 
E 5 HOH 76  2076 2076 HOH HOH A . 
E 5 HOH 77  2077 2077 HOH HOH A . 
E 5 HOH 78  2078 2078 HOH HOH A . 
E 5 HOH 79  2079 2079 HOH HOH A . 
E 5 HOH 80  2080 2080 HOH HOH A . 
E 5 HOH 81  2081 2081 HOH HOH A . 
E 5 HOH 82  2082 2082 HOH HOH A . 
E 5 HOH 83  2083 2083 HOH HOH A . 
E 5 HOH 84  2084 2084 HOH HOH A . 
E 5 HOH 85  2085 2085 HOH HOH A . 
E 5 HOH 86  2086 2086 HOH HOH A . 
E 5 HOH 87  2087 2087 HOH HOH A . 
E 5 HOH 88  2088 2088 HOH HOH A . 
E 5 HOH 89  2089 2089 HOH HOH A . 
E 5 HOH 90  2090 2090 HOH HOH A . 
E 5 HOH 91  2091 2091 HOH HOH A . 
E 5 HOH 92  2092 2092 HOH HOH A . 
E 5 HOH 93  2093 2093 HOH HOH A . 
E 5 HOH 94  2094 2094 HOH HOH A . 
E 5 HOH 95  2095 2095 HOH HOH A . 
E 5 HOH 96  2096 2096 HOH HOH A . 
E 5 HOH 97  2097 2097 HOH HOH A . 
E 5 HOH 98  2098 2098 HOH HOH A . 
E 5 HOH 99  2099 2099 HOH HOH A . 
E 5 HOH 100 2100 2100 HOH HOH A . 
E 5 HOH 101 2101 2101 HOH HOH A . 
E 5 HOH 102 2102 2102 HOH HOH A . 
E 5 HOH 103 2103 2103 HOH HOH A . 
E 5 HOH 104 2104 2104 HOH HOH A . 
E 5 HOH 105 2105 2105 HOH HOH A . 
E 5 HOH 106 2106 2106 HOH HOH A . 
E 5 HOH 107 2107 2107 HOH HOH A . 
E 5 HOH 108 2108 2108 HOH HOH A . 
E 5 HOH 109 2109 2109 HOH HOH A . 
E 5 HOH 110 2110 2110 HOH HOH A . 
E 5 HOH 111 2111 2111 HOH HOH A . 
E 5 HOH 112 2112 2112 HOH HOH A . 
E 5 HOH 113 2113 2113 HOH HOH A . 
E 5 HOH 114 2114 2114 HOH HOH A . 
E 5 HOH 115 2115 2115 HOH HOH A . 
E 5 HOH 116 2116 2116 HOH HOH A . 
E 5 HOH 117 2117 2117 HOH HOH A . 
E 5 HOH 118 2118 2118 HOH HOH A . 
E 5 HOH 119 2119 2119 HOH HOH A . 
E 5 HOH 120 2120 2120 HOH HOH A . 
E 5 HOH 121 2121 2121 HOH HOH A . 
E 5 HOH 122 2122 2122 HOH HOH A . 
E 5 HOH 123 2123 2123 HOH HOH A . 
E 5 HOH 124 2124 2124 HOH HOH A . 
E 5 HOH 125 2125 2125 HOH HOH A . 
E 5 HOH 126 2126 2126 HOH HOH A . 
E 5 HOH 127 2127 2127 HOH HOH A . 
E 5 HOH 128 2128 2128 HOH HOH A . 
E 5 HOH 129 2129 2129 HOH HOH A . 
E 5 HOH 130 2130 2130 HOH HOH A . 
E 5 HOH 131 2131 2131 HOH HOH A . 
E 5 HOH 132 2132 2132 HOH HOH A . 
E 5 HOH 133 2133 2133 HOH HOH A . 
E 5 HOH 134 2134 2134 HOH HOH A . 
E 5 HOH 135 2135 2135 HOH HOH A . 
E 5 HOH 136 2136 2136 HOH HOH A . 
E 5 HOH 137 2137 2137 HOH HOH A . 
E 5 HOH 138 2138 2138 HOH HOH A . 
E 5 HOH 139 2139 2139 HOH HOH A . 
E 5 HOH 140 2140 2140 HOH HOH A . 
E 5 HOH 141 2141 2141 HOH HOH A . 
E 5 HOH 142 2142 2142 HOH HOH A . 
E 5 HOH 143 2143 2143 HOH HOH A . 
E 5 HOH 144 2144 2144 HOH HOH A . 
E 5 HOH 145 2145 2145 HOH HOH A . 
E 5 HOH 146 2146 2146 HOH HOH A . 
E 5 HOH 147 2147 2147 HOH HOH A . 
E 5 HOH 148 2148 2148 HOH HOH A . 
E 5 HOH 149 2149 2149 HOH HOH A . 
E 5 HOH 150 2150 2150 HOH HOH A . 
E 5 HOH 151 2151 2151 HOH HOH A . 
E 5 HOH 152 2152 2152 HOH HOH A . 
E 5 HOH 153 2153 2153 HOH HOH A . 
E 5 HOH 154 2154 2154 HOH HOH A . 
E 5 HOH 155 2155 2155 HOH HOH A . 
E 5 HOH 156 2156 2156 HOH HOH A . 
E 5 HOH 157 2157 2157 HOH HOH A . 
E 5 HOH 158 2158 2158 HOH HOH A . 
E 5 HOH 159 2159 2159 HOH HOH A . 
E 5 HOH 160 2160 2160 HOH HOH A . 
E 5 HOH 161 2161 2161 HOH HOH A . 
E 5 HOH 162 2162 2162 HOH HOH A . 
E 5 HOH 163 2163 2163 HOH HOH A . 
E 5 HOH 164 2164 2164 HOH HOH A . 
E 5 HOH 165 2165 2165 HOH HOH A . 
E 5 HOH 166 2166 2166 HOH HOH A . 
E 5 HOH 167 2167 2167 HOH HOH A . 
# 
loop_
_pdbx_unobs_or_zero_occ_atoms.id 
_pdbx_unobs_or_zero_occ_atoms.PDB_model_num 
_pdbx_unobs_or_zero_occ_atoms.polymer_flag 
_pdbx_unobs_or_zero_occ_atoms.occupancy_flag 
_pdbx_unobs_or_zero_occ_atoms.auth_asym_id 
_pdbx_unobs_or_zero_occ_atoms.auth_comp_id 
_pdbx_unobs_or_zero_occ_atoms.auth_seq_id 
_pdbx_unobs_or_zero_occ_atoms.PDB_ins_code 
_pdbx_unobs_or_zero_occ_atoms.auth_atom_id 
_pdbx_unobs_or_zero_occ_atoms.label_alt_id 
_pdbx_unobs_or_zero_occ_atoms.label_asym_id 
_pdbx_unobs_or_zero_occ_atoms.label_comp_id 
_pdbx_unobs_or_zero_occ_atoms.label_seq_id 
_pdbx_unobs_or_zero_occ_atoms.label_atom_id 
1 1 Y 1 A LYS 59 ? CD ? A LYS 59 CD 
2 1 Y 1 A LYS 59 ? CE ? A LYS 59 CE 
3 1 Y 1 A LYS 59 ? NZ ? A LYS 59 NZ 
# 
loop_
_software.name 
_software.classification 
_software.version 
_software.citation_id 
_software.pdbx_ordinal 
_software.date 
_software.type 
_software.location 
_software.language 
REFMAC       refinement       5.2.0019 ? 1 ? ? ? ? 
CrystalClear 'data reduction' .        ? 2 ? ? ? ? 
CrystalClear 'data scaling'   .        ? 3 ? ? ? ? 
PHASER       phasing          .        ? 4 ? ? ? ? 
# 
_cell.entry_id           2WQ5 
_cell.length_a           68.712 
_cell.length_b           68.712 
_cell.length_c           68.712 
_cell.angle_alpha        90.00 
_cell.angle_beta         90.00 
_cell.angle_gamma        90.00 
_cell.Z_PDB              12 
_cell.pdbx_unique_axis   ? 
# 
_symmetry.entry_id                         2WQ5 
_symmetry.space_group_name_H-M             'P 21 3' 
_symmetry.pdbx_full_space_group_name_H-M   ? 
_symmetry.cell_setting                     ? 
_symmetry.Int_Tables_number                198 
# 
_exptl.entry_id          2WQ5 
_exptl.method            'X-RAY DIFFRACTION' 
_exptl.crystals_number   1 
# 
_exptl_crystal.id                    1 
_exptl_crystal.density_meas          ? 
_exptl_crystal.density_Matthews      2.80 
_exptl_crystal.density_percent_sol   55.50 
_exptl_crystal.description           NONE 
_exptl_crystal.preparation           ? 
# 
_exptl_crystal_grow.crystal_id      1 
_exptl_crystal_grow.method          ? 
_exptl_crystal_grow.temp            ? 
_exptl_crystal_grow.temp_details    ? 
_exptl_crystal_grow.pH              ? 
_exptl_crystal_grow.pdbx_pH_range   ? 
_exptl_crystal_grow.pdbx_details    '26% PEG 4000, 0.24M (NH4)2SO4' 
# 
_diffrn.id                     1 
_diffrn.ambient_temp           110 
_diffrn.ambient_temp_details   ? 
_diffrn.crystal_id             1 
# 
_diffrn_detector.diffrn_id              1 
_diffrn_detector.detector               CCD 
_diffrn_detector.type                   'RIGAKU CCD' 
_diffrn_detector.pdbx_collection_date   2008-01-10 
_diffrn_detector.details                MIRRORS 
# 
_diffrn_radiation.diffrn_id                        1 
_diffrn_radiation.wavelength_id                    1 
_diffrn_radiation.pdbx_monochromatic_or_laue_m_l   M 
_diffrn_radiation.monochromator                    MIRRORS 
_diffrn_radiation.pdbx_diffrn_protocol             'SINGLE WAVELENGTH' 
_diffrn_radiation.pdbx_scattering_type             x-ray 
# 
_diffrn_radiation_wavelength.id           1 
_diffrn_radiation_wavelength.wavelength   1.5418 
_diffrn_radiation_wavelength.wt           1.0 
# 
_diffrn_source.diffrn_id                   1 
_diffrn_source.source                      'ROTATING ANODE' 
_diffrn_source.type                        'RIGAKU MICROMAX-007' 
_diffrn_source.pdbx_synchrotron_site       ? 
_diffrn_source.pdbx_synchrotron_beamline   ? 
_diffrn_source.pdbx_wavelength             1.5418 
_diffrn_source.pdbx_wavelength_list        ? 
# 
_reflns.pdbx_diffrn_id               1 
_reflns.pdbx_ordinal                 1 
_reflns.entry_id                     2WQ5 
_reflns.observed_criterion_sigma_I   -3.000 
_reflns.observed_criterion_sigma_F   ? 
_reflns.d_resolution_low             34.400 
_reflns.d_resolution_high            1.650 
_reflns.number_obs                   13314 
_reflns.number_all                   ? 
_reflns.percent_possible_obs         100.0 
_reflns.pdbx_Rmerge_I_obs            0.09000 
_reflns.pdbx_Rsym_value              ? 
_reflns.pdbx_netI_over_sigmaI        10.6000 
_reflns.B_iso_Wilson_estimate        23.90 
_reflns.pdbx_redundancy              10.800 
# 
_reflns_shell.pdbx_diffrn_id         1 
_reflns_shell.pdbx_ordinal           1 
_reflns_shell.d_res_high             1.65 
_reflns_shell.d_res_low              1.71 
_reflns_shell.percent_possible_all   99.9 
_reflns_shell.Rmerge_I_obs           0.53000 
_reflns_shell.pdbx_Rsym_value        ? 
_reflns_shell.meanI_over_sigI_obs    2.100 
_reflns_shell.pdbx_redundancy        6.00 
# 
_refine.pdbx_refine_id                           'X-RAY DIFFRACTION' 
_refine.entry_id                                 2WQ5 
_refine.pdbx_diffrn_id                           1 
_refine.pdbx_TLS_residual_ADP_flag               'LIKELY RESIDUAL' 
_refine.ls_number_reflns_obs                     12547 
_refine.ls_number_reflns_all                     ? 
_refine.pdbx_ls_sigma_I                          ? 
_refine.pdbx_ls_sigma_F                          ? 
_refine.pdbx_data_cutoff_high_absF               ? 
_refine.pdbx_data_cutoff_low_absF                ? 
_refine.pdbx_data_cutoff_high_rms_absF           ? 
_refine.ls_d_res_low                             34.36 
_refine.ls_d_res_high                            1.65 
_refine.ls_percent_reflns_obs                    99.3 
_refine.ls_R_factor_obs                          0.191 
_refine.ls_R_factor_all                          ? 
_refine.ls_R_factor_R_work                       0.189 
_refine.ls_R_factor_R_free                       0.230 
_refine.ls_R_factor_R_free_error                 ? 
_refine.ls_R_factor_R_free_error_details         ? 
_refine.ls_percent_reflns_R_free                 4.80 
_refine.ls_number_reflns_R_free                  638 
_refine.ls_number_parameters                     ? 
_refine.ls_number_restraints                     ? 
_refine.occupancy_min                            ? 
_refine.occupancy_max                            ? 
_refine.correlation_coeff_Fo_to_Fc               0.963 
_refine.correlation_coeff_Fo_to_Fc_free          0.947 
_refine.B_iso_mean                               28.78 
_refine.aniso_B[1][1]                            ? 
_refine.aniso_B[2][2]                            ? 
_refine.aniso_B[3][3]                            ? 
_refine.aniso_B[1][2]                            ? 
_refine.aniso_B[1][3]                            ? 
_refine.aniso_B[2][3]                            ? 
_refine.solvent_model_details                    'BABINET MODEL WITH MASK' 
_refine.solvent_model_param_ksol                 ? 
_refine.solvent_model_param_bsol                 ? 
_refine.pdbx_solvent_vdw_probe_radii             1.20 
_refine.pdbx_solvent_ion_probe_radii             0.80 
_refine.pdbx_solvent_shrinkage_radii             0.80 
_refine.pdbx_ls_cross_valid_method               THROUGHOUT 
_refine.details                                  'HYDROGENS HAVE BEEN ADDED IN THE RIDING POSITIONS.' 
_refine.pdbx_starting_model                      'PDB ENTRY 1A3D' 
_refine.pdbx_method_to_determine_struct          'MOLECULAR REPLACEMENT' 
_refine.pdbx_isotropic_thermal_model             ? 
_refine.pdbx_stereochemistry_target_values       'MAXIMUM LIKELIHOOD' 
_refine.pdbx_stereochem_target_val_spec_case     ? 
_refine.pdbx_R_Free_selection_details            RANDOM 
_refine.pdbx_overall_ESU_R                       0.120 
_refine.pdbx_overall_ESU_R_Free                  0.117 
_refine.overall_SU_ML                            0.072 
_refine.pdbx_overall_phase_error                 ? 
_refine.overall_SU_B                             3.895 
_refine.overall_SU_R_Cruickshank_DPI             ? 
_refine.pdbx_overall_SU_R_free_Cruickshank_DPI   ? 
_refine.pdbx_overall_SU_R_Blow_DPI               ? 
_refine.pdbx_overall_SU_R_free_Blow_DPI          ? 
# 
_refine_hist.pdbx_refine_id                   'X-RAY DIFFRACTION' 
_refine_hist.cycle_id                         LAST 
_refine_hist.pdbx_number_atoms_protein        925 
_refine_hist.pdbx_number_atoms_nucleic_acid   0 
_refine_hist.pdbx_number_atoms_ligand         39 
_refine_hist.number_atoms_solvent             167 
_refine_hist.number_atoms_total               1131 
_refine_hist.d_res_high                       1.65 
_refine_hist.d_res_low                        34.36 
# 
loop_
_refine_ls_restr.type 
_refine_ls_restr.dev_ideal 
_refine_ls_restr.dev_ideal_target 
_refine_ls_restr.weight 
_refine_ls_restr.number 
_refine_ls_restr.pdbx_refine_id 
_refine_ls_restr.pdbx_restraint_function 
r_bond_refined_d             0.012  0.021  ? 1012 'X-RAY DIFFRACTION' ? 
r_bond_other_d               0.002  0.020  ? 677  'X-RAY DIFFRACTION' ? 
r_angle_refined_deg          1.459  2.006  ? 1387 'X-RAY DIFFRACTION' ? 
r_angle_other_deg            0.905  3.017  ? 1617 'X-RAY DIFFRACTION' ? 
r_dihedral_angle_1_deg       6.749  5.000  ? 122  'X-RAY DIFFRACTION' ? 
r_dihedral_angle_2_deg       37.667 24.375 ? 48   'X-RAY DIFFRACTION' ? 
r_dihedral_angle_3_deg       13.963 15.000 ? 149  'X-RAY DIFFRACTION' ? 
r_dihedral_angle_4_deg       12.062 15.000 ? 5    'X-RAY DIFFRACTION' ? 
r_chiral_restr               0.092  0.200  ? 136  'X-RAY DIFFRACTION' ? 
r_gen_planes_refined         0.006  0.020  ? 1151 'X-RAY DIFFRACTION' ? 
r_gen_planes_other           0.001  0.020  ? 216  'X-RAY DIFFRACTION' ? 
r_nbd_refined                0.257  0.200  ? 269  'X-RAY DIFFRACTION' ? 
r_nbd_other                  0.192  0.200  ? 759  'X-RAY DIFFRACTION' ? 
r_nbtor_refined              0.194  0.200  ? 525  'X-RAY DIFFRACTION' ? 
r_nbtor_other                0.090  0.200  ? 498  'X-RAY DIFFRACTION' ? 
r_xyhbond_nbd_refined        0.169  0.200  ? 96   'X-RAY DIFFRACTION' ? 
r_xyhbond_nbd_other          ?      ?      ? ?    'X-RAY DIFFRACTION' ? 
r_metal_ion_refined          0.020  0.200  ? 1    'X-RAY DIFFRACTION' ? 
r_metal_ion_other            ?      ?      ? ?    'X-RAY DIFFRACTION' ? 
r_symmetry_vdw_refined       0.298  0.200  ? 27   'X-RAY DIFFRACTION' ? 
r_symmetry_vdw_other         0.205  0.200  ? 49   'X-RAY DIFFRACTION' ? 
r_symmetry_hbond_refined     0.260  0.200  ? 18   'X-RAY DIFFRACTION' ? 
r_symmetry_hbond_other       ?      ?      ? ?    'X-RAY DIFFRACTION' ? 
r_symmetry_metal_ion_refined 0.018  0.200  ? 2    'X-RAY DIFFRACTION' ? 
r_symmetry_metal_ion_other   ?      ?      ? ?    'X-RAY DIFFRACTION' ? 
r_mcbond_it                  0.806  1.500  ? 615  'X-RAY DIFFRACTION' ? 
r_mcbond_other               0.243  1.500  ? 250  'X-RAY DIFFRACTION' ? 
r_mcangle_it                 1.264  2.000  ? 961  'X-RAY DIFFRACTION' ? 
r_mcangle_other              ?      ?      ? ?    'X-RAY DIFFRACTION' ? 
r_scbond_it                  1.837  3.000  ? 471  'X-RAY DIFFRACTION' ? 
r_scbond_other               ?      ?      ? ?    'X-RAY DIFFRACTION' ? 
r_scangle_it                 2.517  4.500  ? 426  'X-RAY DIFFRACTION' ? 
r_scangle_other              ?      ?      ? ?    'X-RAY DIFFRACTION' ? 
r_long_range_B_refined       ?      ?      ? ?    'X-RAY DIFFRACTION' ? 
r_long_range_B_other         ?      ?      ? ?    'X-RAY DIFFRACTION' ? 
r_rigid_bond_restr           ?      ?      ? ?    'X-RAY DIFFRACTION' ? 
r_sphericity_free            ?      ?      ? ?    'X-RAY DIFFRACTION' ? 
r_sphericity_bonded          ?      ?      ? ?    'X-RAY DIFFRACTION' ? 
# 
_refine_ls_shell.pdbx_refine_id                   'X-RAY DIFFRACTION' 
_refine_ls_shell.pdbx_total_number_of_bins_used   20 
_refine_ls_shell.d_res_high                       1.65 
_refine_ls_shell.d_res_low                        1.69 
_refine_ls_shell.number_reflns_R_work             899 
_refine_ls_shell.R_factor_R_work                  0.2600 
_refine_ls_shell.percent_reflns_obs               99.26 
_refine_ls_shell.R_factor_R_free                  0.3230 
_refine_ls_shell.R_factor_R_free_error            ? 
_refine_ls_shell.percent_reflns_R_free            ? 
_refine_ls_shell.number_reflns_R_free             46 
_refine_ls_shell.number_reflns_all                ? 
_refine_ls_shell.R_factor_all                     ? 
# 
_struct.entry_id                  2WQ5 
_struct.title                     
'Non-antibiotic properties of tetracyclines: structural basis for inhibition of secretory phospholipase A2.' 
_struct.pdbx_model_details        ? 
_struct.pdbx_CASP_flag            ? 
_struct.pdbx_model_type_details   ? 
# 
_struct_keywords.entry_id        2WQ5 
_struct_keywords.pdbx_keywords   HYDROLASE 
_struct_keywords.text            
'HYDROLASE, MINOCYCLINE, PHOSPHOLIPASE, METAL-BINDING, LIPID DEGRADATION, CALCIUM BINDING LOOP, CARBOXYLIC ESTER HYDROLASE' 
# 
loop_
_struct_asym.id 
_struct_asym.pdbx_blank_PDB_chainid_flag 
_struct_asym.pdbx_modified 
_struct_asym.entity_id 
_struct_asym.details 
A N N 1 ? 
B N N 2 ? 
C N N 3 ? 
D N N 4 ? 
E N N 5 ? 
# 
_struct_ref.id                         1 
_struct_ref.db_name                    UNP 
_struct_ref.db_code                    PA2_NAJNA 
_struct_ref.entity_id                  1 
_struct_ref.pdbx_seq_one_letter_code   ? 
_struct_ref.pdbx_align_begin           ? 
_struct_ref.pdbx_db_accession          P15445 
_struct_ref.pdbx_db_isoform            ? 
# 
_struct_ref_seq.align_id                      1 
_struct_ref_seq.ref_id                        1 
_struct_ref_seq.pdbx_PDB_id_code              2WQ5 
_struct_ref_seq.pdbx_strand_id                A 
_struct_ref_seq.seq_align_beg                 1 
_struct_ref_seq.pdbx_seq_align_beg_ins_code   ? 
_struct_ref_seq.seq_align_end                 119 
_struct_ref_seq.pdbx_seq_align_end_ins_code   ? 
_struct_ref_seq.pdbx_db_accession             P15445 
_struct_ref_seq.db_align_beg                  1 
_struct_ref_seq.pdbx_db_align_beg_ins_code    ? 
_struct_ref_seq.db_align_end                  119 
_struct_ref_seq.pdbx_db_align_end_ins_code    ? 
_struct_ref_seq.pdbx_auth_seq_align_beg       1 
_struct_ref_seq.pdbx_auth_seq_align_end       119 
# 
loop_
_struct_ref_seq_dif.align_id 
_struct_ref_seq_dif.pdbx_pdb_id_code 
_struct_ref_seq_dif.mon_id 
_struct_ref_seq_dif.pdbx_pdb_strand_id 
_struct_ref_seq_dif.seq_num 
_struct_ref_seq_dif.pdbx_pdb_ins_code 
_struct_ref_seq_dif.pdbx_seq_db_name 
_struct_ref_seq_dif.pdbx_seq_db_accession_code 
_struct_ref_seq_dif.db_mon_id 
_struct_ref_seq_dif.pdbx_seq_db_seq_num 
_struct_ref_seq_dif.details 
_struct_ref_seq_dif.pdbx_auth_seq_num 
_struct_ref_seq_dif.pdbx_ordinal 
1 2WQ5 LYS A 59 ? UNP P15445 GLY 59 conflict 59 1 
1 2WQ5 PHE A 63 ? UNP P15445 TYR 63 conflict 63 2 
1 2WQ5 LYS A 70 ? UNP P15445 GLU 70 conflict 70 3 
1 2WQ5 GLY A 81 ? UNP P15445 ASP 81 conflict 81 4 
# 
_pdbx_struct_assembly.id                   1 
_pdbx_struct_assembly.details              author_and_software_defined_assembly 
_pdbx_struct_assembly.method_details       PISA 
_pdbx_struct_assembly.oligomeric_details   trimeric 
_pdbx_struct_assembly.oligomeric_count     3 
# 
loop_
_pdbx_struct_assembly_prop.biol_id 
_pdbx_struct_assembly_prop.type 
_pdbx_struct_assembly_prop.value 
_pdbx_struct_assembly_prop.details 
1 'ABSA (A^2)' 7220  ? 
1 MORE         -80.0 ? 
1 'SSA (A^2)'  15130 ? 
# 
_pdbx_struct_assembly_gen.assembly_id       1 
_pdbx_struct_assembly_gen.oper_expression   1,2,3 
_pdbx_struct_assembly_gen.asym_id_list      A,B,C,D,E 
# 
loop_
_pdbx_struct_oper_list.id 
_pdbx_struct_oper_list.type 
_pdbx_struct_oper_list.name 
_pdbx_struct_oper_list.symmetry_operation 
_pdbx_struct_oper_list.matrix[1][1] 
_pdbx_struct_oper_list.matrix[1][2] 
_pdbx_struct_oper_list.matrix[1][3] 
_pdbx_struct_oper_list.vector[1] 
_pdbx_struct_oper_list.matrix[2][1] 
_pdbx_struct_oper_list.matrix[2][2] 
_pdbx_struct_oper_list.matrix[2][3] 
_pdbx_struct_oper_list.vector[2] 
_pdbx_struct_oper_list.matrix[3][1] 
_pdbx_struct_oper_list.matrix[3][2] 
_pdbx_struct_oper_list.matrix[3][3] 
_pdbx_struct_oper_list.vector[3] 
1 'identity operation'         1_555  x,y,z           1.0000000000  0.0000000000  0.0000000000  0.0000000000  0.0000000000  1.0000000000 0.0000000000 0.0000000000  0.0000000000  0.0000000000 1.0000000000  0.0000000000  
2 'crystal symmetry operation' 11_455 y-1/2,-z+1/2,-x -0.4465457819 -0.3823573422 0.8089497682  -8.7985834233 -0.1694107219 0.9238726504 0.3431607978 -4.5937615378 -0.8785766170 0.0161922425 -0.4773268685 22.8941585718 
3 'crystal symmetry operation' 8_555  -z,x+1/2,-y+1/2 -0.4465457819 -0.1694107219 -0.8785766170 15.4070696138 -0.3823573422 0.9238726504 0.0161922425 0.5091399057  0.8089497682  0.3431607978 -0.4773268685 19.6220079122 
# 
loop_
_struct_conf.conf_type_id 
_struct_conf.id 
_struct_conf.pdbx_PDB_helix_id 
_struct_conf.beg_label_comp_id 
_struct_conf.beg_label_asym_id 
_struct_conf.beg_label_seq_id 
_struct_conf.pdbx_beg_PDB_ins_code 
_struct_conf.end_label_comp_id 
_struct_conf.end_label_asym_id 
_struct_conf.end_label_seq_id 
_struct_conf.pdbx_end_PDB_ins_code 
_struct_conf.beg_auth_comp_id 
_struct_conf.beg_auth_asym_id 
_struct_conf.beg_auth_seq_id 
_struct_conf.end_auth_comp_id 
_struct_conf.end_auth_asym_id 
_struct_conf.end_auth_seq_id 
_struct_conf.pdbx_PDB_helix_class 
_struct_conf.details 
_struct_conf.pdbx_PDB_helix_length 
HELX_P HELX_P1 1 ASN A 1   ? VAL A 13  ? ASN A 1   VAL A 13  1 ? 13 
HELX_P HELX_P2 2 SER A 17  ? ALA A 22  ? SER A 17  ALA A 22  5 ? 6  
HELX_P HELX_P3 3 ASP A 38  ? GLU A 55  ? ASP A 38  GLU A 55  1 ? 18 
HELX_P HELX_P4 4 TRP A 61  ? LYS A 65  ? TRP A 61  LYS A 65  5 ? 5  
HELX_P HELX_P5 5 ASN A 83  ? ALA A 103 ? ASN A 83  ALA A 103 1 ? 21 
HELX_P HELX_P6 6 ASN A 106 ? ASN A 109 ? ASN A 106 ASN A 109 5 ? 4  
HELX_P HELX_P7 7 ASP A 113 ? CYS A 118 ? ASP A 113 CYS A 118 1 ? 6  
# 
_struct_conf_type.id          HELX_P 
_struct_conf_type.criteria    ? 
_struct_conf_type.reference   ? 
# 
loop_
_struct_conn.id 
_struct_conn.conn_type_id 
_struct_conn.pdbx_leaving_atom_flag 
_struct_conn.pdbx_PDB_id 
_struct_conn.ptnr1_label_asym_id 
_struct_conn.ptnr1_label_comp_id 
_struct_conn.ptnr1_label_seq_id 
_struct_conn.ptnr1_label_atom_id 
_struct_conn.pdbx_ptnr1_label_alt_id 
_struct_conn.pdbx_ptnr1_PDB_ins_code 
_struct_conn.pdbx_ptnr1_standard_comp_id 
_struct_conn.ptnr1_symmetry 
_struct_conn.ptnr2_label_asym_id 
_struct_conn.ptnr2_label_comp_id 
_struct_conn.ptnr2_label_seq_id 
_struct_conn.ptnr2_label_atom_id 
_struct_conn.pdbx_ptnr2_label_alt_id 
_struct_conn.pdbx_ptnr2_PDB_ins_code 
_struct_conn.ptnr1_auth_asym_id 
_struct_conn.ptnr1_auth_comp_id 
_struct_conn.ptnr1_auth_seq_id 
_struct_conn.ptnr2_auth_asym_id 
_struct_conn.ptnr2_auth_comp_id 
_struct_conn.ptnr2_auth_seq_id 
_struct_conn.ptnr2_symmetry 
_struct_conn.pdbx_ptnr3_label_atom_id 
_struct_conn.pdbx_ptnr3_label_seq_id 
_struct_conn.pdbx_ptnr3_label_comp_id 
_struct_conn.pdbx_ptnr3_label_asym_id 
_struct_conn.pdbx_ptnr3_label_alt_id 
_struct_conn.pdbx_ptnr3_PDB_ins_code 
_struct_conn.details 
_struct_conn.pdbx_dist_value 
_struct_conn.pdbx_value_order 
_struct_conn.pdbx_role 
disulf1 disulf ? ? A CYS 11 SG  ? ? ? 1_555 A CYS 71  SG ? ? A CYS 11   A CYS 71   1_555 ? ? ? ? ? ? ? 2.015 ? ? 
disulf2 disulf ? ? A CYS 26 SG  ? ? ? 1_555 A CYS 118 SG ? ? A CYS 26   A CYS 118  1_555 ? ? ? ? ? ? ? 2.026 ? ? 
disulf3 disulf ? ? A CYS 28 SG  ? ? ? 1_555 A CYS 44  SG ? ? A CYS 28   A CYS 44   1_555 ? ? ? ? ? ? ? 2.022 ? ? 
disulf4 disulf ? ? A CYS 43 SG  ? ? ? 1_555 A CYS 99  SG ? ? A CYS 43   A CYS 99   1_555 ? ? ? ? ? ? ? 2.024 ? ? 
disulf5 disulf ? ? A CYS 50 SG  ? ? ? 1_555 A CYS 92  SG ? ? A CYS 50   A CYS 92   1_555 ? ? ? ? ? ? ? 2.046 ? ? 
disulf6 disulf ? ? A CYS 60 SG  ? ? ? 1_555 A CYS 85  SG ? ? A CYS 60   A CYS 85   1_555 ? ? ? ? ? ? ? 2.035 ? ? 
disulf7 disulf ? ? A CYS 78 SG  ? ? ? 1_555 A CYS 90  SG ? ? A CYS 78   A CYS 90   1_555 ? ? ? ? ? ? ? 2.023 ? ? 
metalc1 metalc ? ? A ASP 39 OD1 ? ? ? 5_555 B CA  .   CA ? ? A ASP 39   A CA  1001 1_555 ? ? ? ? ? ? ? 2.672 ? ? 
metalc2 metalc ? ? A ASP 39 OD1 ? ? ? 9_555 B CA  .   CA ? ? A ASP 39   A CA  1001 1_555 ? ? ? ? ? ? ? 2.673 ? ? 
metalc3 metalc ? ? A ASP 39 OD1 ? ? ? 1_555 B CA  .   CA ? ? A ASP 39   A CA  1001 1_555 ? ? ? ? ? ? ? 2.670 ? ? 
metalc4 metalc ? ? A ASP 39 OD2 ? ? ? 1_555 B CA  .   CA ? ? A ASP 39   A CA  1001 1_555 ? ? ? ? ? ? ? 2.401 ? ? 
metalc5 metalc ? ? A ASP 39 OD2 ? ? ? 9_555 B CA  .   CA ? ? A ASP 39   A CA  1001 1_555 ? ? ? ? ? ? ? 2.401 ? ? 
metalc6 metalc ? ? A ASP 39 OD2 ? ? ? 5_555 B CA  .   CA ? ? A ASP 39   A CA  1001 1_555 ? ? ? ? ? ? ? 2.403 ? ? 
metalc7 metalc ? ? B CA  .  CA  ? ? ? 1_555 E HOH .   O  ? ? A CA  1001 A HOH 2064 1_555 ? ? ? ? ? ? ? 2.738 ? ? 
metalc8 metalc ? ? B CA  .  CA  ? ? ? 1_555 E HOH .   O  ? ? A CA  1001 A HOH 2064 9_555 ? ? ? ? ? ? ? 2.740 ? ? 
metalc9 metalc ? ? B CA  .  CA  ? ? ? 1_555 E HOH .   O  ? ? A CA  1001 A HOH 2064 5_555 ? ? ? ? ? ? ? 2.738 ? ? 
# 
loop_
_struct_conn_type.id 
_struct_conn_type.criteria 
_struct_conn_type.reference 
disulf ? ? 
metalc ? ? 
# 
loop_
_pdbx_struct_conn_angle.id 
_pdbx_struct_conn_angle.ptnr1_label_atom_id 
_pdbx_struct_conn_angle.ptnr1_label_alt_id 
_pdbx_struct_conn_angle.ptnr1_label_asym_id 
_pdbx_struct_conn_angle.ptnr1_label_comp_id 
_pdbx_struct_conn_angle.ptnr1_label_seq_id 
_pdbx_struct_conn_angle.ptnr1_auth_atom_id 
_pdbx_struct_conn_angle.ptnr1_auth_asym_id 
_pdbx_struct_conn_angle.ptnr1_auth_comp_id 
_pdbx_struct_conn_angle.ptnr1_auth_seq_id 
_pdbx_struct_conn_angle.ptnr1_PDB_ins_code 
_pdbx_struct_conn_angle.ptnr1_symmetry 
_pdbx_struct_conn_angle.ptnr2_label_atom_id 
_pdbx_struct_conn_angle.ptnr2_label_alt_id 
_pdbx_struct_conn_angle.ptnr2_label_asym_id 
_pdbx_struct_conn_angle.ptnr2_label_comp_id 
_pdbx_struct_conn_angle.ptnr2_label_seq_id 
_pdbx_struct_conn_angle.ptnr2_auth_atom_id 
_pdbx_struct_conn_angle.ptnr2_auth_asym_id 
_pdbx_struct_conn_angle.ptnr2_auth_comp_id 
_pdbx_struct_conn_angle.ptnr2_auth_seq_id 
_pdbx_struct_conn_angle.ptnr2_PDB_ins_code 
_pdbx_struct_conn_angle.ptnr2_symmetry 
_pdbx_struct_conn_angle.ptnr3_label_atom_id 
_pdbx_struct_conn_angle.ptnr3_label_alt_id 
_pdbx_struct_conn_angle.ptnr3_label_asym_id 
_pdbx_struct_conn_angle.ptnr3_label_comp_id 
_pdbx_struct_conn_angle.ptnr3_label_seq_id 
_pdbx_struct_conn_angle.ptnr3_auth_atom_id 
_pdbx_struct_conn_angle.ptnr3_auth_asym_id 
_pdbx_struct_conn_angle.ptnr3_auth_comp_id 
_pdbx_struct_conn_angle.ptnr3_auth_seq_id 
_pdbx_struct_conn_angle.ptnr3_PDB_ins_code 
_pdbx_struct_conn_angle.ptnr3_symmetry 
_pdbx_struct_conn_angle.value 
_pdbx_struct_conn_angle.value_esd 
1  OD1 ? A ASP 39 ? A ASP 39   ? 5_555 CA ? B CA . ? A CA 1001 ? 1_555 OD1 ? A ASP 39 ? A ASP 39   ? 9_555 119.7 ? 
2  OD1 ? A ASP 39 ? A ASP 39   ? 5_555 CA ? B CA . ? A CA 1001 ? 1_555 OD1 ? A ASP 39 ? A ASP 39   ? 1_555 119.8 ? 
3  OD1 ? A ASP 39 ? A ASP 39   ? 9_555 CA ? B CA . ? A CA 1001 ? 1_555 OD1 ? A ASP 39 ? A ASP 39   ? 1_555 119.8 ? 
4  OD1 ? A ASP 39 ? A ASP 39   ? 5_555 CA ? B CA . ? A CA 1001 ? 1_555 OD2 ? A ASP 39 ? A ASP 39   ? 1_555 78.4  ? 
5  OD1 ? A ASP 39 ? A ASP 39   ? 9_555 CA ? B CA . ? A CA 1001 ? 1_555 OD2 ? A ASP 39 ? A ASP 39   ? 1_555 138.5 ? 
6  OD1 ? A ASP 39 ? A ASP 39   ? 1_555 CA ? B CA . ? A CA 1001 ? 1_555 OD2 ? A ASP 39 ? A ASP 39   ? 1_555 51.3  ? 
7  OD1 ? A ASP 39 ? A ASP 39   ? 5_555 CA ? B CA . ? A CA 1001 ? 1_555 OD2 ? A ASP 39 ? A ASP 39   ? 9_555 138.5 ? 
8  OD1 ? A ASP 39 ? A ASP 39   ? 9_555 CA ? B CA . ? A CA 1001 ? 1_555 OD2 ? A ASP 39 ? A ASP 39   ? 9_555 51.3  ? 
9  OD1 ? A ASP 39 ? A ASP 39   ? 1_555 CA ? B CA . ? A CA 1001 ? 1_555 OD2 ? A ASP 39 ? A ASP 39   ? 9_555 78.4  ? 
10 OD2 ? A ASP 39 ? A ASP 39   ? 1_555 CA ? B CA . ? A CA 1001 ? 1_555 OD2 ? A ASP 39 ? A ASP 39   ? 9_555 89.6  ? 
11 OD1 ? A ASP 39 ? A ASP 39   ? 5_555 CA ? B CA . ? A CA 1001 ? 1_555 OD2 ? A ASP 39 ? A ASP 39   ? 5_555 51.3  ? 
12 OD1 ? A ASP 39 ? A ASP 39   ? 9_555 CA ? B CA . ? A CA 1001 ? 1_555 OD2 ? A ASP 39 ? A ASP 39   ? 5_555 78.4  ? 
13 OD1 ? A ASP 39 ? A ASP 39   ? 1_555 CA ? B CA . ? A CA 1001 ? 1_555 OD2 ? A ASP 39 ? A ASP 39   ? 5_555 138.5 ? 
14 OD2 ? A ASP 39 ? A ASP 39   ? 1_555 CA ? B CA . ? A CA 1001 ? 1_555 OD2 ? A ASP 39 ? A ASP 39   ? 5_555 89.6  ? 
15 OD2 ? A ASP 39 ? A ASP 39   ? 9_555 CA ? B CA . ? A CA 1001 ? 1_555 OD2 ? A ASP 39 ? A ASP 39   ? 5_555 89.5  ? 
16 OD1 ? A ASP 39 ? A ASP 39   ? 5_555 CA ? B CA . ? A CA 1001 ? 1_555 O   ? E HOH .  ? A HOH 2064 ? 1_555 137.1 ? 
17 OD1 ? A ASP 39 ? A ASP 39   ? 9_555 CA ? B CA . ? A CA 1001 ? 1_555 O   ? E HOH .  ? A HOH 2064 ? 1_555 73.1  ? 
18 OD1 ? A ASP 39 ? A ASP 39   ? 1_555 CA ? B CA . ? A CA 1001 ? 1_555 O   ? E HOH .  ? A HOH 2064 ? 1_555 69.6  ? 
19 OD2 ? A ASP 39 ? A ASP 39   ? 1_555 CA ? B CA . ? A CA 1001 ? 1_555 O   ? E HOH .  ? A HOH 2064 ? 1_555 120.7 ? 
20 OD2 ? A ASP 39 ? A ASP 39   ? 9_555 CA ? B CA . ? A CA 1001 ? 1_555 O   ? E HOH .  ? A HOH 2064 ? 1_555 83.0  ? 
21 OD2 ? A ASP 39 ? A ASP 39   ? 5_555 CA ? B CA . ? A CA 1001 ? 1_555 O   ? E HOH .  ? A HOH 2064 ? 1_555 148.6 ? 
22 OD1 ? A ASP 39 ? A ASP 39   ? 5_555 CA ? B CA . ? A CA 1001 ? 1_555 O   ? E HOH .  ? A HOH 2064 ? 9_555 73.1  ? 
23 OD1 ? A ASP 39 ? A ASP 39   ? 9_555 CA ? B CA . ? A CA 1001 ? 1_555 O   ? E HOH .  ? A HOH 2064 ? 9_555 69.6  ? 
24 OD1 ? A ASP 39 ? A ASP 39   ? 1_555 CA ? B CA . ? A CA 1001 ? 1_555 O   ? E HOH .  ? A HOH 2064 ? 9_555 137.2 ? 
25 OD2 ? A ASP 39 ? A ASP 39   ? 1_555 CA ? B CA . ? A CA 1001 ? 1_555 O   ? E HOH .  ? A HOH 2064 ? 9_555 148.6 ? 
26 OD2 ? A ASP 39 ? A ASP 39   ? 9_555 CA ? B CA . ? A CA 1001 ? 1_555 O   ? E HOH .  ? A HOH 2064 ? 9_555 120.6 ? 
27 OD2 ? A ASP 39 ? A ASP 39   ? 5_555 CA ? B CA . ? A CA 1001 ? 1_555 O   ? E HOH .  ? A HOH 2064 ? 9_555 82.9  ? 
28 O   ? E HOH .  ? A HOH 2064 ? 1_555 CA ? B CA . ? A CA 1001 ? 1_555 O   ? E HOH .  ? A HOH 2064 ? 9_555 75.0  ? 
29 OD1 ? A ASP 39 ? A ASP 39   ? 5_555 CA ? B CA . ? A CA 1001 ? 1_555 O   ? E HOH .  ? A HOH 2064 ? 5_555 69.6  ? 
30 OD1 ? A ASP 39 ? A ASP 39   ? 9_555 CA ? B CA . ? A CA 1001 ? 1_555 O   ? E HOH .  ? A HOH 2064 ? 5_555 137.1 ? 
31 OD1 ? A ASP 39 ? A ASP 39   ? 1_555 CA ? B CA . ? A CA 1001 ? 1_555 O   ? E HOH .  ? A HOH 2064 ? 5_555 73.2  ? 
32 OD2 ? A ASP 39 ? A ASP 39   ? 1_555 CA ? B CA . ? A CA 1001 ? 1_555 O   ? E HOH .  ? A HOH 2064 ? 5_555 83.0  ? 
33 OD2 ? A ASP 39 ? A ASP 39   ? 9_555 CA ? B CA . ? A CA 1001 ? 1_555 O   ? E HOH .  ? A HOH 2064 ? 5_555 148.7 ? 
34 OD2 ? A ASP 39 ? A ASP 39   ? 5_555 CA ? B CA . ? A CA 1001 ? 1_555 O   ? E HOH .  ? A HOH 2064 ? 5_555 120.6 ? 
35 O   ? E HOH .  ? A HOH 2064 ? 1_555 CA ? B CA . ? A CA 1001 ? 1_555 O   ? E HOH .  ? A HOH 2064 ? 5_555 75.0  ? 
36 O   ? E HOH .  ? A HOH 2064 ? 9_555 CA ? B CA . ? A CA 1001 ? 1_555 O   ? E HOH .  ? A HOH 2064 ? 5_555 75.0  ? 
# 
loop_
_pdbx_modification_feature.ordinal 
_pdbx_modification_feature.label_comp_id 
_pdbx_modification_feature.label_asym_id 
_pdbx_modification_feature.label_seq_id 
_pdbx_modification_feature.label_alt_id 
_pdbx_modification_feature.modified_residue_label_comp_id 
_pdbx_modification_feature.modified_residue_label_asym_id 
_pdbx_modification_feature.modified_residue_label_seq_id 
_pdbx_modification_feature.modified_residue_label_alt_id 
_pdbx_modification_feature.auth_comp_id 
_pdbx_modification_feature.auth_asym_id 
_pdbx_modification_feature.auth_seq_id 
_pdbx_modification_feature.PDB_ins_code 
_pdbx_modification_feature.symmetry 
_pdbx_modification_feature.modified_residue_auth_comp_id 
_pdbx_modification_feature.modified_residue_auth_asym_id 
_pdbx_modification_feature.modified_residue_auth_seq_id 
_pdbx_modification_feature.modified_residue_PDB_ins_code 
_pdbx_modification_feature.modified_residue_symmetry 
_pdbx_modification_feature.comp_id_linking_atom 
_pdbx_modification_feature.modified_residue_id_linking_atom 
_pdbx_modification_feature.modified_residue_id 
_pdbx_modification_feature.ref_pcm_id 
_pdbx_modification_feature.ref_comp_id 
_pdbx_modification_feature.type 
_pdbx_modification_feature.category 
1 CYS A 11 ? CYS A 71  ? CYS A 11 ? 1_555 CYS A 71  ? 1_555 SG SG . . . None 'Disulfide bridge' 
2 CYS A 26 ? CYS A 118 ? CYS A 26 ? 1_555 CYS A 118 ? 1_555 SG SG . . . None 'Disulfide bridge' 
3 CYS A 28 ? CYS A 44  ? CYS A 28 ? 1_555 CYS A 44  ? 1_555 SG SG . . . None 'Disulfide bridge' 
4 CYS A 43 ? CYS A 99  ? CYS A 43 ? 1_555 CYS A 99  ? 1_555 SG SG . . . None 'Disulfide bridge' 
5 CYS A 50 ? CYS A 92  ? CYS A 50 ? 1_555 CYS A 92  ? 1_555 SG SG . . . None 'Disulfide bridge' 
6 CYS A 60 ? CYS A 85  ? CYS A 60 ? 1_555 CYS A 85  ? 1_555 SG SG . . . None 'Disulfide bridge' 
7 CYS A 78 ? CYS A 90  ? CYS A 78 ? 1_555 CYS A 90  ? 1_555 SG SG . . . None 'Disulfide bridge' 
# 
_struct_sheet.id               AA 
_struct_sheet.type             ? 
_struct_sheet.number_strands   2 
_struct_sheet.details          ? 
# 
_struct_sheet_order.sheet_id     AA 
_struct_sheet_order.range_id_1   1 
_struct_sheet_order.range_id_2   2 
_struct_sheet_order.offset       ? 
_struct_sheet_order.sense        anti-parallel 
# 
loop_
_struct_sheet_range.sheet_id 
_struct_sheet_range.id 
_struct_sheet_range.beg_label_comp_id 
_struct_sheet_range.beg_label_asym_id 
_struct_sheet_range.beg_label_seq_id 
_struct_sheet_range.pdbx_beg_PDB_ins_code 
_struct_sheet_range.end_label_comp_id 
_struct_sheet_range.end_label_asym_id 
_struct_sheet_range.end_label_seq_id 
_struct_sheet_range.pdbx_end_PDB_ins_code 
_struct_sheet_range.beg_auth_comp_id 
_struct_sheet_range.beg_auth_asym_id 
_struct_sheet_range.beg_auth_seq_id 
_struct_sheet_range.end_auth_comp_id 
_struct_sheet_range.end_auth_asym_id 
_struct_sheet_range.end_auth_seq_id 
AA 1 TYR A 69 ? SER A 72 ? TYR A 69 SER A 72 
AA 2 THR A 75 ? CYS A 78 ? THR A 75 CYS A 78 
# 
_pdbx_struct_sheet_hbond.sheet_id                AA 
_pdbx_struct_sheet_hbond.range_id_1              1 
_pdbx_struct_sheet_hbond.range_id_2              2 
_pdbx_struct_sheet_hbond.range_1_label_atom_id   N 
_pdbx_struct_sheet_hbond.range_1_label_comp_id   SER 
_pdbx_struct_sheet_hbond.range_1_label_asym_id   A 
_pdbx_struct_sheet_hbond.range_1_label_seq_id    72 
_pdbx_struct_sheet_hbond.range_1_PDB_ins_code    ? 
_pdbx_struct_sheet_hbond.range_1_auth_atom_id    N 
_pdbx_struct_sheet_hbond.range_1_auth_comp_id    SER 
_pdbx_struct_sheet_hbond.range_1_auth_asym_id    A 
_pdbx_struct_sheet_hbond.range_1_auth_seq_id     72 
_pdbx_struct_sheet_hbond.range_2_label_atom_id   O 
_pdbx_struct_sheet_hbond.range_2_label_comp_id   THR 
_pdbx_struct_sheet_hbond.range_2_label_asym_id   A 
_pdbx_struct_sheet_hbond.range_2_label_seq_id    75 
_pdbx_struct_sheet_hbond.range_2_PDB_ins_code    ? 
_pdbx_struct_sheet_hbond.range_2_auth_atom_id    O 
_pdbx_struct_sheet_hbond.range_2_auth_comp_id    THR 
_pdbx_struct_sheet_hbond.range_2_auth_asym_id    A 
_pdbx_struct_sheet_hbond.range_2_auth_seq_id     75 
# 
loop_
_struct_site.id 
_struct_site.pdbx_evidence_code 
_struct_site.pdbx_auth_asym_id 
_struct_site.pdbx_auth_comp_id 
_struct_site.pdbx_auth_seq_id 
_struct_site.pdbx_auth_ins_code 
_struct_site.pdbx_num_residues 
_struct_site.details 
AC1 Software A CA  1001 ? 6  'BINDING SITE FOR RESIDUE CA A 1001'  
AC2 Software A SO4 1002 ? 8  'BINDING SITE FOR RESIDUE SO4 A 1002' 
AC3 Software A MIY 1120 ? 17 'BINDING SITE FOR RESIDUE MIY A 1120' 
# 
loop_
_struct_site_gen.id 
_struct_site_gen.site_id 
_struct_site_gen.pdbx_num_res 
_struct_site_gen.label_comp_id 
_struct_site_gen.label_asym_id 
_struct_site_gen.label_seq_id 
_struct_site_gen.pdbx_auth_ins_code 
_struct_site_gen.auth_comp_id 
_struct_site_gen.auth_asym_id 
_struct_site_gen.auth_seq_id 
_struct_site_gen.label_atom_id 
_struct_site_gen.label_alt_id 
_struct_site_gen.symmetry 
_struct_site_gen.details 
1  AC1 6  ASP A 39 ? ASP A 39   . ? 5_555  ? 
2  AC1 6  ASP A 39 ? ASP A 39   . ? 1_555  ? 
3  AC1 6  ASP A 39 ? ASP A 39   . ? 9_555  ? 
4  AC1 6  HOH E .  ? HOH A 2064 . ? 5_555  ? 
5  AC1 6  HOH E .  ? HOH A 2064 . ? 9_555  ? 
6  AC1 6  HOH E .  ? HOH A 2064 . ? 1_555  ? 
7  AC2 8  GLN A 4  ? GLN A 4    . ? 1_555  ? 
8  AC2 8  ASN A 7  ? ASN A 7    . ? 1_555  ? 
9  AC2 8  TRP A 61 ? TRP A 61   . ? 8_555  ? 
10 AC2 8  TYR A 69 ? TYR A 69   . ? 1_555  ? 
11 AC2 8  HOH E .  ? HOH A 2161 . ? 1_555  ? 
12 AC2 8  HOH E .  ? HOH A 2162 . ? 1_555  ? 
13 AC2 8  HOH E .  ? HOH A 2163 . ? 1_555  ? 
14 AC2 8  HOH E .  ? HOH A 2164 . ? 1_555  ? 
15 AC3 17 LEU A 2  ? LEU A 2    . ? 1_555  ? 
16 AC3 17 LEU A 2  ? LEU A 2    . ? 11_455 ? 
17 AC3 17 TYR A 3  ? TYR A 3    . ? 11_455 ? 
18 AC3 17 TRP A 18 ? TRP A 18   . ? 11_455 ? 
19 AC3 17 TRP A 18 ? TRP A 18   . ? 1_555  ? 
20 AC3 17 ALA A 22 ? ALA A 22   . ? 1_555  ? 
21 AC3 17 GLY A 29 ? GLY A 29   . ? 1_555  ? 
22 AC3 17 ARG A 30 ? ARG A 30   . ? 1_555  ? 
23 AC3 17 PHE A 64 ? PHE A 64   . ? 1_555  ? 
24 AC3 17 HOH E .  ? HOH A 2165 . ? 1_555  ? 
25 AC3 17 HOH E .  ? HOH A 2165 . ? 8_555  ? 
26 AC3 17 HOH E .  ? HOH A 2165 . ? 11_455 ? 
27 AC3 17 HOH E .  ? HOH A 2166 . ? 1_555  ? 
28 AC3 17 HOH E .  ? HOH A 2166 . ? 8_555  ? 
29 AC3 17 HOH E .  ? HOH A 2166 . ? 11_455 ? 
30 AC3 17 HOH E .  ? HOH A 2167 . ? 8_555  ? 
31 AC3 17 HOH E .  ? HOH A 2167 . ? 1_555  ? 
# 
_pdbx_entry_details.entry_id                   2WQ5 
_pdbx_entry_details.compound_details           ? 
_pdbx_entry_details.source_details             ? 
_pdbx_entry_details.nonpolymer_details         ? 
_pdbx_entry_details.sequence_details           
;PROTEIN PURIFIED FROM NATURAL SOURCE. CONFLICTS BELOW ARE
REPORTED AS NATURAL VARIANTS BY THIS AUTHOR.
;
_pdbx_entry_details.has_ligand_of_interest     ? 
_pdbx_entry_details.has_protein_modification   Y 
# 
loop_
_pdbx_validate_close_contact.id 
_pdbx_validate_close_contact.PDB_model_num 
_pdbx_validate_close_contact.auth_atom_id_1 
_pdbx_validate_close_contact.auth_asym_id_1 
_pdbx_validate_close_contact.auth_comp_id_1 
_pdbx_validate_close_contact.auth_seq_id_1 
_pdbx_validate_close_contact.PDB_ins_code_1 
_pdbx_validate_close_contact.label_alt_id_1 
_pdbx_validate_close_contact.auth_atom_id_2 
_pdbx_validate_close_contact.auth_asym_id_2 
_pdbx_validate_close_contact.auth_comp_id_2 
_pdbx_validate_close_contact.auth_seq_id_2 
_pdbx_validate_close_contact.PDB_ins_code_2 
_pdbx_validate_close_contact.label_alt_id_2 
_pdbx_validate_close_contact.dist 
1 1 OD1 A ASN 111  ? ? O A HOH 2152 ? ? 1.96 
2 1 O1  A MIY 1120 ? ? O A HOH 2167 ? ? 2.12 
# 
_pdbx_validate_symm_contact.id                1 
_pdbx_validate_symm_contact.PDB_model_num     1 
_pdbx_validate_symm_contact.auth_atom_id_1    O 
_pdbx_validate_symm_contact.auth_asym_id_1    A 
_pdbx_validate_symm_contact.auth_comp_id_1    ASN 
_pdbx_validate_symm_contact.auth_seq_id_1     111 
_pdbx_validate_symm_contact.PDB_ins_code_1    ? 
_pdbx_validate_symm_contact.label_alt_id_1    ? 
_pdbx_validate_symm_contact.site_symmetry_1   1_555 
_pdbx_validate_symm_contact.auth_atom_id_2    NZ 
_pdbx_validate_symm_contact.auth_asym_id_2    A 
_pdbx_validate_symm_contact.auth_comp_id_2    LYS 
_pdbx_validate_symm_contact.auth_seq_id_2     115 
_pdbx_validate_symm_contact.PDB_ins_code_2    ? 
_pdbx_validate_symm_contact.label_alt_id_2    ? 
_pdbx_validate_symm_contact.site_symmetry_2   8_555 
_pdbx_validate_symm_contact.dist              2.15 
# 
loop_
_pdbx_validate_torsion.id 
_pdbx_validate_torsion.PDB_model_num 
_pdbx_validate_torsion.auth_comp_id 
_pdbx_validate_torsion.auth_asym_id 
_pdbx_validate_torsion.auth_seq_id 
_pdbx_validate_torsion.PDB_ins_code 
_pdbx_validate_torsion.label_alt_id 
_pdbx_validate_torsion.phi 
_pdbx_validate_torsion.psi 
1 1 ASP A 23 ? ? -158.17 81.06   
2 1 ARG A 30 ? ? -155.91 -151.95 
3 1 SER A 33 ? ? 37.21   102.93  
# 
_pdbx_validate_peptide_omega.id               1 
_pdbx_validate_peptide_omega.PDB_model_num    1 
_pdbx_validate_peptide_omega.auth_comp_id_1   SER 
_pdbx_validate_peptide_omega.auth_asym_id_1   A 
_pdbx_validate_peptide_omega.auth_seq_id_1    33 
_pdbx_validate_peptide_omega.PDB_ins_code_1   ? 
_pdbx_validate_peptide_omega.label_alt_id_1   ? 
_pdbx_validate_peptide_omega.auth_comp_id_2   GLY 
_pdbx_validate_peptide_omega.auth_asym_id_2   A 
_pdbx_validate_peptide_omega.auth_seq_id_2    34 
_pdbx_validate_peptide_omega.PDB_ins_code_2   ? 
_pdbx_validate_peptide_omega.label_alt_id_2   ? 
_pdbx_validate_peptide_omega.omega            140.00 
# 
loop_
_pdbx_struct_special_symmetry.id 
_pdbx_struct_special_symmetry.PDB_model_num 
_pdbx_struct_special_symmetry.auth_asym_id 
_pdbx_struct_special_symmetry.auth_comp_id 
_pdbx_struct_special_symmetry.auth_seq_id 
_pdbx_struct_special_symmetry.PDB_ins_code 
_pdbx_struct_special_symmetry.label_asym_id 
_pdbx_struct_special_symmetry.label_comp_id 
_pdbx_struct_special_symmetry.label_seq_id 
1 1 A CA  1001 ? B CA  . 
2 1 A HOH 2005 ? E HOH . 
3 1 A HOH 2006 ? E HOH . 
4 1 A HOH 2011 ? E HOH . 
5 1 A HOH 2165 ? E HOH . 
6 1 A HOH 2166 ? E HOH . 
# 
loop_
_pdbx_refine_tls.pdbx_refine_id 
_pdbx_refine_tls.id 
_pdbx_refine_tls.details 
_pdbx_refine_tls.method 
_pdbx_refine_tls.origin_x 
_pdbx_refine_tls.origin_y 
_pdbx_refine_tls.origin_z 
_pdbx_refine_tls.T[1][1] 
_pdbx_refine_tls.T[2][2] 
_pdbx_refine_tls.T[3][3] 
_pdbx_refine_tls.T[1][2] 
_pdbx_refine_tls.T[1][3] 
_pdbx_refine_tls.T[2][3] 
_pdbx_refine_tls.L[1][1] 
_pdbx_refine_tls.L[2][2] 
_pdbx_refine_tls.L[3][3] 
_pdbx_refine_tls.L[1][2] 
_pdbx_refine_tls.L[1][3] 
_pdbx_refine_tls.L[2][3] 
_pdbx_refine_tls.S[1][1] 
_pdbx_refine_tls.S[1][2] 
_pdbx_refine_tls.S[1][3] 
_pdbx_refine_tls.S[2][1] 
_pdbx_refine_tls.S[2][2] 
_pdbx_refine_tls.S[2][3] 
_pdbx_refine_tls.S[3][1] 
_pdbx_refine_tls.S[3][2] 
_pdbx_refine_tls.S[3][3] 
'X-RAY DIFFRACTION' 1 ? refined 8.6939  -1.2952  0.0769  -0.0200 -0.0120 0.0358  0.0192 -0.0120 0.0050  2.9955  4.4573 3.9298 0.1170  -0.1800 -2.2901 0.0226  0.0937  0.1516  0.1663  -0.1283 -0.3169 -0.2041 0.1314  0.1057  
'X-RAY DIFFRACTION' 2 ? refined 4.8457  8.0224   3.9967  0.0988  0.0810  0.0129  0.1097 -0.0731 -0.0165 4.5354  6.0786 1.2819 -4.6799 0.1859  1.0700  -0.3424 -0.3350 0.2701  0.8321  0.4700  -0.5257 0.2093  0.3892  -0.1276 
'X-RAY DIFFRACTION' 3 ? refined -5.7502 5.5066   6.3442  0.1742  0.0255  0.0097  0.0666 0.0451  0.0282  23.0246 9.9283 2.4430 4.4407  1.7137  -1.1832 -0.6006 -1.1890 -0.3606 1.1336  0.1326  0.2253  0.2953  -0.4146 0.4680  
'X-RAY DIFFRACTION' 4 ? refined -7.4075 4.0233   -0.4534 0.0148  0.0456  0.0484  0.0148 0.0156  0.0097  0.2904  6.6915 0.5337 -0.7702 0.3504  -1.0858 0.0067  -0.0673 -0.0035 0.1677  0.1045  0.4335  -0.0724 -0.0963 -0.1111 
'X-RAY DIFFRACTION' 5 ? refined 2.0198  -11.1670 -0.9085 0.0132  -0.0206 -0.0073 0.0188 -0.0138 -0.0190 3.3214  3.1045 2.3443 0.6795  -1.3780 -1.1915 -0.0341 0.1269  -0.1704 -0.1894 -0.0142 -0.1736 0.2296  0.0351  0.0481  
'X-RAY DIFFRACTION' 6 ? refined -1.5814 5.9803   0.6929  -0.0138 0.0115  -0.0371 0.0254 -0.0190 0.0006  0.9262  2.9864 0.7158 -0.9660 -0.0830 -0.4002 -0.0389 0.0073  0.0600  0.1072  0.0678  -0.1087 -0.0597 -0.0351 -0.0289 
# 
loop_
_pdbx_refine_tls_group.pdbx_refine_id 
_pdbx_refine_tls_group.id 
_pdbx_refine_tls_group.refine_tls_id 
_pdbx_refine_tls_group.beg_auth_asym_id 
_pdbx_refine_tls_group.beg_auth_seq_id 
_pdbx_refine_tls_group.beg_label_asym_id 
_pdbx_refine_tls_group.beg_label_seq_id 
_pdbx_refine_tls_group.end_auth_asym_id 
_pdbx_refine_tls_group.end_auth_seq_id 
_pdbx_refine_tls_group.end_label_asym_id 
_pdbx_refine_tls_group.end_label_seq_id 
_pdbx_refine_tls_group.selection 
_pdbx_refine_tls_group.selection_details 
'X-RAY DIFFRACTION' 1 1 A 1  ? ? A 15  ? ? ? ? 
'X-RAY DIFFRACTION' 2 2 A 16 ? ? A 26  ? ? ? ? 
'X-RAY DIFFRACTION' 3 3 A 27 ? ? A 32  ? ? ? ? 
'X-RAY DIFFRACTION' 4 4 A 33 ? ? A 53  ? ? ? ? 
'X-RAY DIFFRACTION' 5 5 A 54 ? ? A 83  ? ? ? ? 
'X-RAY DIFFRACTION' 6 6 A 84 ? ? A 119 ? ? ? ? 
# 
loop_
_pdbx_distant_solvent_atoms.id 
_pdbx_distant_solvent_atoms.PDB_model_num 
_pdbx_distant_solvent_atoms.auth_atom_id 
_pdbx_distant_solvent_atoms.label_alt_id 
_pdbx_distant_solvent_atoms.auth_asym_id 
_pdbx_distant_solvent_atoms.auth_comp_id 
_pdbx_distant_solvent_atoms.auth_seq_id 
_pdbx_distant_solvent_atoms.PDB_ins_code 
_pdbx_distant_solvent_atoms.neighbor_macromolecule_distance 
_pdbx_distant_solvent_atoms.neighbor_ligand_distance 
1 1 O ? A HOH 2006 ? 5.89 . 
2 1 O ? A HOH 2008 ? 5.89 . 
# 
loop_
_chem_comp_atom.comp_id 
_chem_comp_atom.atom_id 
_chem_comp_atom.type_symbol 
_chem_comp_atom.pdbx_aromatic_flag 
_chem_comp_atom.pdbx_stereo_config 
_chem_comp_atom.pdbx_ordinal 
ALA N    N  N N 1   
ALA CA   C  N S 2   
ALA C    C  N N 3   
ALA O    O  N N 4   
ALA CB   C  N N 5   
ALA OXT  O  N N 6   
ALA H    H  N N 7   
ALA H2   H  N N 8   
ALA HA   H  N N 9   
ALA HB1  H  N N 10  
ALA HB2  H  N N 11  
ALA HB3  H  N N 12  
ALA HXT  H  N N 13  
ARG N    N  N N 14  
ARG CA   C  N S 15  
ARG C    C  N N 16  
ARG O    O  N N 17  
ARG CB   C  N N 18  
ARG CG   C  N N 19  
ARG CD   C  N N 20  
ARG NE   N  N N 21  
ARG CZ   C  N N 22  
ARG NH1  N  N N 23  
ARG NH2  N  N N 24  
ARG OXT  O  N N 25  
ARG H    H  N N 26  
ARG H2   H  N N 27  
ARG HA   H  N N 28  
ARG HB2  H  N N 29  
ARG HB3  H  N N 30  
ARG HG2  H  N N 31  
ARG HG3  H  N N 32  
ARG HD2  H  N N 33  
ARG HD3  H  N N 34  
ARG HE   H  N N 35  
ARG HH11 H  N N 36  
ARG HH12 H  N N 37  
ARG HH21 H  N N 38  
ARG HH22 H  N N 39  
ARG HXT  H  N N 40  
ASN N    N  N N 41  
ASN CA   C  N S 42  
ASN C    C  N N 43  
ASN O    O  N N 44  
ASN CB   C  N N 45  
ASN CG   C  N N 46  
ASN OD1  O  N N 47  
ASN ND2  N  N N 48  
ASN OXT  O  N N 49  
ASN H    H  N N 50  
ASN H2   H  N N 51  
ASN HA   H  N N 52  
ASN HB2  H  N N 53  
ASN HB3  H  N N 54  
ASN HD21 H  N N 55  
ASN HD22 H  N N 56  
ASN HXT  H  N N 57  
ASP N    N  N N 58  
ASP CA   C  N S 59  
ASP C    C  N N 60  
ASP O    O  N N 61  
ASP CB   C  N N 62  
ASP CG   C  N N 63  
ASP OD1  O  N N 64  
ASP OD2  O  N N 65  
ASP OXT  O  N N 66  
ASP H    H  N N 67  
ASP H2   H  N N 68  
ASP HA   H  N N 69  
ASP HB2  H  N N 70  
ASP HB3  H  N N 71  
ASP HD2  H  N N 72  
ASP HXT  H  N N 73  
CA  CA   CA N N 74  
CYS N    N  N N 75  
CYS CA   C  N R 76  
CYS C    C  N N 77  
CYS O    O  N N 78  
CYS CB   C  N N 79  
CYS SG   S  N N 80  
CYS OXT  O  N N 81  
CYS H    H  N N 82  
CYS H2   H  N N 83  
CYS HA   H  N N 84  
CYS HB2  H  N N 85  
CYS HB3  H  N N 86  
CYS HG   H  N N 87  
CYS HXT  H  N N 88  
GLN N    N  N N 89  
GLN CA   C  N S 90  
GLN C    C  N N 91  
GLN O    O  N N 92  
GLN CB   C  N N 93  
GLN CG   C  N N 94  
GLN CD   C  N N 95  
GLN OE1  O  N N 96  
GLN NE2  N  N N 97  
GLN OXT  O  N N 98  
GLN H    H  N N 99  
GLN H2   H  N N 100 
GLN HA   H  N N 101 
GLN HB2  H  N N 102 
GLN HB3  H  N N 103 
GLN HG2  H  N N 104 
GLN HG3  H  N N 105 
GLN HE21 H  N N 106 
GLN HE22 H  N N 107 
GLN HXT  H  N N 108 
GLU N    N  N N 109 
GLU CA   C  N S 110 
GLU C    C  N N 111 
GLU O    O  N N 112 
GLU CB   C  N N 113 
GLU CG   C  N N 114 
GLU CD   C  N N 115 
GLU OE1  O  N N 116 
GLU OE2  O  N N 117 
GLU OXT  O  N N 118 
GLU H    H  N N 119 
GLU H2   H  N N 120 
GLU HA   H  N N 121 
GLU HB2  H  N N 122 
GLU HB3  H  N N 123 
GLU HG2  H  N N 124 
GLU HG3  H  N N 125 
GLU HE2  H  N N 126 
GLU HXT  H  N N 127 
GLY N    N  N N 128 
GLY CA   C  N N 129 
GLY C    C  N N 130 
GLY O    O  N N 131 
GLY OXT  O  N N 132 
GLY H    H  N N 133 
GLY H2   H  N N 134 
GLY HA2  H  N N 135 
GLY HA3  H  N N 136 
GLY HXT  H  N N 137 
HIS N    N  N N 138 
HIS CA   C  N S 139 
HIS C    C  N N 140 
HIS O    O  N N 141 
HIS CB   C  N N 142 
HIS CG   C  Y N 143 
HIS ND1  N  Y N 144 
HIS CD2  C  Y N 145 
HIS CE1  C  Y N 146 
HIS NE2  N  Y N 147 
HIS OXT  O  N N 148 
HIS H    H  N N 149 
HIS H2   H  N N 150 
HIS HA   H  N N 151 
HIS HB2  H  N N 152 
HIS HB3  H  N N 153 
HIS HD1  H  N N 154 
HIS HD2  H  N N 155 
HIS HE1  H  N N 156 
HIS HE2  H  N N 157 
HIS HXT  H  N N 158 
HOH O    O  N N 159 
HOH H1   H  N N 160 
HOH H2   H  N N 161 
ILE N    N  N N 162 
ILE CA   C  N S 163 
ILE C    C  N N 164 
ILE O    O  N N 165 
ILE CB   C  N S 166 
ILE CG1  C  N N 167 
ILE CG2  C  N N 168 
ILE CD1  C  N N 169 
ILE OXT  O  N N 170 
ILE H    H  N N 171 
ILE H2   H  N N 172 
ILE HA   H  N N 173 
ILE HB   H  N N 174 
ILE HG12 H  N N 175 
ILE HG13 H  N N 176 
ILE HG21 H  N N 177 
ILE HG22 H  N N 178 
ILE HG23 H  N N 179 
ILE HD11 H  N N 180 
ILE HD12 H  N N 181 
ILE HD13 H  N N 182 
ILE HXT  H  N N 183 
LEU N    N  N N 184 
LEU CA   C  N S 185 
LEU C    C  N N 186 
LEU O    O  N N 187 
LEU CB   C  N N 188 
LEU CG   C  N N 189 
LEU CD1  C  N N 190 
LEU CD2  C  N N 191 
LEU OXT  O  N N 192 
LEU H    H  N N 193 
LEU H2   H  N N 194 
LEU HA   H  N N 195 
LEU HB2  H  N N 196 
LEU HB3  H  N N 197 
LEU HG   H  N N 198 
LEU HD11 H  N N 199 
LEU HD12 H  N N 200 
LEU HD13 H  N N 201 
LEU HD21 H  N N 202 
LEU HD22 H  N N 203 
LEU HD23 H  N N 204 
LEU HXT  H  N N 205 
LYS N    N  N N 206 
LYS CA   C  N S 207 
LYS C    C  N N 208 
LYS O    O  N N 209 
LYS CB   C  N N 210 
LYS CG   C  N N 211 
LYS CD   C  N N 212 
LYS CE   C  N N 213 
LYS NZ   N  N N 214 
LYS OXT  O  N N 215 
LYS H    H  N N 216 
LYS H2   H  N N 217 
LYS HA   H  N N 218 
LYS HB2  H  N N 219 
LYS HB3  H  N N 220 
LYS HG2  H  N N 221 
LYS HG3  H  N N 222 
LYS HD2  H  N N 223 
LYS HD3  H  N N 224 
LYS HE2  H  N N 225 
LYS HE3  H  N N 226 
LYS HZ1  H  N N 227 
LYS HZ2  H  N N 228 
LYS HZ3  H  N N 229 
LYS HXT  H  N N 230 
MET N    N  N N 231 
MET CA   C  N S 232 
MET C    C  N N 233 
MET O    O  N N 234 
MET CB   C  N N 235 
MET CG   C  N N 236 
MET SD   S  N N 237 
MET CE   C  N N 238 
MET OXT  O  N N 239 
MET H    H  N N 240 
MET H2   H  N N 241 
MET HA   H  N N 242 
MET HB2  H  N N 243 
MET HB3  H  N N 244 
MET HG2  H  N N 245 
MET HG3  H  N N 246 
MET HE1  H  N N 247 
MET HE2  H  N N 248 
MET HE3  H  N N 249 
MET HXT  H  N N 250 
MIY O8   O  N N 251 
MIY C21  C  N N 252 
MIY N2   N  N N 253 
MIY C2   C  N N 254 
MIY C1   C  N N 255 
MIY O1   O  N N 256 
MIY C3   C  N N 257 
MIY O2   O  N N 258 
MIY C4   C  N S 259 
MIY N1   N  N N 260 
MIY C20  C  N N 261 
MIY C19  C  N N 262 
MIY C5   C  N S 263 
MIY C18  C  N S 264 
MIY O7   O  N N 265 
MIY C17  C  N N 266 
MIY O6   O  N N 267 
MIY C16  C  N N 268 
MIY C7   C  N R 269 
MIY C6   C  N N 270 
MIY C15  C  N N 271 
MIY O5   O  N N 272 
MIY C14  C  Y N 273 
MIY C9   C  Y N 274 
MIY C8   C  N N 275 
MIY C13  C  Y N 276 
MIY O4   O  N N 277 
MIY C12  C  Y N 278 
MIY C11  C  Y N 279 
MIY C10  C  Y N 280 
MIY N7   N  N N 281 
MIY CN7  C  N N 282 
MIY C71  C  N N 283 
MIY HN21 H  N N 284 
MIY HN22 H  N N 285 
MIY HO2  H  N N 286 
MIY H4   H  N N 287 
MIY H201 H  N N 288 
MIY H202 H  N N 289 
MIY H203 H  N N 290 
MIY H191 H  N N 291 
MIY H192 H  N N 292 
MIY H193 H  N N 293 
MIY H5   H  N N 294 
MIY HO7  H  N N 295 
MIY HO6  H  N N 296 
MIY H7   H  N N 297 
MIY H61  H  N N 298 
MIY H62  H  N N 299 
MIY H81  H  N N 300 
MIY H82  H  N N 301 
MIY HO4  H  N N 302 
MIY H12  H  N N 303 
MIY H11  H  N N 304 
MIY HN71 H  N N 305 
MIY HN72 H  N N 306 
MIY HN73 H  N N 307 
MIY H711 H  N N 308 
MIY H712 H  N N 309 
MIY H713 H  N N 310 
PHE N    N  N N 311 
PHE CA   C  N S 312 
PHE C    C  N N 313 
PHE O    O  N N 314 
PHE CB   C  N N 315 
PHE CG   C  Y N 316 
PHE CD1  C  Y N 317 
PHE CD2  C  Y N 318 
PHE CE1  C  Y N 319 
PHE CE2  C  Y N 320 
PHE CZ   C  Y N 321 
PHE OXT  O  N N 322 
PHE H    H  N N 323 
PHE H2   H  N N 324 
PHE HA   H  N N 325 
PHE HB2  H  N N 326 
PHE HB3  H  N N 327 
PHE HD1  H  N N 328 
PHE HD2  H  N N 329 
PHE HE1  H  N N 330 
PHE HE2  H  N N 331 
PHE HZ   H  N N 332 
PHE HXT  H  N N 333 
PRO N    N  N N 334 
PRO CA   C  N S 335 
PRO C    C  N N 336 
PRO O    O  N N 337 
PRO CB   C  N N 338 
PRO CG   C  N N 339 
PRO CD   C  N N 340 
PRO OXT  O  N N 341 
PRO H    H  N N 342 
PRO HA   H  N N 343 
PRO HB2  H  N N 344 
PRO HB3  H  N N 345 
PRO HG2  H  N N 346 
PRO HG3  H  N N 347 
PRO HD2  H  N N 348 
PRO HD3  H  N N 349 
PRO HXT  H  N N 350 
SER N    N  N N 351 
SER CA   C  N S 352 
SER C    C  N N 353 
SER O    O  N N 354 
SER CB   C  N N 355 
SER OG   O  N N 356 
SER OXT  O  N N 357 
SER H    H  N N 358 
SER H2   H  N N 359 
SER HA   H  N N 360 
SER HB2  H  N N 361 
SER HB3  H  N N 362 
SER HG   H  N N 363 
SER HXT  H  N N 364 
SO4 S    S  N N 365 
SO4 O1   O  N N 366 
SO4 O2   O  N N 367 
SO4 O3   O  N N 368 
SO4 O4   O  N N 369 
THR N    N  N N 370 
THR CA   C  N S 371 
THR C    C  N N 372 
THR O    O  N N 373 
THR CB   C  N R 374 
THR OG1  O  N N 375 
THR CG2  C  N N 376 
THR OXT  O  N N 377 
THR H    H  N N 378 
THR H2   H  N N 379 
THR HA   H  N N 380 
THR HB   H  N N 381 
THR HG1  H  N N 382 
THR HG21 H  N N 383 
THR HG22 H  N N 384 
THR HG23 H  N N 385 
THR HXT  H  N N 386 
TRP N    N  N N 387 
TRP CA   C  N S 388 
TRP C    C  N N 389 
TRP O    O  N N 390 
TRP CB   C  N N 391 
TRP CG   C  Y N 392 
TRP CD1  C  Y N 393 
TRP CD2  C  Y N 394 
TRP NE1  N  Y N 395 
TRP CE2  C  Y N 396 
TRP CE3  C  Y N 397 
TRP CZ2  C  Y N 398 
TRP CZ3  C  Y N 399 
TRP CH2  C  Y N 400 
TRP OXT  O  N N 401 
TRP H    H  N N 402 
TRP H2   H  N N 403 
TRP HA   H  N N 404 
TRP HB2  H  N N 405 
TRP HB3  H  N N 406 
TRP HD1  H  N N 407 
TRP HE1  H  N N 408 
TRP HE3  H  N N 409 
TRP HZ2  H  N N 410 
TRP HZ3  H  N N 411 
TRP HH2  H  N N 412 
TRP HXT  H  N N 413 
TYR N    N  N N 414 
TYR CA   C  N S 415 
TYR C    C  N N 416 
TYR O    O  N N 417 
TYR CB   C  N N 418 
TYR CG   C  Y N 419 
TYR CD1  C  Y N 420 
TYR CD2  C  Y N 421 
TYR CE1  C  Y N 422 
TYR CE2  C  Y N 423 
TYR CZ   C  Y N 424 
TYR OH   O  N N 425 
TYR OXT  O  N N 426 
TYR H    H  N N 427 
TYR H2   H  N N 428 
TYR HA   H  N N 429 
TYR HB2  H  N N 430 
TYR HB3  H  N N 431 
TYR HD1  H  N N 432 
TYR HD2  H  N N 433 
TYR HE1  H  N N 434 
TYR HE2  H  N N 435 
TYR HH   H  N N 436 
TYR HXT  H  N N 437 
VAL N    N  N N 438 
VAL CA   C  N S 439 
VAL C    C  N N 440 
VAL O    O  N N 441 
VAL CB   C  N N 442 
VAL CG1  C  N N 443 
VAL CG2  C  N N 444 
VAL OXT  O  N N 445 
VAL H    H  N N 446 
VAL H2   H  N N 447 
VAL HA   H  N N 448 
VAL HB   H  N N 449 
VAL HG11 H  N N 450 
VAL HG12 H  N N 451 
VAL HG13 H  N N 452 
VAL HG21 H  N N 453 
VAL HG22 H  N N 454 
VAL HG23 H  N N 455 
VAL HXT  H  N N 456 
# 
loop_
_chem_comp_bond.comp_id 
_chem_comp_bond.atom_id_1 
_chem_comp_bond.atom_id_2 
_chem_comp_bond.value_order 
_chem_comp_bond.pdbx_aromatic_flag 
_chem_comp_bond.pdbx_stereo_config 
_chem_comp_bond.pdbx_ordinal 
ALA N   CA   sing N N 1   
ALA N   H    sing N N 2   
ALA N   H2   sing N N 3   
ALA CA  C    sing N N 4   
ALA CA  CB   sing N N 5   
ALA CA  HA   sing N N 6   
ALA C   O    doub N N 7   
ALA C   OXT  sing N N 8   
ALA CB  HB1  sing N N 9   
ALA CB  HB2  sing N N 10  
ALA CB  HB3  sing N N 11  
ALA OXT HXT  sing N N 12  
ARG N   CA   sing N N 13  
ARG N   H    sing N N 14  
ARG N   H2   sing N N 15  
ARG CA  C    sing N N 16  
ARG CA  CB   sing N N 17  
ARG CA  HA   sing N N 18  
ARG C   O    doub N N 19  
ARG C   OXT  sing N N 20  
ARG CB  CG   sing N N 21  
ARG CB  HB2  sing N N 22  
ARG CB  HB3  sing N N 23  
ARG CG  CD   sing N N 24  
ARG CG  HG2  sing N N 25  
ARG CG  HG3  sing N N 26  
ARG CD  NE   sing N N 27  
ARG CD  HD2  sing N N 28  
ARG CD  HD3  sing N N 29  
ARG NE  CZ   sing N N 30  
ARG NE  HE   sing N N 31  
ARG CZ  NH1  sing N N 32  
ARG CZ  NH2  doub N N 33  
ARG NH1 HH11 sing N N 34  
ARG NH1 HH12 sing N N 35  
ARG NH2 HH21 sing N N 36  
ARG NH2 HH22 sing N N 37  
ARG OXT HXT  sing N N 38  
ASN N   CA   sing N N 39  
ASN N   H    sing N N 40  
ASN N   H2   sing N N 41  
ASN CA  C    sing N N 42  
ASN CA  CB   sing N N 43  
ASN CA  HA   sing N N 44  
ASN C   O    doub N N 45  
ASN C   OXT  sing N N 46  
ASN CB  CG   sing N N 47  
ASN CB  HB2  sing N N 48  
ASN CB  HB3  sing N N 49  
ASN CG  OD1  doub N N 50  
ASN CG  ND2  sing N N 51  
ASN ND2 HD21 sing N N 52  
ASN ND2 HD22 sing N N 53  
ASN OXT HXT  sing N N 54  
ASP N   CA   sing N N 55  
ASP N   H    sing N N 56  
ASP N   H2   sing N N 57  
ASP CA  C    sing N N 58  
ASP CA  CB   sing N N 59  
ASP CA  HA   sing N N 60  
ASP C   O    doub N N 61  
ASP C   OXT  sing N N 62  
ASP CB  CG   sing N N 63  
ASP CB  HB2  sing N N 64  
ASP CB  HB3  sing N N 65  
ASP CG  OD1  doub N N 66  
ASP CG  OD2  sing N N 67  
ASP OD2 HD2  sing N N 68  
ASP OXT HXT  sing N N 69  
CYS N   CA   sing N N 70  
CYS N   H    sing N N 71  
CYS N   H2   sing N N 72  
CYS CA  C    sing N N 73  
CYS CA  CB   sing N N 74  
CYS CA  HA   sing N N 75  
CYS C   O    doub N N 76  
CYS C   OXT  sing N N 77  
CYS CB  SG   sing N N 78  
CYS CB  HB2  sing N N 79  
CYS CB  HB3  sing N N 80  
CYS SG  HG   sing N N 81  
CYS OXT HXT  sing N N 82  
GLN N   CA   sing N N 83  
GLN N   H    sing N N 84  
GLN N   H2   sing N N 85  
GLN CA  C    sing N N 86  
GLN CA  CB   sing N N 87  
GLN CA  HA   sing N N 88  
GLN C   O    doub N N 89  
GLN C   OXT  sing N N 90  
GLN CB  CG   sing N N 91  
GLN CB  HB2  sing N N 92  
GLN CB  HB3  sing N N 93  
GLN CG  CD   sing N N 94  
GLN CG  HG2  sing N N 95  
GLN CG  HG3  sing N N 96  
GLN CD  OE1  doub N N 97  
GLN CD  NE2  sing N N 98  
GLN NE2 HE21 sing N N 99  
GLN NE2 HE22 sing N N 100 
GLN OXT HXT  sing N N 101 
GLU N   CA   sing N N 102 
GLU N   H    sing N N 103 
GLU N   H2   sing N N 104 
GLU CA  C    sing N N 105 
GLU CA  CB   sing N N 106 
GLU CA  HA   sing N N 107 
GLU C   O    doub N N 108 
GLU C   OXT  sing N N 109 
GLU CB  CG   sing N N 110 
GLU CB  HB2  sing N N 111 
GLU CB  HB3  sing N N 112 
GLU CG  CD   sing N N 113 
GLU CG  HG2  sing N N 114 
GLU CG  HG3  sing N N 115 
GLU CD  OE1  doub N N 116 
GLU CD  OE2  sing N N 117 
GLU OE2 HE2  sing N N 118 
GLU OXT HXT  sing N N 119 
GLY N   CA   sing N N 120 
GLY N   H    sing N N 121 
GLY N   H2   sing N N 122 
GLY CA  C    sing N N 123 
GLY CA  HA2  sing N N 124 
GLY CA  HA3  sing N N 125 
GLY C   O    doub N N 126 
GLY C   OXT  sing N N 127 
GLY OXT HXT  sing N N 128 
HIS N   CA   sing N N 129 
HIS N   H    sing N N 130 
HIS N   H2   sing N N 131 
HIS CA  C    sing N N 132 
HIS CA  CB   sing N N 133 
HIS CA  HA   sing N N 134 
HIS C   O    doub N N 135 
HIS C   OXT  sing N N 136 
HIS CB  CG   sing N N 137 
HIS CB  HB2  sing N N 138 
HIS CB  HB3  sing N N 139 
HIS CG  ND1  sing Y N 140 
HIS CG  CD2  doub Y N 141 
HIS ND1 CE1  doub Y N 142 
HIS ND1 HD1  sing N N 143 
HIS CD2 NE2  sing Y N 144 
HIS CD2 HD2  sing N N 145 
HIS CE1 NE2  sing Y N 146 
HIS CE1 HE1  sing N N 147 
HIS NE2 HE2  sing N N 148 
HIS OXT HXT  sing N N 149 
HOH O   H1   sing N N 150 
HOH O   H2   sing N N 151 
ILE N   CA   sing N N 152 
ILE N   H    sing N N 153 
ILE N   H2   sing N N 154 
ILE CA  C    sing N N 155 
ILE CA  CB   sing N N 156 
ILE CA  HA   sing N N 157 
ILE C   O    doub N N 158 
ILE C   OXT  sing N N 159 
ILE CB  CG1  sing N N 160 
ILE CB  CG2  sing N N 161 
ILE CB  HB   sing N N 162 
ILE CG1 CD1  sing N N 163 
ILE CG1 HG12 sing N N 164 
ILE CG1 HG13 sing N N 165 
ILE CG2 HG21 sing N N 166 
ILE CG2 HG22 sing N N 167 
ILE CG2 HG23 sing N N 168 
ILE CD1 HD11 sing N N 169 
ILE CD1 HD12 sing N N 170 
ILE CD1 HD13 sing N N 171 
ILE OXT HXT  sing N N 172 
LEU N   CA   sing N N 173 
LEU N   H    sing N N 174 
LEU N   H2   sing N N 175 
LEU CA  C    sing N N 176 
LEU CA  CB   sing N N 177 
LEU CA  HA   sing N N 178 
LEU C   O    doub N N 179 
LEU C   OXT  sing N N 180 
LEU CB  CG   sing N N 181 
LEU CB  HB2  sing N N 182 
LEU CB  HB3  sing N N 183 
LEU CG  CD1  sing N N 184 
LEU CG  CD2  sing N N 185 
LEU CG  HG   sing N N 186 
LEU CD1 HD11 sing N N 187 
LEU CD1 HD12 sing N N 188 
LEU CD1 HD13 sing N N 189 
LEU CD2 HD21 sing N N 190 
LEU CD2 HD22 sing N N 191 
LEU CD2 HD23 sing N N 192 
LEU OXT HXT  sing N N 193 
LYS N   CA   sing N N 194 
LYS N   H    sing N N 195 
LYS N   H2   sing N N 196 
LYS CA  C    sing N N 197 
LYS CA  CB   sing N N 198 
LYS CA  HA   sing N N 199 
LYS C   O    doub N N 200 
LYS C   OXT  sing N N 201 
LYS CB  CG   sing N N 202 
LYS CB  HB2  sing N N 203 
LYS CB  HB3  sing N N 204 
LYS CG  CD   sing N N 205 
LYS CG  HG2  sing N N 206 
LYS CG  HG3  sing N N 207 
LYS CD  CE   sing N N 208 
LYS CD  HD2  sing N N 209 
LYS CD  HD3  sing N N 210 
LYS CE  NZ   sing N N 211 
LYS CE  HE2  sing N N 212 
LYS CE  HE3  sing N N 213 
LYS NZ  HZ1  sing N N 214 
LYS NZ  HZ2  sing N N 215 
LYS NZ  HZ3  sing N N 216 
LYS OXT HXT  sing N N 217 
MET N   CA   sing N N 218 
MET N   H    sing N N 219 
MET N   H2   sing N N 220 
MET CA  C    sing N N 221 
MET CA  CB   sing N N 222 
MET CA  HA   sing N N 223 
MET C   O    doub N N 224 
MET C   OXT  sing N N 225 
MET CB  CG   sing N N 226 
MET CB  HB2  sing N N 227 
MET CB  HB3  sing N N 228 
MET CG  SD   sing N N 229 
MET CG  HG2  sing N N 230 
MET CG  HG3  sing N N 231 
MET SD  CE   sing N N 232 
MET CE  HE1  sing N N 233 
MET CE  HE2  sing N N 234 
MET CE  HE3  sing N N 235 
MET OXT HXT  sing N N 236 
MIY O8  C21  doub N N 237 
MIY C21 N2   sing N N 238 
MIY C21 C2   sing N N 239 
MIY N2  HN21 sing N N 240 
MIY N2  HN22 sing N N 241 
MIY C2  C1   sing N N 242 
MIY C2  C3   doub N N 243 
MIY C1  O1   doub N N 244 
MIY C1  C18  sing N N 245 
MIY C3  O2   sing N N 246 
MIY C3  C4   sing N N 247 
MIY O2  HO2  sing N N 248 
MIY C4  N1   sing N N 249 
MIY C4  C5   sing N N 250 
MIY C4  H4   sing N N 251 
MIY N1  C20  sing N N 252 
MIY N1  C19  sing N N 253 
MIY C20 H201 sing N N 254 
MIY C20 H202 sing N N 255 
MIY C20 H203 sing N N 256 
MIY C19 H191 sing N N 257 
MIY C19 H192 sing N N 258 
MIY C19 H193 sing N N 259 
MIY C5  C18  sing N N 260 
MIY C5  C6   sing N N 261 
MIY C5  H5   sing N N 262 
MIY C18 O7   sing N N 263 
MIY C18 C17  sing N N 264 
MIY O7  HO7  sing N N 265 
MIY C17 O6   sing N N 266 
MIY C17 C16  doub N N 267 
MIY O6  HO6  sing N N 268 
MIY C16 C7   sing N N 269 
MIY C16 C15  sing N N 270 
MIY C7  C6   sing N N 271 
MIY C7  C8   sing N N 272 
MIY C7  H7   sing N N 273 
MIY C6  H61  sing N N 274 
MIY C6  H62  sing N N 275 
MIY C15 O5   doub N N 276 
MIY C15 C14  sing N N 277 
MIY C14 C9   doub Y N 278 
MIY C14 C13  sing Y N 279 
MIY C9  C8   sing N N 280 
MIY C9  C10  sing Y N 281 
MIY C8  H81  sing N N 282 
MIY C8  H82  sing N N 283 
MIY C13 O4   sing N N 284 
MIY C13 C12  doub Y N 285 
MIY O4  HO4  sing N N 286 
MIY C12 C11  sing Y N 287 
MIY C12 H12  sing N N 288 
MIY C11 C10  doub Y N 289 
MIY C11 H11  sing N N 290 
MIY C10 N7   sing N N 291 
MIY N7  CN7  sing N N 292 
MIY N7  C71  sing N N 293 
MIY CN7 HN71 sing N N 294 
MIY CN7 HN72 sing N N 295 
MIY CN7 HN73 sing N N 296 
MIY C71 H711 sing N N 297 
MIY C71 H712 sing N N 298 
MIY C71 H713 sing N N 299 
PHE N   CA   sing N N 300 
PHE N   H    sing N N 301 
PHE N   H2   sing N N 302 
PHE CA  C    sing N N 303 
PHE CA  CB   sing N N 304 
PHE CA  HA   sing N N 305 
PHE C   O    doub N N 306 
PHE C   OXT  sing N N 307 
PHE CB  CG   sing N N 308 
PHE CB  HB2  sing N N 309 
PHE CB  HB3  sing N N 310 
PHE CG  CD1  doub Y N 311 
PHE CG  CD2  sing Y N 312 
PHE CD1 CE1  sing Y N 313 
PHE CD1 HD1  sing N N 314 
PHE CD2 CE2  doub Y N 315 
PHE CD2 HD2  sing N N 316 
PHE CE1 CZ   doub Y N 317 
PHE CE1 HE1  sing N N 318 
PHE CE2 CZ   sing Y N 319 
PHE CE2 HE2  sing N N 320 
PHE CZ  HZ   sing N N 321 
PHE OXT HXT  sing N N 322 
PRO N   CA   sing N N 323 
PRO N   CD   sing N N 324 
PRO N   H    sing N N 325 
PRO CA  C    sing N N 326 
PRO CA  CB   sing N N 327 
PRO CA  HA   sing N N 328 
PRO C   O    doub N N 329 
PRO C   OXT  sing N N 330 
PRO CB  CG   sing N N 331 
PRO CB  HB2  sing N N 332 
PRO CB  HB3  sing N N 333 
PRO CG  CD   sing N N 334 
PRO CG  HG2  sing N N 335 
PRO CG  HG3  sing N N 336 
PRO CD  HD2  sing N N 337 
PRO CD  HD3  sing N N 338 
PRO OXT HXT  sing N N 339 
SER N   CA   sing N N 340 
SER N   H    sing N N 341 
SER N   H2   sing N N 342 
SER CA  C    sing N N 343 
SER CA  CB   sing N N 344 
SER CA  HA   sing N N 345 
SER C   O    doub N N 346 
SER C   OXT  sing N N 347 
SER CB  OG   sing N N 348 
SER CB  HB2  sing N N 349 
SER CB  HB3  sing N N 350 
SER OG  HG   sing N N 351 
SER OXT HXT  sing N N 352 
SO4 S   O1   doub N N 353 
SO4 S   O2   doub N N 354 
SO4 S   O3   sing N N 355 
SO4 S   O4   sing N N 356 
THR N   CA   sing N N 357 
THR N   H    sing N N 358 
THR N   H2   sing N N 359 
THR CA  C    sing N N 360 
THR CA  CB   sing N N 361 
THR CA  HA   sing N N 362 
THR C   O    doub N N 363 
THR C   OXT  sing N N 364 
THR CB  OG1  sing N N 365 
THR CB  CG2  sing N N 366 
THR CB  HB   sing N N 367 
THR OG1 HG1  sing N N 368 
THR CG2 HG21 sing N N 369 
THR CG2 HG22 sing N N 370 
THR CG2 HG23 sing N N 371 
THR OXT HXT  sing N N 372 
TRP N   CA   sing N N 373 
TRP N   H    sing N N 374 
TRP N   H2   sing N N 375 
TRP CA  C    sing N N 376 
TRP CA  CB   sing N N 377 
TRP CA  HA   sing N N 378 
TRP C   O    doub N N 379 
TRP C   OXT  sing N N 380 
TRP CB  CG   sing N N 381 
TRP CB  HB2  sing N N 382 
TRP CB  HB3  sing N N 383 
TRP CG  CD1  doub Y N 384 
TRP CG  CD2  sing Y N 385 
TRP CD1 NE1  sing Y N 386 
TRP CD1 HD1  sing N N 387 
TRP CD2 CE2  doub Y N 388 
TRP CD2 CE3  sing Y N 389 
TRP NE1 CE2  sing Y N 390 
TRP NE1 HE1  sing N N 391 
TRP CE2 CZ2  sing Y N 392 
TRP CE3 CZ3  doub Y N 393 
TRP CE3 HE3  sing N N 394 
TRP CZ2 CH2  doub Y N 395 
TRP CZ2 HZ2  sing N N 396 
TRP CZ3 CH2  sing Y N 397 
TRP CZ3 HZ3  sing N N 398 
TRP CH2 HH2  sing N N 399 
TRP OXT HXT  sing N N 400 
TYR N   CA   sing N N 401 
TYR N   H    sing N N 402 
TYR N   H2   sing N N 403 
TYR CA  C    sing N N 404 
TYR CA  CB   sing N N 405 
TYR CA  HA   sing N N 406 
TYR C   O    doub N N 407 
TYR C   OXT  sing N N 408 
TYR CB  CG   sing N N 409 
TYR CB  HB2  sing N N 410 
TYR CB  HB3  sing N N 411 
TYR CG  CD1  doub Y N 412 
TYR CG  CD2  sing Y N 413 
TYR CD1 CE1  sing Y N 414 
TYR CD1 HD1  sing N N 415 
TYR CD2 CE2  doub Y N 416 
TYR CD2 HD2  sing N N 417 
TYR CE1 CZ   doub Y N 418 
TYR CE1 HE1  sing N N 419 
TYR CE2 CZ   sing Y N 420 
TYR CE2 HE2  sing N N 421 
TYR CZ  OH   sing N N 422 
TYR OH  HH   sing N N 423 
TYR OXT HXT  sing N N 424 
VAL N   CA   sing N N 425 
VAL N   H    sing N N 426 
VAL N   H2   sing N N 427 
VAL CA  C    sing N N 428 
VAL CA  CB   sing N N 429 
VAL CA  HA   sing N N 430 
VAL C   O    doub N N 431 
VAL C   OXT  sing N N 432 
VAL CB  CG1  sing N N 433 
VAL CB  CG2  sing N N 434 
VAL CB  HB   sing N N 435 
VAL CG1 HG11 sing N N 436 
VAL CG1 HG12 sing N N 437 
VAL CG1 HG13 sing N N 438 
VAL CG2 HG21 sing N N 439 
VAL CG2 HG22 sing N N 440 
VAL CG2 HG23 sing N N 441 
VAL OXT HXT  sing N N 442 
# 
_pdbx_initial_refinement_model.id               1 
_pdbx_initial_refinement_model.entity_id_list   ? 
_pdbx_initial_refinement_model.type             'experimental model' 
_pdbx_initial_refinement_model.source_name      PDB 
_pdbx_initial_refinement_model.accession_code   1A3D 
_pdbx_initial_refinement_model.details          'PDB ENTRY 1A3D' 
# 
_atom_sites.entry_id                    2WQ5 
_atom_sites.fract_transf_matrix[1][1]   0.00557042 
_atom_sites.fract_transf_matrix[1][2]   0.01072609 
_atom_sites.fract_transf_matrix[1][3]   -0.00810625 
_atom_sites.fract_transf_matrix[2][1]   0.00281740 
_atom_sites.fract_transf_matrix[2][2]   0.00764839 
_atom_sites.fract_transf_matrix[2][3]   0.01205629 
_atom_sites.fract_transf_matrix[3][1]   0.01314620 
_atom_sites.fract_transf_matrix[3][2]   -0.00618410 
_atom_sites.fract_transf_matrix[3][3]   0.00085103 
_atom_sites.fract_transf_vector[1]      -0.153143 
_atom_sites.fract_transf_vector[2]      0.062969 
_atom_sites.fract_transf_vector[3]      0.220919 
# 
loop_
_atom_type.symbol 
C  
CA 
N  
O  
S  
# 
loop_
_atom_site.group_PDB 
_atom_site.id 
_atom_site.type_symbol 
_atom_site.label_atom_id 
_atom_site.label_alt_id 
_atom_site.label_comp_id 
_atom_site.label_asym_id 
_atom_site.label_entity_id 
_atom_site.label_seq_id 
_atom_site.pdbx_PDB_ins_code 
_atom_site.Cartn_x 
_atom_site.Cartn_y 
_atom_site.Cartn_z 
_atom_site.occupancy 
_atom_site.B_iso_or_equiv 
_atom_site.pdbx_formal_charge 
_atom_site.auth_seq_id 
_atom_site.auth_comp_id 
_atom_site.auth_asym_id 
_atom_site.auth_atom_id 
_atom_site.pdbx_PDB_model_num 
ATOM   1    N  N   . ASN A 1 1   ? 3.952   -9.213  3.486   1.00 30.37 ? 1    ASN A N   1 
ATOM   2    C  CA  . ASN A 1 1   ? 3.902   -8.643  4.851   1.00 29.94 ? 1    ASN A CA  1 
ATOM   3    C  C   . ASN A 1 1   ? 4.371   -7.211  4.835   1.00 30.88 ? 1    ASN A C   1 
ATOM   4    O  O   . ASN A 1 1   ? 4.839   -6.704  3.783   1.00 29.63 ? 1    ASN A O   1 
ATOM   5    C  CB  . ASN A 1 1   ? 4.668   -9.532  5.835   1.00 30.25 ? 1    ASN A CB  1 
ATOM   6    C  CG  . ASN A 1 1   ? 6.169   -9.458  5.677   1.00 31.13 ? 1    ASN A CG  1 
ATOM   7    O  OD1 . ASN A 1 1   ? 6.741   -8.406  5.393   1.00 31.84 ? 1    ASN A OD1 1 
ATOM   8    N  ND2 . ASN A 1 1   ? 6.828   -10.607 5.891   1.00 33.15 ? 1    ASN A ND2 1 
ATOM   9    N  N   . LEU A 1 2   ? 4.272   -6.552  5.980   1.00 32.58 ? 2    LEU A N   1 
ATOM   10   C  CA  . LEU A 1 2   ? 4.535   -5.112  6.038   1.00 32.71 ? 2    LEU A CA  1 
ATOM   11   C  C   . LEU A 1 2   ? 5.887   -4.716  5.471   1.00 33.21 ? 2    LEU A C   1 
ATOM   12   O  O   . LEU A 1 2   ? 6.022   -3.692  4.784   1.00 34.04 ? 2    LEU A O   1 
ATOM   13   C  CB  . LEU A 1 2   ? 4.350   -4.592  7.477   1.00 33.90 ? 2    LEU A CB  1 
ATOM   14   C  CG  . LEU A 1 2   ? 4.514   -3.099  7.752   1.00 34.54 ? 2    LEU A CG  1 
ATOM   15   C  CD1 . LEU A 1 2   ? 3.694   -2.294  6.759   1.00 37.95 ? 2    LEU A CD1 1 
ATOM   16   C  CD2 . LEU A 1 2   ? 4.080   -2.805  9.202   1.00 35.20 ? 2    LEU A CD2 1 
ATOM   17   N  N   . TYR A 1 3   ? 6.905   -5.495  5.785   1.00 31.61 ? 3    TYR A N   1 
ATOM   18   C  CA  . TYR A 1 3   ? 8.244   -5.212  5.301   1.00 32.16 ? 3    TYR A CA  1 
ATOM   19   C  C   . TYR A 1 3   ? 8.295   -5.303  3.813   1.00 32.55 ? 3    TYR A C   1 
ATOM   20   O  O   . TYR A 1 3   ? 8.956   -4.495  3.158   1.00 33.95 ? 3    TYR A O   1 
ATOM   21   C  CB  . TYR A 1 3   ? 9.252   -6.178  5.908   1.00 31.19 ? 3    TYR A CB  1 
ATOM   22   C  CG  . TYR A 1 3   ? 9.735   -5.712  7.246   1.00 32.00 ? 3    TYR A CG  1 
ATOM   23   C  CD1 . TYR A 1 3   ? 10.790  -4.820  7.336   1.00 31.03 ? 3    TYR A CD1 1 
ATOM   24   C  CD2 . TYR A 1 3   ? 9.137   -6.148  8.432   1.00 30.32 ? 3    TYR A CD2 1 
ATOM   25   C  CE1 . TYR A 1 3   ? 11.261  -4.376  8.550   1.00 31.06 ? 3    TYR A CE1 1 
ATOM   26   C  CE2 . TYR A 1 3   ? 9.616   -5.731  9.651   1.00 30.43 ? 3    TYR A CE2 1 
ATOM   27   C  CZ  . TYR A 1 3   ? 10.670  -4.827  9.714   1.00 30.36 ? 3    TYR A CZ  1 
ATOM   28   O  OH  . TYR A 1 3   ? 11.132  -4.384  10.933  1.00 30.96 ? 3    TYR A OH  1 
ATOM   29   N  N   . GLN A 1 4   ? 7.572   -6.266  3.263   1.00 32.57 ? 4    GLN A N   1 
ATOM   30   C  CA  . GLN A 1 4   ? 7.607   -6.480  1.825   1.00 33.03 ? 4    GLN A CA  1 
ATOM   31   C  C   . GLN A 1 4   ? 6.865   -5.358  1.101   1.00 33.28 ? 4    GLN A C   1 
ATOM   32   O  O   . GLN A 1 4   ? 7.296   -4.878  0.027   1.00 33.57 ? 4    GLN A O   1 
ATOM   33   C  CB  . GLN A 1 4   ? 7.028   -7.849  1.506   1.00 33.12 ? 4    GLN A CB  1 
ATOM   34   C  CG  . GLN A 1 4   ? 7.794   -8.958  2.168   1.00 32.93 ? 4    GLN A CG  1 
ATOM   35   C  CD  . GLN A 1 4   ? 7.227   -10.289 1.846   1.00 32.62 ? 4    GLN A CD  1 
ATOM   36   O  OE1 . GLN A 1 4   ? 6.097   -10.584 2.233   1.00 32.98 ? 4    GLN A OE1 1 
ATOM   37   N  NE2 . GLN A 1 4   ? 7.985   -11.110 1.104   1.00 34.15 ? 4    GLN A NE2 1 
ATOM   38   N  N   . PHE A 1 5   ? 5.775   -4.896  1.688   1.00 34.41 ? 5    PHE A N   1 
ATOM   39   C  CA  . PHE A 1 5   ? 5.111   -3.674  1.171   1.00 33.93 ? 5    PHE A CA  1 
ATOM   40   C  C   . PHE A 1 5   ? 6.082   -2.473  1.159   1.00 33.99 ? 5    PHE A C   1 
ATOM   41   O  O   . PHE A 1 5   ? 6.190   -1.756  0.166   1.00 33.55 ? 5    PHE A O   1 
ATOM   42   C  CB  . PHE A 1 5   ? 3.875   -3.332  2.010   1.00 34.31 ? 5    PHE A CB  1 
ATOM   43   C  CG  . PHE A 1 5   ? 3.028   -2.212  1.449   1.00 34.02 ? 5    PHE A CG  1 
ATOM   44   C  CD1 . PHE A 1 5   ? 2.915   -1.986  0.070   1.00 34.65 ? 5    PHE A CD1 1 
ATOM   45   C  CD2 . PHE A 1 5   ? 2.315   -1.393  2.321   1.00 35.57 ? 5    PHE A CD2 1 
ATOM   46   C  CE1 . PHE A 1 5   ? 2.126   -0.943  -0.420  1.00 36.00 ? 5    PHE A CE1 1 
ATOM   47   C  CE2 . PHE A 1 5   ? 1.505   -0.369  1.824   1.00 36.30 ? 5    PHE A CE2 1 
ATOM   48   C  CZ  . PHE A 1 5   ? 1.424   -0.156  0.436   1.00 33.46 ? 5    PHE A CZ  1 
ATOM   49   N  N   . LYS A 1 6   ? 6.796   -2.268  2.265   1.00 33.84 ? 6    LYS A N   1 
ATOM   50   C  CA  . LYS A 1 6   ? 7.801   -1.221  2.362   1.00 33.26 ? 6    LYS A CA  1 
ATOM   51   C  C   . LYS A 1 6   ? 8.819   -1.356  1.230   1.00 33.84 ? 6    LYS A C   1 
ATOM   52   O  O   . LYS A 1 6   ? 9.162   -0.370  0.577   1.00 33.66 ? 6    LYS A O   1 
ATOM   53   C  CB  . LYS A 1 6   ? 8.504   -1.309  3.699   1.00 34.90 ? 6    LYS A CB  1 
ATOM   54   C  CG  . LYS A 1 6   ? 9.558   -0.237  3.893   1.00 35.98 ? 6    LYS A CG  1 
ATOM   55   C  CD  . LYS A 1 6   ? 10.191  -0.282  5.264   1.00 40.10 ? 6    LYS A CD  1 
ATOM   56   C  CE  . LYS A 1 6   ? 10.928  -1.603  5.541   1.00 42.44 ? 6    LYS A CE  1 
ATOM   57   N  NZ  . LYS A 1 6   ? 12.183  -1.871  4.752   1.00 39.87 ? 6    LYS A NZ  1 
ATOM   58   N  N   . ASN A 1 7   ? 9.283   -2.583  0.996   1.00 33.24 ? 7    ASN A N   1 
ATOM   59   C  CA  . ASN A 1 7   ? 10.295  -2.822  -0.018  1.00 33.99 ? 7    ASN A CA  1 
ATOM   60   C  C   . ASN A 1 7   ? 9.771   -2.611  -1.459  1.00 34.07 ? 7    ASN A C   1 
ATOM   61   O  O   . ASN A 1 7   ? 10.531  -2.163  -2.370  1.00 34.23 ? 7    ASN A O   1 
ATOM   62   C  CB  . ASN A 1 7   ? 10.921  -4.197  0.229   1.00 34.02 ? 7    ASN A CB  1 
ATOM   63   C  CG  . ASN A 1 7   ? 11.649  -4.271  1.571   1.00 32.58 ? 7    ASN A CG  1 
ATOM   64   O  OD1 . ASN A 1 7   ? 12.059  -3.245  2.118   1.00 36.91 ? 7    ASN A OD1 1 
ATOM   65   N  ND2 . ASN A 1 7   ? 11.804  -5.475  2.113   1.00 33.84 ? 7    ASN A ND2 1 
ATOM   66   N  N   . MET A 1 8   ? 8.488   -2.904  -1.663  1.00 33.78 ? 8    MET A N   1 
ATOM   67   C  CA  . MET A 1 8   ? 7.864   -2.646  -2.946  1.00 33.70 ? 8    MET A CA  1 
ATOM   68   C  C   . MET A 1 8   ? 7.846   -1.137  -3.222  1.00 34.26 ? 8    MET A C   1 
ATOM   69   O  O   . MET A 1 8   ? 8.112   -0.697  -4.346  1.00 33.22 ? 8    MET A O   1 
ATOM   70   C  CB  . MET A 1 8   ? 6.454   -3.195  -2.968  1.00 34.77 ? 8    MET A CB  1 
ATOM   71   C  CG  . MET A 1 8   ? 6.339   -4.693  -3.137  1.00 34.57 ? 8    MET A CG  1 
ATOM   72   S  SD  . MET A 1 8   ? 4.791   -5.081  -3.991  1.00 33.67 ? 8    MET A SD  1 
ATOM   73   C  CE  . MET A 1 8   ? 4.741   -6.866  -3.794  1.00 33.28 ? 8    MET A CE  1 
ATOM   74   N  N   . ILE A 1 9   ? 7.550   -0.353  -2.189  1.00 34.64 ? 9    ILE A N   1 
ATOM   75   C  CA  . ILE A 1 9   ? 7.503   1.102   -2.322  1.00 35.52 ? 9    ILE A CA  1 
ATOM   76   C  C   . ILE A 1 9   ? 8.898   1.606   -2.577  1.00 36.05 ? 9    ILE A C   1 
ATOM   77   O  O   . ILE A 1 9   ? 9.101   2.497   -3.403  1.00 35.68 ? 9    ILE A O   1 
ATOM   78   C  CB  . ILE A 1 9   ? 6.877   1.778   -1.093  1.00 35.58 ? 9    ILE A CB  1 
ATOM   79   C  CG1 . ILE A 1 9   ? 5.404   1.329   -0.918  1.00 34.78 ? 9    ILE A CG1 1 
ATOM   80   C  CG2 . ILE A 1 9   ? 6.941   3.303   -1.263  1.00 35.31 ? 9    ILE A CG2 1 
ATOM   81   C  CD1 . ILE A 1 9   ? 4.886   1.570   0.481   1.00 36.01 ? 9    ILE A CD1 1 
ATOM   82   N  N   . LYS A 1 10  ? 9.885   0.997   -1.919  1.00 36.42 ? 10   LYS A N   1 
ATOM   83   C  CA  . LYS A 1 10  ? 11.282  1.329   -2.207  1.00 36.66 ? 10   LYS A CA  1 
ATOM   84   C  C   . LYS A 1 10  ? 11.650  1.018   -3.671  1.00 35.61 ? 10   LYS A C   1 
ATOM   85   O  O   . LYS A 1 10  ? 12.418  1.737   -4.303  1.00 34.63 ? 10   LYS A O   1 
ATOM   86   C  CB  . LYS A 1 10  ? 12.204  0.598   -1.237  1.00 37.55 ? 10   LYS A CB  1 
ATOM   87   C  CG  . LYS A 1 10  ? 13.657  0.817   -1.490  1.00 41.14 ? 10   LYS A CG  1 
ATOM   88   C  CD  . LYS A 1 10  ? 14.048  2.234   -1.216  1.00 43.25 ? 10   LYS A CD  1 
ATOM   89   C  CE  . LYS A 1 10  ? 15.385  2.519   -1.800  1.00 44.96 ? 10   LYS A CE  1 
ATOM   90   N  NZ  . LYS A 1 10  ? 15.403  2.240   -3.259  1.00 47.72 ? 10   LYS A NZ  1 
ATOM   91   N  N   . CYS A 1 11  ? 11.094  -0.059  -4.196  1.00 35.14 ? 11   CYS A N   1 
ATOM   92   C  CA  . CYS A 1 11  ? 11.326  -0.460  -5.587  1.00 35.05 ? 11   CYS A CA  1 
ATOM   93   C  C   . CYS A 1 11  ? 10.855  0.580   -6.609  1.00 35.08 ? 11   CYS A C   1 
ATOM   94   O  O   . CYS A 1 11  ? 11.614  0.936   -7.506  1.00 33.92 ? 11   CYS A O   1 
ATOM   95   C  CB  . CYS A 1 11  ? 10.631  -1.805  -5.859  1.00 35.45 ? 11   CYS A CB  1 
ATOM   96   S  SG  . CYS A 1 11  ? 10.993  -2.528  -7.470  1.00 35.42 ? 11   CYS A SG  1 
ATOM   97   N  N   . THR A 1 12  ? 9.614   1.055   -6.468  1.00 35.06 ? 12   THR A N   1 
ATOM   98   C  CA  . THR A 1 12  ? 8.984   1.980   -7.446  1.00 34.35 ? 12   THR A CA  1 
ATOM   99   C  C   . THR A 1 12  ? 9.134   3.460   -7.073  1.00 34.29 ? 12   THR A C   1 
ATOM   100  O  O   . THR A 1 12  ? 8.961   4.353   -7.943  1.00 33.58 ? 12   THR A O   1 
ATOM   101  C  CB  . THR A 1 12  ? 7.453   1.729   -7.583  1.00 33.98 ? 12   THR A CB  1 
ATOM   102  O  OG1 . THR A 1 12  ? 6.839   1.934   -6.303  1.00 36.58 ? 12   THR A OG1 1 
ATOM   103  C  CG2 . THR A 1 12  ? 7.162   0.353   -8.040  1.00 34.73 ? 12   THR A CG2 1 
ATOM   104  N  N   . VAL A 1 13  ? 9.391   3.731   -5.797  1.00 34.42 ? 13   VAL A N   1 
ATOM   105  C  CA  . VAL A 1 13  ? 9.596   5.104   -5.289  1.00 36.10 ? 13   VAL A CA  1 
ATOM   106  C  C   . VAL A 1 13  ? 10.884  5.168   -4.460  1.00 37.34 ? 13   VAL A C   1 
ATOM   107  O  O   . VAL A 1 13  ? 10.859  5.384   -3.242  1.00 37.86 ? 13   VAL A O   1 
ATOM   108  C  CB  . VAL A 1 13  ? 8.400   5.598   -4.402  1.00 36.48 ? 13   VAL A CB  1 
ATOM   109  C  CG1 . VAL A 1 13  ? 8.473   7.131   -4.237  1.00 36.75 ? 13   VAL A CG1 1 
ATOM   110  C  CG2 . VAL A 1 13  ? 7.054   5.177   -4.987  1.00 37.02 ? 13   VAL A CG2 1 
ATOM   111  N  N   . PRO A 1 14  ? 12.023  4.911   -5.102  1.00 38.77 ? 14   PRO A N   1 
ATOM   112  C  CA  . PRO A 1 14  ? 13.274  4.850   -4.353  1.00 40.10 ? 14   PRO A CA  1 
ATOM   113  C  C   . PRO A 1 14  ? 13.708  6.194   -3.729  1.00 41.25 ? 14   PRO A C   1 
ATOM   114  O  O   . PRO A 1 14  ? 14.472  6.181   -2.745  1.00 41.70 ? 14   PRO A O   1 
ATOM   115  C  CB  . PRO A 1 14  ? 14.285  4.397   -5.415  1.00 39.58 ? 14   PRO A CB  1 
ATOM   116  C  CG  . PRO A 1 14  ? 13.728  4.884   -6.694  1.00 39.76 ? 14   PRO A CG  1 
ATOM   117  C  CD  . PRO A 1 14  ? 12.234  4.684   -6.542  1.00 39.33 ? 14   PRO A CD  1 
ATOM   118  N  N   . SER A 1 15  ? 13.222  7.318   -4.268  1.00 42.55 ? 15   SER A N   1 
ATOM   119  C  CA  . SER A 1 15  ? 13.587  8.657   -3.750  1.00 44.20 ? 15   SER A CA  1 
ATOM   120  C  C   . SER A 1 15  ? 12.853  9.044   -2.472  1.00 45.18 ? 15   SER A C   1 
ATOM   121  O  O   . SER A 1 15  ? 13.205  10.059  -1.861  1.00 45.61 ? 15   SER A O   1 
ATOM   122  C  CB  . SER A 1 15  ? 13.344  9.777   -4.781  1.00 44.59 ? 15   SER A CB  1 
ATOM   123  O  OG  . SER A 1 15  ? 13.803  9.467   -6.103  1.00 45.75 ? 15   SER A OG  1 
ATOM   124  N  N   . ARG A 1 16  ? 11.822  8.291   -2.089  1.00 46.08 ? 16   ARG A N   1 
ATOM   125  C  CA  . ARG A 1 16  ? 11.072  8.591   -0.865  1.00 46.46 ? 16   ARG A CA  1 
ATOM   126  C  C   . ARG A 1 16  ? 11.281  7.559   0.226   1.00 46.87 ? 16   ARG A C   1 
ATOM   127  O  O   . ARG A 1 16  ? 11.485  6.364   -0.036  1.00 46.89 ? 16   ARG A O   1 
ATOM   128  C  CB  . ARG A 1 16  ? 9.591   8.724   -1.155  1.00 46.83 ? 16   ARG A CB  1 
ATOM   129  C  CG  . ARG A 1 16  ? 9.273   9.961   -1.942  1.00 47.18 ? 16   ARG A CG  1 
ATOM   130  C  CD  . ARG A 1 16  ? 7.996   10.632  -1.511  1.00 47.02 ? 16   ARG A CD  1 
ATOM   131  N  NE  . ARG A 1 16  ? 7.969   11.994  -2.046  1.00 45.87 ? 16   ARG A NE  1 
ATOM   132  C  CZ  . ARG A 1 16  ? 8.191   13.103  -1.344  1.00 47.04 ? 16   ARG A CZ  1 
ATOM   133  N  NH1 . ARG A 1 16  ? 8.440   13.055  -0.041  1.00 46.64 ? 16   ARG A NH1 1 
ATOM   134  N  NH2 . ARG A 1 16  ? 8.148   14.279  -1.955  1.00 48.05 ? 16   ARG A NH2 1 
ATOM   135  N  N   . SER A 1 17  ? 11.255  8.055   1.460   1.00 46.72 ? 17   SER A N   1 
ATOM   136  C  CA  . SER A 1 17  ? 11.273  7.219   2.637   1.00 46.90 ? 17   SER A CA  1 
ATOM   137  C  C   . SER A 1 17  ? 9.922   6.564   2.768   1.00 46.10 ? 17   SER A C   1 
ATOM   138  O  O   . SER A 1 17  ? 8.898   7.168   2.423   1.00 46.12 ? 17   SER A O   1 
ATOM   139  C  CB  . SER A 1 17  ? 11.523  8.068   3.883   1.00 46.70 ? 17   SER A CB  1 
ATOM   140  O  OG  . SER A 1 17  ? 11.598  7.248   5.039   1.00 49.69 ? 17   SER A OG  1 
ATOM   141  N  N   . TRP A 1 18  ? 9.926   5.354   3.302   1.00 45.62 ? 18   TRP A N   1 
ATOM   142  C  CA  . TRP A 1 18  ? 8.709   4.672   3.739   1.00 45.90 ? 18   TRP A CA  1 
ATOM   143  C  C   . TRP A 1 18  ? 7.889   5.521   4.692   1.00 45.16 ? 18   TRP A C   1 
ATOM   144  O  O   . TRP A 1 18  ? 6.665   5.499   4.660   1.00 45.41 ? 18   TRP A O   1 
ATOM   145  C  CB  . TRP A 1 18  ? 9.081   3.386   4.471   1.00 46.78 ? 18   TRP A CB  1 
ATOM   146  C  CG  . TRP A 1 18  ? 8.008   2.852   5.390   1.00 47.38 ? 18   TRP A CG  1 
ATOM   147  C  CD1 . TRP A 1 18  ? 7.989   2.905   6.759   1.00 47.66 ? 18   TRP A CD1 1 
ATOM   148  C  CD2 . TRP A 1 18  ? 6.806   2.177   5.000   1.00 47.67 ? 18   TRP A CD2 1 
ATOM   149  N  NE1 . TRP A 1 18  ? 6.853   2.305   7.246   1.00 47.05 ? 18   TRP A NE1 1 
ATOM   150  C  CE2 . TRP A 1 18  ? 6.113   1.842   6.186   1.00 48.24 ? 18   TRP A CE2 1 
ATOM   151  C  CE3 . TRP A 1 18  ? 6.253   1.811   3.768   1.00 48.53 ? 18   TRP A CE3 1 
ATOM   152  C  CZ2 . TRP A 1 18  ? 4.894   1.163   6.170   1.00 48.22 ? 18   TRP A CZ2 1 
ATOM   153  C  CZ3 . TRP A 1 18  ? 5.036   1.137   3.761   1.00 48.20 ? 18   TRP A CZ3 1 
ATOM   154  C  CH2 . TRP A 1 18  ? 4.376   0.815   4.955   1.00 47.83 ? 18   TRP A CH2 1 
ATOM   155  N  N   . TRP A 1 19  ? 8.580   6.258   5.555   1.00 43.86 ? 19   TRP A N   1 
ATOM   156  C  CA  . TRP A 1 19  ? 7.921   7.054   6.568   1.00 43.49 ? 19   TRP A CA  1 
ATOM   157  C  C   . TRP A 1 19  ? 7.004   8.125   5.961   1.00 43.05 ? 19   TRP A C   1 
ATOM   158  O  O   . TRP A 1 19  ? 5.989   8.477   6.559   1.00 43.17 ? 19   TRP A O   1 
ATOM   159  C  CB  . TRP A 1 19  ? 8.957   7.641   7.529   1.00 43.57 ? 19   TRP A CB  1 
ATOM   160  C  CG  . TRP A 1 19  ? 9.741   6.530   8.146   1.00 44.49 ? 19   TRP A CG  1 
ATOM   161  C  CD1 . TRP A 1 19  ? 11.039  6.177   7.877   1.00 44.46 ? 19   TRP A CD1 1 
ATOM   162  C  CD2 . TRP A 1 19  ? 9.249   5.565   9.074   1.00 44.35 ? 19   TRP A CD2 1 
ATOM   163  N  NE1 . TRP A 1 19  ? 11.386  5.073   8.610   1.00 45.01 ? 19   TRP A NE1 1 
ATOM   164  C  CE2 . TRP A 1 19  ? 10.306  4.676   9.353   1.00 44.82 ? 19   TRP A CE2 1 
ATOM   165  C  CE3 . TRP A 1 19  ? 8.016   5.366   9.696   1.00 44.35 ? 19   TRP A CE3 1 
ATOM   166  C  CZ2 . TRP A 1 19  ? 10.168  3.606   10.234  1.00 44.57 ? 19   TRP A CZ2 1 
ATOM   167  C  CZ3 . TRP A 1 19  ? 7.880   4.307   10.569  1.00 44.91 ? 19   TRP A CZ3 1 
ATOM   168  C  CH2 . TRP A 1 19  ? 8.947   3.438   10.830  1.00 44.95 ? 19   TRP A CH2 1 
ATOM   169  N  N   . ASP A 1 20  ? 7.330   8.599   4.761   1.00 42.36 ? 20   ASP A N   1 
ATOM   170  C  CA  . ASP A 1 20  ? 6.506   9.628   4.108   1.00 42.63 ? 20   ASP A CA  1 
ATOM   171  C  C   . ASP A 1 20  ? 5.106   9.115   3.756   1.00 42.11 ? 20   ASP A C   1 
ATOM   172  O  O   . ASP A 1 20  ? 4.145   9.875   3.702   1.00 41.54 ? 20   ASP A O   1 
ATOM   173  C  CB  . ASP A 1 20  ? 7.231   10.164  2.872   1.00 43.05 ? 20   ASP A CB  1 
ATOM   174  C  CG  . ASP A 1 20  ? 8.476   10.962  3.230   1.00 44.96 ? 20   ASP A CG  1 
ATOM   175  O  OD1 . ASP A 1 20  ? 8.995   10.797  4.352   1.00 46.92 ? 20   ASP A OD1 1 
ATOM   176  O  OD2 . ASP A 1 20  ? 8.941   11.770  2.411   1.00 48.05 ? 20   ASP A OD2 1 
ATOM   177  N  N   . PHE A 1 21  ? 4.993   7.814   3.540   1.00 42.11 ? 21   PHE A N   1 
ATOM   178  C  CA  . PHE A 1 21  ? 3.732   7.195   3.162   1.00 42.32 ? 21   PHE A CA  1 
ATOM   179  C  C   . PHE A 1 21  ? 3.001   6.561   4.347   1.00 43.20 ? 21   PHE A C   1 
ATOM   180  O  O   . PHE A 1 21  ? 1.861   6.078   4.183   1.00 44.07 ? 21   PHE A O   1 
ATOM   181  C  CB  . PHE A 1 21  ? 4.004   6.096   2.134   1.00 41.91 ? 21   PHE A CB  1 
ATOM   182  C  CG  . PHE A 1 21  ? 4.484   6.612   0.832   1.00 41.05 ? 21   PHE A CG  1 
ATOM   183  C  CD1 . PHE A 1 21  ? 3.592   7.253   -0.034  1.00 41.12 ? 21   PHE A CD1 1 
ATOM   184  C  CD2 . PHE A 1 21  ? 5.820   6.452   0.446   1.00 39.44 ? 21   PHE A CD2 1 
ATOM   185  C  CE1 . PHE A 1 21  ? 4.020   7.750   -1.253  1.00 39.63 ? 21   PHE A CE1 1 
ATOM   186  C  CE2 . PHE A 1 21  ? 6.254   6.928   -0.766  1.00 38.07 ? 21   PHE A CE2 1 
ATOM   187  C  CZ  . PHE A 1 21  ? 5.340   7.582   -1.637  1.00 39.85 ? 21   PHE A CZ  1 
ATOM   188  N  N   . ALA A 1 22  ? 3.667   6.527   5.508   1.00 42.04 ? 22   ALA A N   1 
ATOM   189  C  CA  . ALA A 1 22  ? 3.183   5.785   6.659   1.00 42.17 ? 22   ALA A CA  1 
ATOM   190  C  C   . ALA A 1 22  ? 2.212   6.588   7.524   1.00 41.73 ? 22   ALA A C   1 
ATOM   191  O  O   . ALA A 1 22  ? 1.634   6.058   8.487   1.00 43.48 ? 22   ALA A O   1 
ATOM   192  C  CB  . ALA A 1 22  ? 4.378   5.312   7.511   1.00 41.28 ? 22   ALA A CB  1 
ATOM   193  N  N   . ASP A 1 23  ? 2.078   7.870   7.216   1.00 41.12 ? 23   ASP A N   1 
ATOM   194  C  CA  . ASP A 1 23  ? 1.143   8.753   7.892   1.00 40.41 ? 23   ASP A CA  1 
ATOM   195  C  C   . ASP A 1 23  ? 0.882   9.917   6.949   1.00 39.61 ? 23   ASP A C   1 
ATOM   196  O  O   . ASP A 1 23  ? 1.458   10.998  7.087   1.00 39.15 ? 23   ASP A O   1 
ATOM   197  C  CB  . ASP A 1 23  ? 1.764   9.256   9.180   1.00 40.58 ? 23   ASP A CB  1 
ATOM   198  C  CG  . ASP A 1 23  ? 0.799   10.036  10.044  1.00 40.75 ? 23   ASP A CG  1 
ATOM   199  O  OD1 . ASP A 1 23  ? -0.404  10.174  9.703   1.00 39.05 ? 23   ASP A OD1 1 
ATOM   200  O  OD2 . ASP A 1 23  ? 1.280   10.497  11.094  1.00 41.62 ? 23   ASP A OD2 1 
ATOM   201  N  N   . TYR A 1 24  ? -0.008  9.672   5.997   1.00 38.56 ? 24   TYR A N   1 
ATOM   202  C  CA  . TYR A 1 24  ? -0.298  10.629  4.953   1.00 37.31 ? 24   TYR A CA  1 
ATOM   203  C  C   . TYR A 1 24  ? -1.782  10.528  4.651   1.00 37.42 ? 24   TYR A C   1 
ATOM   204  O  O   . TYR A 1 24  ? -2.346  9.420   4.524   1.00 36.92 ? 24   TYR A O   1 
ATOM   205  C  CB  . TYR A 1 24  ? 0.550   10.322  3.745   1.00 36.95 ? 24   TYR A CB  1 
ATOM   206  C  CG  . TYR A 1 24  ? 0.375   11.265  2.585   1.00 34.20 ? 24   TYR A CG  1 
ATOM   207  C  CD1 . TYR A 1 24  ? -0.753  11.216  1.770   1.00 35.30 ? 24   TYR A CD1 1 
ATOM   208  C  CD2 . TYR A 1 24  ? 1.339   12.196  2.277   1.00 33.42 ? 24   TYR A CD2 1 
ATOM   209  C  CE1 . TYR A 1 24  ? -0.879  12.087  0.677   1.00 35.41 ? 24   TYR A CE1 1 
ATOM   210  C  CE2 . TYR A 1 24  ? 1.212   13.053  1.220   1.00 32.99 ? 24   TYR A CE2 1 
ATOM   211  C  CZ  . TYR A 1 24  ? 0.128   12.984  0.396   1.00 30.80 ? 24   TYR A CZ  1 
ATOM   212  O  OH  . TYR A 1 24  ? 0.024   13.839  -0.672  1.00 33.54 ? 24   TYR A OH  1 
ATOM   213  N  N   . GLY A 1 25  ? -2.415  11.688  4.600   1.00 36.48 ? 25   GLY A N   1 
ATOM   214  C  CA  . GLY A 1 25  ? -3.826  11.784  4.339   1.00 35.73 ? 25   GLY A CA  1 
ATOM   215  C  C   . GLY A 1 25  ? -4.646  11.004  5.325   1.00 35.24 ? 25   GLY A C   1 
ATOM   216  O  O   . GLY A 1 25  ? -4.210  10.784  6.493   1.00 34.38 ? 25   GLY A O   1 
ATOM   217  N  N   . CYS A 1 26  ? -5.850  10.634  4.882   1.00 35.21 ? 26   CYS A N   1 
ATOM   218  C  CA  . CYS A 1 26  ? -6.809  9.922   5.711   1.00 35.11 ? 26   CYS A CA  1 
ATOM   219  C  C   . CYS A 1 26  ? -6.662  8.407   5.617   1.00 34.73 ? 26   CYS A C   1 
ATOM   220  O  O   . CYS A 1 26  ? -7.251  7.692   6.404   1.00 35.07 ? 26   CYS A O   1 
ATOM   221  C  CB  . CYS A 1 26  ? -8.256  10.315  5.357   1.00 34.54 ? 26   CYS A CB  1 
ATOM   222  S  SG  . CYS A 1 26  ? -8.600  12.062  5.612   1.00 35.93 ? 26   CYS A SG  1 
ATOM   223  N  N   . TYR A 1 27  ? -5.874  7.921   4.658   1.00 35.14 ? 27   TYR A N   1 
ATOM   224  C  CA  . TYR A 1 27  ? -5.849  6.484   4.368   1.00 34.94 ? 27   TYR A CA  1 
ATOM   225  C  C   . TYR A 1 27  ? -4.449  5.847   4.342   1.00 35.22 ? 27   TYR A C   1 
ATOM   226  O  O   . TYR A 1 27  ? -4.321  4.619   4.534   1.00 34.54 ? 27   TYR A O   1 
ATOM   227  C  CB  . TYR A 1 27  ? -6.581  6.185   3.043   1.00 34.84 ? 27   TYR A CB  1 
ATOM   228  C  CG  . TYR A 1 27  ? -8.074  6.376   3.135   1.00 34.08 ? 27   TYR A CG  1 
ATOM   229  C  CD1 . TYR A 1 27  ? -8.653  7.605   2.836   1.00 32.41 ? 27   TYR A CD1 1 
ATOM   230  C  CD2 . TYR A 1 27  ? -8.918  5.347   3.521   1.00 32.83 ? 27   TYR A CD2 1 
ATOM   231  C  CE1 . TYR A 1 27  ? -10.019 7.786   2.922   1.00 31.67 ? 27   TYR A CE1 1 
ATOM   232  C  CE2 . TYR A 1 27  ? -10.289 5.540   3.645   1.00 33.10 ? 27   TYR A CE2 1 
ATOM   233  C  CZ  . TYR A 1 27  ? -10.839 6.751   3.315   1.00 33.00 ? 27   TYR A CZ  1 
ATOM   234  O  OH  . TYR A 1 27  ? -12.209 6.944   3.418   1.00 33.38 ? 27   TYR A OH  1 
ATOM   235  N  N   . CYS A 1 28  ? -3.403  6.641   4.101   1.00 35.52 ? 28   CYS A N   1 
ATOM   236  C  CA  . CYS A 1 28  ? -2.071  6.044   4.031   1.00 36.88 ? 28   CYS A CA  1 
ATOM   237  C  C   . CYS A 1 28  ? -1.671  5.811   5.460   1.00 38.32 ? 28   CYS A C   1 
ATOM   238  O  O   . CYS A 1 28  ? -1.522  6.747   6.246   1.00 37.37 ? 28   CYS A O   1 
ATOM   239  C  CB  . CYS A 1 28  ? -1.085  6.915   3.277   1.00 37.74 ? 28   CYS A CB  1 
ATOM   240  S  SG  . CYS A 1 28  ? -1.633  7.303   1.606   1.00 35.51 ? 28   CYS A SG  1 
ATOM   241  N  N   . GLY A 1 29  ? -1.626  4.532   5.805   1.00 40.11 ? 29   GLY A N   1 
ATOM   242  C  CA  . GLY A 1 29  ? -1.421  4.113   7.171   1.00 41.95 ? 29   GLY A CA  1 
ATOM   243  C  C   . GLY A 1 29  ? -2.681  3.901   7.989   1.00 43.28 ? 29   GLY A C   1 
ATOM   244  O  O   . GLY A 1 29  ? -2.630  3.715   9.193   1.00 43.59 ? 29   GLY A O   1 
ATOM   245  N  N   . ARG A 1 30  ? -3.813  3.850   7.312   1.00 45.17 ? 30   ARG A N   1 
ATOM   246  C  CA  . ARG A 1 30  ? -5.092  3.986   7.976   1.00 46.05 ? 30   ARG A CA  1 
ATOM   247  C  C   . ARG A 1 30  ? -6.111  3.304   7.088   1.00 46.60 ? 30   ARG A C   1 
ATOM   248  O  O   . ARG A 1 30  ? -5.778  2.381   6.353   1.00 46.33 ? 30   ARG A O   1 
ATOM   249  C  CB  . ARG A 1 30  ? -5.415  5.472   8.115   1.00 46.28 ? 30   ARG A CB  1 
ATOM   250  C  CG  . ARG A 1 30  ? -6.257  5.846   9.303   1.00 48.42 ? 30   ARG A CG  1 
ATOM   251  C  CD  . ARG A 1 30  ? -5.455  6.647   10.306  1.00 50.70 ? 30   ARG A CD  1 
ATOM   252  N  NE  . ARG A 1 30  ? -4.530  5.823   11.083  1.00 52.91 ? 30   ARG A NE  1 
ATOM   253  C  CZ  . ARG A 1 30  ? -3.203  5.762   10.930  1.00 53.26 ? 30   ARG A CZ  1 
ATOM   254  N  NH1 . ARG A 1 30  ? -2.568  6.470   9.997   1.00 53.74 ? 30   ARG A NH1 1 
ATOM   255  N  NH2 . ARG A 1 30  ? -2.500  4.964   11.730  1.00 52.62 ? 30   ARG A NH2 1 
ATOM   256  N  N   . GLY A 1 31  ? -7.348  3.782   7.175   1.00 46.89 ? 31   GLY A N   1 
ATOM   257  C  CA  . GLY A 1 31  ? -8.478  3.237   6.459   1.00 46.74 ? 31   GLY A CA  1 
ATOM   258  C  C   . GLY A 1 31  ? -9.651  4.036   6.973   1.00 46.29 ? 31   GLY A C   1 
ATOM   259  O  O   . GLY A 1 31  ? -9.468  4.895   7.828   1.00 46.80 ? 31   GLY A O   1 
ATOM   260  N  N   . GLY A 1 32  ? -10.836 3.758   6.445   1.00 45.57 ? 32   GLY A N   1 
ATOM   261  C  CA  . GLY A 1 32  ? -12.064 4.360   6.928   1.00 44.90 ? 32   GLY A CA  1 
ATOM   262  C  C   . GLY A 1 32  ? -11.895 5.845   7.192   1.00 44.29 ? 32   GLY A C   1 
ATOM   263  O  O   . GLY A 1 32  ? -10.818 6.426   6.952   1.00 44.43 ? 32   GLY A O   1 
ATOM   264  N  N   . SER A 1 33  ? -12.950 6.446   7.716   1.00 42.65 ? 33   SER A N   1 
ATOM   265  C  CA  . SER A 1 33  ? -13.023 7.876   7.886   1.00 41.50 ? 33   SER A CA  1 
ATOM   266  C  C   . SER A 1 33  ? -12.366 8.647   6.729   1.00 39.26 ? 33   SER A C   1 
ATOM   267  O  O   . SER A 1 33  ? -11.137 8.751   6.586   1.00 38.54 ? 33   SER A O   1 
ATOM   268  C  CB  . SER A 1 33  ? -12.449 8.325   9.245   1.00 42.04 ? 33   SER A CB  1 
ATOM   269  O  OG  . SER A 1 33  ? -13.135 9.486   9.733   1.00 42.07 ? 33   SER A OG  1 
ATOM   270  N  N   . GLY A 1 34  ? -13.242 9.156   5.886   1.00 37.12 ? 34   GLY A N   1 
ATOM   271  C  CA  . GLY A 1 34  ? -13.035 10.449  5.350   1.00 35.49 ? 34   GLY A CA  1 
ATOM   272  C  C   . GLY A 1 34  ? -12.891 10.472  3.879   1.00 33.87 ? 34   GLY A C   1 
ATOM   273  O  O   . GLY A 1 34  ? -12.765 9.432   3.200   1.00 32.16 ? 34   GLY A O   1 
ATOM   274  N  N   . THR A 1 35  ? -12.924 11.694  3.383   1.00 31.95 ? 35   THR A N   1 
ATOM   275  C  CA  . THR A 1 35  ? -12.733 11.937  1.990   1.00 31.03 ? 35   THR A CA  1 
ATOM   276  C  C   . THR A 1 35  ? -11.228 11.935  1.729   1.00 30.82 ? 35   THR A C   1 
ATOM   277  O  O   . THR A 1 35  ? -10.485 12.668  2.386   1.00 29.13 ? 35   THR A O   1 
ATOM   278  C  CB  . THR A 1 35  ? -13.317 13.312  1.614   1.00 31.36 ? 35   THR A CB  1 
ATOM   279  O  OG1 . THR A 1 35  ? -14.725 13.346  1.948   1.00 30.94 ? 35   THR A OG1 1 
ATOM   280  C  CG2 . THR A 1 35  ? -13.066 13.562  0.128   1.00 31.26 ? 35   THR A CG2 1 
ATOM   281  N  N   . PRO A 1 36  ? -10.767 11.118  0.773   1.00 29.72 ? 36   PRO A N   1 
ATOM   282  C  CA  . PRO A 1 36  ? -9.343  11.119  0.458   1.00 29.87 ? 36   PRO A CA  1 
ATOM   283  C  C   . PRO A 1 36  ? -8.865  12.539  0.164   1.00 28.67 ? 36   PRO A C   1 
ATOM   284  O  O   . PRO A 1 36  ? -9.583  13.288  -0.489  1.00 29.70 ? 36   PRO A O   1 
ATOM   285  C  CB  . PRO A 1 36  ? -9.250  10.235  -0.779  1.00 30.52 ? 36   PRO A CB  1 
ATOM   286  C  CG  . PRO A 1 36  ? -10.481 9.369   -0.724  1.00 30.54 ? 36   PRO A CG  1 
ATOM   287  C  CD  . PRO A 1 36  ? -11.533 10.217  -0.118  1.00 30.61 ? 36   PRO A CD  1 
ATOM   288  N  N   . VAL A 1 37  ? -7.702  12.912  0.706   1.00 27.79 ? 37   VAL A N   1 
ATOM   289  C  CA  . VAL A 1 37  ? -7.220  14.309  0.613   1.00 28.33 ? 37   VAL A CA  1 
ATOM   290  C  C   . VAL A 1 37  ? -6.706  14.651  -0.781  1.00 28.09 ? 37   VAL A C   1 
ATOM   291  O  O   . VAL A 1 37  ? -6.743  15.816  -1.204  1.00 28.26 ? 37   VAL A O   1 
ATOM   292  C  CB  . VAL A 1 37  ? -6.160  14.628  1.686   1.00 27.78 ? 37   VAL A CB  1 
ATOM   293  C  CG1 . VAL A 1 37  ? -6.728  14.372  3.118   1.00 28.92 ? 37   VAL A CG1 1 
ATOM   294  C  CG2 . VAL A 1 37  ? -4.847  13.838  1.432   1.00 28.80 ? 37   VAL A CG2 1 
ATOM   295  N  N   . ASP A 1 38  ? -6.212  13.637  -1.497  1.00 28.79 ? 38   ASP A N   1 
ATOM   296  C  CA  . ASP A 1 38  ? -5.646  13.807  -2.840  1.00 28.05 ? 38   ASP A CA  1 
ATOM   297  C  C   . ASP A 1 38  ? -5.512  12.446  -3.513  1.00 27.55 ? 38   ASP A C   1 
ATOM   298  O  O   . ASP A 1 38  ? -5.894  11.404  -2.947  1.00 27.53 ? 38   ASP A O   1 
ATOM   299  C  CB  . ASP A 1 38  ? -4.310  14.531  -2.810  1.00 28.83 ? 38   ASP A CB  1 
ATOM   300  C  CG  . ASP A 1 38  ? -3.207  13.770  -2.052  1.00 28.09 ? 38   ASP A CG  1 
ATOM   301  O  OD1 . ASP A 1 38  ? -3.367  12.582  -1.644  1.00 29.78 ? 38   ASP A OD1 1 
ATOM   302  O  OD2 . ASP A 1 38  ? -2.159  14.416  -1.853  1.00 29.91 ? 38   ASP A OD2 1 
ATOM   303  N  N   . ASP A 1 39  ? -4.965  12.458  -4.722  1.00 28.03 ? 39   ASP A N   1 
ATOM   304  C  CA  . ASP A 1 39  ? -4.837  11.251  -5.490  1.00 28.00 ? 39   ASP A CA  1 
ATOM   305  C  C   . ASP A 1 39  ? -3.934  10.196  -4.828  1.00 28.48 ? 39   ASP A C   1 
ATOM   306  O  O   . ASP A 1 39  ? -4.232  9.011   -4.878  1.00 28.77 ? 39   ASP A O   1 
ATOM   307  C  CB  . ASP A 1 39  ? -4.361  11.602  -6.896  1.00 28.77 ? 39   ASP A CB  1 
ATOM   308  C  CG  . ASP A 1 39  ? -5.401  12.383  -7.700  1.00 30.16 ? 39   ASP A CG  1 
ATOM   309  O  OD1 . ASP A 1 39  ? -6.610  12.508  -7.321  1.00 30.02 ? 39   ASP A OD1 1 
ATOM   310  O  OD2 . ASP A 1 39  ? -5.003  12.891  -8.788  1.00 30.18 ? 39   ASP A OD2 1 
ATOM   311  N  N   . LEU A 1 40  ? -2.834  10.611  -4.210  1.00 28.32 ? 40   LEU A N   1 
ATOM   312  C  CA  . LEU A 1 40  ? -2.021  9.644   -3.472  1.00 28.26 ? 40   LEU A CA  1 
ATOM   313  C  C   . LEU A 1 40  ? -2.851  8.982   -2.367  1.00 28.68 ? 40   LEU A C   1 
ATOM   314  O  O   . LEU A 1 40  ? -2.801  7.739   -2.180  1.00 28.81 ? 40   LEU A O   1 
ATOM   315  C  CB  . LEU A 1 40  ? -0.768  10.302  -2.946  1.00 28.48 ? 40   LEU A CB  1 
ATOM   316  C  CG  . LEU A 1 40  ? 0.135   9.456   -2.077  1.00 28.85 ? 40   LEU A CG  1 
ATOM   317  C  CD1 . LEU A 1 40  ? 0.574   8.178   -2.744  1.00 28.28 ? 40   LEU A CD1 1 
ATOM   318  C  CD2 . LEU A 1 40  ? 1.341   10.207  -1.637  1.00 30.81 ? 40   LEU A CD2 1 
ATOM   319  N  N   . ASP A 1 41  ? -3.617  9.778   -1.621  1.00 27.85 ? 41   ASP A N   1 
ATOM   320  C  CA  . ASP A 1 41  ? -4.471  9.232   -0.554  1.00 29.59 ? 41   ASP A CA  1 
ATOM   321  C  C   . ASP A 1 41  ? -5.448  8.197   -1.133  1.00 28.95 ? 41   ASP A C   1 
ATOM   322  O  O   . ASP A 1 41  ? -5.709  7.181   -0.509  1.00 29.56 ? 41   ASP A O   1 
ATOM   323  C  CB  . ASP A 1 41  ? -5.183  10.350  0.167   1.00 29.57 ? 41   ASP A CB  1 
ATOM   324  C  CG  . ASP A 1 41  ? -5.590  10.000  1.601   1.00 31.32 ? 41   ASP A CG  1 
ATOM   325  O  OD1 . ASP A 1 41  ? -5.061  9.049   2.213   1.00 30.42 ? 41   ASP A OD1 1 
ATOM   326  O  OD2 . ASP A 1 41  ? -6.409  10.775  2.137   1.00 28.10 ? 41   ASP A OD2 1 
ATOM   327  N  N   . ARG A 1 42  ? -5.945  8.456   -2.337  1.00 28.80 ? 42   ARG A N   1 
ATOM   328  C  CA  . ARG A 1 42  ? -6.831  7.550   -3.034  1.00 30.46 ? 42   ARG A CA  1 
ATOM   329  C  C   . ARG A 1 42  ? -6.109  6.232   -3.338  1.00 30.40 ? 42   ARG A C   1 
ATOM   330  O  O   . ARG A 1 42  ? -6.707  5.165   -3.209  1.00 29.33 ? 42   ARG A O   1 
ATOM   331  C  CB  . ARG A 1 42  ? -7.418  8.183   -4.298  1.00 31.70 ? 42   ARG A CB  1 
ATOM   332  C  CG  . ARG A 1 42  ? -8.314  7.225   -5.103  1.00 35.13 ? 42   ARG A CG  1 
ATOM   333  C  CD  . ARG A 1 42  ? -9.432  6.463   -4.320  1.00 40.11 ? 42   ARG A CD  1 
ATOM   334  N  NE  . ARG A 1 42  ? -10.183 5.652   -5.294  1.00 42.37 ? 42   ARG A NE  1 
ATOM   335  C  CZ  . ARG A 1 42  ? -11.129 4.746   -5.015  1.00 43.99 ? 42   ARG A CZ  1 
ATOM   336  N  NH1 . ARG A 1 42  ? -11.512 4.483   -3.762  1.00 41.66 ? 42   ARG A NH1 1 
ATOM   337  N  NH2 . ARG A 1 42  ? -11.712 4.098   -6.021  1.00 44.03 ? 42   ARG A NH2 1 
ATOM   338  N  N   . CYS A 1 43  ? -4.830  6.286   -3.707  1.00 30.33 ? 43   CYS A N   1 
ATOM   339  C  CA  . CYS A 1 43  ? -4.071  5.030   -3.852  1.00 30.22 ? 43   CYS A CA  1 
ATOM   340  C  C   . CYS A 1 43  ? -4.204  4.199   -2.581  1.00 30.27 ? 43   CYS A C   1 
ATOM   341  O  O   . CYS A 1 43  ? -4.356  2.971   -2.623  1.00 29.90 ? 43   CYS A O   1 
ATOM   342  C  CB  . CYS A 1 43  ? -2.583  5.272   -4.111  1.00 30.38 ? 43   CYS A CB  1 
ATOM   343  S  SG  . CYS A 1 43  ? -2.141  6.109   -5.668  1.00 31.86 ? 43   CYS A SG  1 
ATOM   344  N  N   . CYS A 1 44  ? -4.027  4.861   -1.445  1.00 29.52 ? 44   CYS A N   1 
ATOM   345  C  CA  . CYS A 1 44  ? -4.072  4.187   -0.172  1.00 30.15 ? 44   CYS A CA  1 
ATOM   346  C  C   . CYS A 1 44  ? -5.452  3.627   0.151   1.00 31.56 ? 44   CYS A C   1 
ATOM   347  O  O   . CYS A 1 44  ? -5.574  2.524   0.696   1.00 30.40 ? 44   CYS A O   1 
ATOM   348  C  CB  . CYS A 1 44  ? -3.577  5.127   0.915   1.00 31.54 ? 44   CYS A CB  1 
ATOM   349  S  SG  . CYS A 1 44  ? -1.820  5.501   0.708   1.00 31.51 ? 44   CYS A SG  1 
ATOM   350  N  N   . GLN A 1 45  ? -6.484  4.370   -0.184  1.00 30.58 ? 45   GLN A N   1 
ATOM   351  C  CA  . GLN A 1 45  ? -7.823  3.875   0.038   1.00 31.59 ? 45   GLN A CA  1 
ATOM   352  C  C   . GLN A 1 45  ? -8.061  2.604   -0.790  1.00 30.70 ? 45   GLN A C   1 
ATOM   353  O  O   . GLN A 1 45  ? -8.617  1.615   -0.296  1.00 32.44 ? 45   GLN A O   1 
ATOM   354  C  CB  . GLN A 1 45  ? -8.814  4.947   -0.347  1.00 31.52 ? 45   GLN A CB  1 
ATOM   355  C  CG  . GLN A 1 45  ? -10.241 4.518   -0.159  1.00 31.30 ? 45   GLN A CG  1 
ATOM   356  C  CD  . GLN A 1 45  ? -11.213 5.615   -0.501  1.00 33.06 ? 45   GLN A CD  1 
ATOM   357  O  OE1 . GLN A 1 45  ? -11.174 6.171   -1.601  1.00 34.51 ? 45   GLN A OE1 1 
ATOM   358  N  NE2 . GLN A 1 45  ? -12.102 5.934   0.438   1.00 36.12 ? 45   GLN A NE2 1 
ATOM   359  N  N   . VAL A 1 46  ? -7.662  2.649   -2.062  1.00 30.31 ? 46   VAL A N   1 
ATOM   360  C  CA  . VAL A 1 46  ? -7.741  1.488   -2.929  1.00 30.11 ? 46   VAL A CA  1 
ATOM   361  C  C   . VAL A 1 46  ? -6.977  0.281   -2.327  1.00 30.45 ? 46   VAL A C   1 
ATOM   362  O  O   . VAL A 1 46  ? -7.513  -0.857  -2.272  1.00 30.59 ? 46   VAL A O   1 
ATOM   363  C  CB  . VAL A 1 46  ? -7.286  1.828   -4.351  1.00 30.51 ? 46   VAL A CB  1 
ATOM   364  C  CG1 . VAL A 1 46  ? -7.168  0.545   -5.178  1.00 30.92 ? 46   VAL A CG1 1 
ATOM   365  C  CG2 . VAL A 1 46  ? -8.254  2.859   -4.993  1.00 29.84 ? 46   VAL A CG2 1 
ATOM   366  N  N   . HIS A 1 47  ? -5.783  0.538   -1.830  1.00 30.96 ? 47   HIS A N   1 
ATOM   367  C  CA  . HIS A 1 47  ? -4.979  -0.504  -1.162  1.00 30.40 ? 47   HIS A CA  1 
ATOM   368  C  C   . HIS A 1 47  ? -5.725  -1.112  0.045   1.00 31.00 ? 47   HIS A C   1 
ATOM   369  O  O   . HIS A 1 47  ? -5.783  -2.321  0.211   1.00 30.52 ? 47   HIS A O   1 
ATOM   370  C  CB  . HIS A 1 47  ? -3.666  0.089   -0.723  1.00 31.04 ? 47   HIS A CB  1 
ATOM   371  C  CG  . HIS A 1 47  ? -2.698  -0.916  -0.174  1.00 30.62 ? 47   HIS A CG  1 
ATOM   372  N  ND1 . HIS A 1 47  ? -2.258  -0.875  1.129   1.00 31.26 ? 47   HIS A ND1 1 
ATOM   373  C  CD2 . HIS A 1 47  ? -2.053  -1.956  -0.761  1.00 31.86 ? 47   HIS A CD2 1 
ATOM   374  C  CE1 . HIS A 1 47  ? -1.375  -1.851  1.325   1.00 32.58 ? 47   HIS A CE1 1 
ATOM   375  N  NE2 . HIS A 1 47  ? -1.232  -2.522  0.197   1.00 31.16 ? 47   HIS A NE2 1 
ATOM   376  N  N   . ASP A 1 48  ? -6.306  -0.257  0.886   1.00 30.91 ? 48   ASP A N   1 
ATOM   377  C  CA  . ASP A 1 48  ? -7.079  -0.734  2.044   1.00 31.86 ? 48   ASP A CA  1 
ATOM   378  C  C   . ASP A 1 48  ? -8.243  -1.633  1.580   1.00 31.49 ? 48   ASP A C   1 
ATOM   379  O  O   . ASP A 1 48  ? -8.508  -2.686  2.159   1.00 31.68 ? 48   ASP A O   1 
ATOM   380  C  CB  . ASP A 1 48  ? -7.652  0.455   2.805   1.00 32.99 ? 48   ASP A CB  1 
ATOM   381  C  CG  . ASP A 1 48  ? -6.593  1.250   3.579   1.00 35.09 ? 48   ASP A CG  1 
ATOM   382  O  OD1 . ASP A 1 48  ? -7.002  2.264   4.199   1.00 40.40 ? 48   ASP A OD1 1 
ATOM   383  O  OD2 . ASP A 1 48  ? -5.385  0.904   3.605   1.00 35.88 ? 48   ASP A OD2 1 
ATOM   384  N  N   . ASN A 1 49  ? -8.960  -1.183  0.566   1.00 31.24 ? 49   ASN A N   1 
ATOM   385  C  CA  . ASN A 1 49  ? -10.061 -1.948  0.019   1.00 31.84 ? 49   ASN A CA  1 
ATOM   386  C  C   . ASN A 1 49  ? -9.578  -3.296  -0.496  1.00 31.44 ? 49   ASN A C   1 
ATOM   387  O  O   . ASN A 1 49  ? -10.267 -4.315  -0.353  1.00 30.49 ? 49   ASN A O   1 
ATOM   388  C  CB  . ASN A 1 49  ? -10.731 -1.181  -1.115  1.00 32.76 ? 49   ASN A CB  1 
ATOM   389  C  CG  . ASN A 1 49  ? -11.577 -0.037  -0.618  1.00 34.28 ? 49   ASN A CG  1 
ATOM   390  O  OD1 . ASN A 1 49  ? -11.917 0.024   0.560   1.00 36.94 ? 49   ASN A OD1 1 
ATOM   391  N  ND2 . ASN A 1 49  ? -11.940 0.878   -1.526  1.00 40.90 ? 49   ASN A ND2 1 
ATOM   392  N  N   . CYS A 1 50  ? -8.412  -3.284  -1.140  1.00 30.76 ? 50   CYS A N   1 
ATOM   393  C  CA  . CYS A 1 50  ? -7.828  -4.516  -1.684  1.00 30.88 ? 50   CYS A CA  1 
ATOM   394  C  C   . CYS A 1 50  ? -7.495  -5.498  -0.567  1.00 30.19 ? 50   CYS A C   1 
ATOM   395  O  O   . CYS A 1 50  ? -7.765  -6.674  -0.653  1.00 29.20 ? 50   CYS A O   1 
ATOM   396  C  CB  . CYS A 1 50  ? -6.567  -4.167  -2.498  1.00 30.97 ? 50   CYS A CB  1 
ATOM   397  S  SG  . CYS A 1 50  ? -5.945  -5.481  -3.496  1.00 31.92 ? 50   CYS A SG  1 
ATOM   398  N  N   . TYR A 1 51  ? -6.929  -4.996  0.513   1.00 29.95 ? 51   TYR A N   1 
ATOM   399  C  CA  . TYR A 1 51  ? -6.669  -5.812  1.691   1.00 30.38 ? 51   TYR A CA  1 
ATOM   400  C  C   . TYR A 1 51  ? -7.962  -6.356  2.299   1.00 30.42 ? 51   TYR A C   1 
ATOM   401  O  O   . TYR A 1 51  ? -8.009  -7.499  2.714   1.00 30.50 ? 51   TYR A O   1 
ATOM   402  C  CB  . TYR A 1 51  ? -5.930  -4.992  2.730   1.00 29.87 ? 51   TYR A CB  1 
ATOM   403  C  CG  . TYR A 1 51  ? -4.410  -4.991  2.631   1.00 30.21 ? 51   TYR A CG  1 
ATOM   404  C  CD1 . TYR A 1 51  ? -3.722  -5.432  1.495   1.00 29.28 ? 51   TYR A CD1 1 
ATOM   405  C  CD2 . TYR A 1 51  ? -3.665  -4.523  3.704   1.00 29.93 ? 51   TYR A CD2 1 
ATOM   406  C  CE1 . TYR A 1 51  ? -2.311  -5.428  1.447   1.00 28.73 ? 51   TYR A CE1 1 
ATOM   407  C  CE2 . TYR A 1 51  ? -2.256  -4.554  3.676   1.00 30.82 ? 51   TYR A CE2 1 
ATOM   408  C  CZ  . TYR A 1 51  ? -1.603  -4.997  2.538   1.00 30.80 ? 51   TYR A CZ  1 
ATOM   409  O  OH  . TYR A 1 51  ? -0.223  -4.971  2.526   1.00 32.94 ? 51   TYR A OH  1 
ATOM   410  N  N   . ASN A 1 52  ? -9.019  -5.549  2.369   1.00 30.73 ? 52   ASN A N   1 
ATOM   411  C  CA  . ASN A 1 52  ? -10.302 -6.060  2.882   1.00 32.04 ? 52   ASN A CA  1 
ATOM   412  C  C   . ASN A 1 52  ? -10.790 -7.259  2.076   1.00 32.56 ? 52   ASN A C   1 
ATOM   413  O  O   . ASN A 1 52  ? -11.365 -8.189  2.633   1.00 31.25 ? 52   ASN A O   1 
ATOM   414  C  CB  . ASN A 1 52  ? -11.371 -4.946  2.817   1.00 33.04 ? 52   ASN A CB  1 
ATOM   415  C  CG  . ASN A 1 52  ? -12.738 -5.398  3.274   1.00 36.60 ? 52   ASN A CG  1 
ATOM   416  O  OD1 . ASN A 1 52  ? -12.950 -5.655  4.465   1.00 41.96 ? 52   ASN A OD1 1 
ATOM   417  N  ND2 . ASN A 1 52  ? -13.700 -5.468  2.332   1.00 39.94 ? 52   ASN A ND2 1 
ATOM   418  N  N   . GLU A 1 53  ? -10.637 -7.219  0.745   1.00 32.24 ? 53   GLU A N   1 
ATOM   419  C  CA  . GLU A 1 53  ? -11.016 -8.372  -0.069  1.00 32.44 ? 53   GLU A CA  1 
ATOM   420  C  C   . GLU A 1 53  ? -10.147 -9.566  0.261   1.00 31.28 ? 53   GLU A C   1 
ATOM   421  O  O   . GLU A 1 53  ? -10.644 -10.679 0.396   1.00 30.40 ? 53   GLU A O   1 
ATOM   422  C  CB  . GLU A 1 53  ? -10.887 -8.123  -1.575  1.00 33.30 ? 53   GLU A CB  1 
ATOM   423  C  CG  . GLU A 1 53  ? -11.833 -7.159  -2.218  1.00 34.89 ? 53   GLU A CG  1 
ATOM   424  C  CD  . GLU A 1 53  ? -13.312 -7.504  -2.085  1.00 37.19 ? 53   GLU A CD  1 
ATOM   425  O  OE1 . GLU A 1 53  ? -14.072 -6.517  -2.068  1.00 39.51 ? 53   GLU A OE1 1 
ATOM   426  O  OE2 . GLU A 1 53  ? -13.708 -8.697  -2.043  1.00 35.67 ? 53   GLU A OE2 1 
ATOM   427  N  N   . ALA A 1 54  ? -8.840  -9.347  0.406   1.00 30.41 ? 54   ALA A N   1 
ATOM   428  C  CA  . ALA A 1 54  ? -7.903  -10.450 0.660   1.00 31.04 ? 54   ALA A CA  1 
ATOM   429  C  C   . ALA A 1 54  ? -8.262  -11.129 1.989   1.00 30.98 ? 54   ALA A C   1 
ATOM   430  O  O   . ALA A 1 54  ? -8.076  -12.343 2.170   1.00 31.97 ? 54   ALA A O   1 
ATOM   431  C  CB  . ALA A 1 54  ? -6.490  -9.926  0.723   1.00 32.12 ? 54   ALA A CB  1 
ATOM   432  N  N   . GLU A 1 55  ? -8.743  -10.320 2.929   1.00 30.38 ? 55   GLU A N   1 
ATOM   433  C  CA  . GLU A 1 55  ? -9.092  -10.807 4.242   1.00 31.52 ? 55   GLU A CA  1 
ATOM   434  C  C   . GLU A 1 55  ? -10.318 -11.727 4.239   1.00 31.62 ? 55   GLU A C   1 
ATOM   435  O  O   . GLU A 1 55  ? -10.622 -12.387 5.241   1.00 32.01 ? 55   GLU A O   1 
ATOM   436  C  CB  . GLU A 1 55  ? -9.350  -9.636  5.160   1.00 32.23 ? 55   GLU A CB  1 
ATOM   437  C  CG  . GLU A 1 55  ? -8.080  -9.005  5.657   1.00 32.36 ? 55   GLU A CG  1 
ATOM   438  C  CD  . GLU A 1 55  ? -8.382  -7.889  6.637   1.00 35.73 ? 55   GLU A CD  1 
ATOM   439  O  OE1 . GLU A 1 55  ? -9.091  -8.157  7.614   1.00 37.60 ? 55   GLU A OE1 1 
ATOM   440  O  OE2 . GLU A 1 55  ? -7.895  -6.760  6.427   1.00 38.88 ? 55   GLU A OE2 1 
ATOM   441  N  N   . LYS A 1 56  ? -11.066 -11.747 3.134   1.00 32.00 ? 56   LYS A N   1 
ATOM   442  C  CA  . LYS A 1 56  ? -12.160 -12.726 3.000   1.00 30.89 ? 56   LYS A CA  1 
ATOM   443  C  C   . LYS A 1 56  ? -11.672 -14.169 2.901   1.00 31.25 ? 56   LYS A C   1 
ATOM   444  O  O   . LYS A 1 56  ? -12.460 -15.096 3.063   1.00 32.85 ? 56   LYS A O   1 
ATOM   445  C  CB  . LYS A 1 56  ? -13.031 -12.392 1.784   1.00 30.97 ? 56   LYS A CB  1 
ATOM   446  C  CG  . LYS A 1 56  ? -13.762 -11.082 1.952   1.00 31.11 ? 56   LYS A CG  1 
ATOM   447  C  CD  . LYS A 1 56  ? -14.581 -10.732 0.718   1.00 32.28 ? 56   LYS A CD  1 
ATOM   448  C  CE  . LYS A 1 56  ? -15.211 -9.362  0.864   1.00 33.05 ? 56   LYS A CE  1 
ATOM   449  N  NZ  . LYS A 1 56  ? -15.866 -8.835  -0.391  1.00 34.36 ? 56   LYS A NZ  1 
ATOM   450  N  N   . ILE A 1 57  ? -10.392 -14.351 2.611   1.00 30.83 ? 57   ILE A N   1 
ATOM   451  C  CA  . ILE A 1 57  ? -9.755  -15.649 2.619   1.00 30.73 ? 57   ILE A CA  1 
ATOM   452  C  C   . ILE A 1 57  ? -9.490  -15.996 4.088   1.00 29.53 ? 57   ILE A C   1 
ATOM   453  O  O   . ILE A 1 57  ? -8.955  -15.178 4.832   1.00 29.78 ? 57   ILE A O   1 
ATOM   454  C  CB  . ILE A 1 57  ? -8.433  -15.611 1.829   1.00 29.40 ? 57   ILE A CB  1 
ATOM   455  C  CG1 . ILE A 1 57  ? -8.706  -15.210 0.360   1.00 33.30 ? 57   ILE A CG1 1 
ATOM   456  C  CG2 . ILE A 1 57  ? -7.721  -16.989 1.952   1.00 30.83 ? 57   ILE A CG2 1 
ATOM   457  C  CD1 . ILE A 1 57  ? -7.485  -14.986 -0.501  1.00 31.85 ? 57   ILE A CD1 1 
ATOM   458  N  N   . SER A 1 58  ? -9.858  -17.192 4.524   1.00 30.36 ? 58   SER A N   1 
ATOM   459  C  CA  . SER A 1 58  ? -9.746  -17.499 5.958   1.00 30.83 ? 58   SER A CA  1 
ATOM   460  C  C   . SER A 1 58  ? -8.299  -17.454 6.436   1.00 31.77 ? 58   SER A C   1 
ATOM   461  O  O   . SER A 1 58  ? -7.413  -17.982 5.774   1.00 31.78 ? 58   SER A O   1 
ATOM   462  C  CB  . SER A 1 58  ? -10.316 -18.885 6.269   1.00 31.10 ? 58   SER A CB  1 
ATOM   463  O  OG  . SER A 1 58  ? -11.653 -18.977 5.845   1.00 31.66 ? 58   SER A OG  1 
ATOM   464  N  N   . LYS A 1 59  ? -8.071  -16.784 7.569   1.00 32.04 ? 59   LYS A N   1 
ATOM   465  C  CA  . LYS A 1 59  ? -6.730  -16.623 8.163   1.00 32.56 ? 59   LYS A CA  1 
ATOM   466  C  C   . LYS A 1 59  ? -5.726  -15.873 7.300   1.00 32.16 ? 59   LYS A C   1 
ATOM   467  O  O   . LYS A 1 59  ? -4.510  -15.983 7.501   1.00 33.08 ? 59   LYS A O   1 
ATOM   468  C  CB  . LYS A 1 59  ? -6.187  -17.943 8.700   1.00 33.30 ? 59   LYS A CB  1 
ATOM   469  C  CG  . LYS A 1 59  ? -7.018  -18.440 9.890   1.00 36.11 ? 59   LYS A CG  1 
ATOM   470  N  N   . CYS A 1 60  ? -6.249  -15.039 6.401   1.00 31.61 ? 60   CYS A N   1 
ATOM   471  C  CA  . CYS A 1 60  ? -5.416  -14.184 5.561   1.00 31.59 ? 60   CYS A CA  1 
ATOM   472  C  C   . CYS A 1 60  ? -5.266  -12.814 6.201   1.00 32.80 ? 60   CYS A C   1 
ATOM   473  O  O   . CYS A 1 60  ? -6.243  -12.064 6.337   1.00 32.46 ? 60   CYS A O   1 
ATOM   474  C  CB  . CYS A 1 60  ? -6.042  -14.065 4.167   1.00 31.39 ? 60   CYS A CB  1 
ATOM   475  S  SG  . CYS A 1 60  ? -5.000  -13.184 2.995   1.00 33.24 ? 60   CYS A SG  1 
ATOM   476  N  N   . TRP A 1 61  ? -4.033  -12.506 6.613   1.00 32.76 ? 61   TRP A N   1 
ATOM   477  C  CA  . TRP A 1 61  ? -3.749  -11.385 7.491   1.00 32.28 ? 61   TRP A CA  1 
ATOM   478  C  C   . TRP A 1 61  ? -2.672  -10.549 6.782   1.00 32.80 ? 61   TRP A C   1 
ATOM   479  O  O   . TRP A 1 61  ? -1.471  -10.787 6.972   1.00 32.40 ? 61   TRP A O   1 
ATOM   480  C  CB  . TRP A 1 61  ? -3.285  -11.903 8.846   1.00 33.12 ? 61   TRP A CB  1 
ATOM   481  C  CG  . TRP A 1 61  ? -4.326  -12.694 9.572   1.00 31.58 ? 61   TRP A CG  1 
ATOM   482  C  CD1 . TRP A 1 61  ? -5.652  -12.382 9.717   1.00 32.45 ? 61   TRP A CD1 1 
ATOM   483  C  CD2 . TRP A 1 61  ? -4.118  -13.890 10.314  1.00 31.99 ? 61   TRP A CD2 1 
ATOM   484  N  NE1 . TRP A 1 61  ? -6.284  -13.337 10.470  1.00 31.99 ? 61   TRP A NE1 1 
ATOM   485  C  CE2 . TRP A 1 61  ? -5.374  -14.279 10.842  1.00 31.51 ? 61   TRP A CE2 1 
ATOM   486  C  CE3 . TRP A 1 61  ? -3.019  -14.695 10.543  1.00 33.97 ? 61   TRP A CE3 1 
ATOM   487  C  CZ2 . TRP A 1 61  ? -5.537  -15.423 11.612  1.00 34.44 ? 61   TRP A CZ2 1 
ATOM   488  C  CZ3 . TRP A 1 61  ? -3.186  -15.843 11.318  1.00 34.17 ? 61   TRP A CZ3 1 
ATOM   489  C  CH2 . TRP A 1 61  ? -4.439  -16.196 11.827  1.00 32.97 ? 61   TRP A CH2 1 
ATOM   490  N  N   . PRO A 1 62  ? -3.101  -9.655  5.876   1.00 33.02 ? 62   PRO A N   1 
ATOM   491  C  CA  . PRO A 1 62  ? -2.168  -9.011  4.925   1.00 32.96 ? 62   PRO A CA  1 
ATOM   492  C  C   . PRO A 1 62  ? -0.836  -8.508  5.486   1.00 33.67 ? 62   PRO A C   1 
ATOM   493  O  O   . PRO A 1 62  ? 0.218   -8.817  4.924   1.00 33.38 ? 62   PRO A O   1 
ATOM   494  C  CB  . PRO A 1 62  ? -3.016  -7.888  4.322   1.00 33.63 ? 62   PRO A CB  1 
ATOM   495  C  CG  . PRO A 1 62  ? -4.347  -8.561  4.234   1.00 34.10 ? 62   PRO A CG  1 
ATOM   496  C  CD  . PRO A 1 62  ? -4.497  -9.264  5.581   1.00 34.41 ? 62   PRO A CD  1 
ATOM   497  N  N   . PHE A 1 63  ? -0.837  -7.762  6.584   1.00 33.73 ? 63   PHE A N   1 
ATOM   498  C  CA  . PHE A 1 63  ? 0.433   -7.193  7.060   1.00 34.55 ? 63   PHE A CA  1 
ATOM   499  C  C   . PHE A 1 63  ? 1.359   -8.252  7.644   1.00 32.63 ? 63   PHE A C   1 
ATOM   500  O  O   . PHE A 1 63  ? 2.558   -7.990  7.782   1.00 33.13 ? 63   PHE A O   1 
ATOM   501  C  CB  . PHE A 1 63  ? 0.221   -6.063  8.050   1.00 35.25 ? 63   PHE A CB  1 
ATOM   502  C  CG  . PHE A 1 63  ? -0.227  -4.756  7.389   1.00 37.12 ? 63   PHE A CG  1 
ATOM   503  C  CD1 . PHE A 1 63  ? 0.579   -4.125  6.485   1.00 41.60 ? 63   PHE A CD1 1 
ATOM   504  C  CD2 . PHE A 1 63  ? -1.461  -4.207  7.673   1.00 42.44 ? 63   PHE A CD2 1 
ATOM   505  C  CE1 . PHE A 1 63  ? 0.191   -2.908  5.880   1.00 41.48 ? 63   PHE A CE1 1 
ATOM   506  C  CE2 . PHE A 1 63  ? -1.878  -3.017  7.070   1.00 41.91 ? 63   PHE A CE2 1 
ATOM   507  C  CZ  . PHE A 1 63  ? -1.044  -2.368  6.181   1.00 41.70 ? 63   PHE A CZ  1 
ATOM   508  N  N   . PHE A 1 64  ? 0.812   -9.437  7.959   1.00 31.89 ? 64   PHE A N   1 
ATOM   509  C  CA  . PHE A 1 64  ? 1.575   -10.547 8.532   1.00 32.38 ? 64   PHE A CA  1 
ATOM   510  C  C   . PHE A 1 64  ? 1.961   -11.629 7.514   1.00 34.12 ? 64   PHE A C   1 
ATOM   511  O  O   . PHE A 1 64  ? 2.837   -12.485 7.782   1.00 36.29 ? 64   PHE A O   1 
ATOM   512  C  CB  . PHE A 1 64  ? 0.789   -11.206 9.676   1.00 32.47 ? 64   PHE A CB  1 
ATOM   513  C  CG  . PHE A 1 64  ? 0.629   -10.364 10.904  1.00 32.86 ? 64   PHE A CG  1 
ATOM   514  C  CD1 . PHE A 1 64  ? 1.539   -9.365  11.270  1.00 32.54 ? 64   PHE A CD1 1 
ATOM   515  C  CD2 . PHE A 1 64  ? -0.423  -10.657 11.783  1.00 33.78 ? 64   PHE A CD2 1 
ATOM   516  C  CE1 . PHE A 1 64  ? 1.360   -8.642  12.441  1.00 34.85 ? 64   PHE A CE1 1 
ATOM   517  C  CE2 . PHE A 1 64  ? -0.592  -9.973  12.962  1.00 34.34 ? 64   PHE A CE2 1 
ATOM   518  C  CZ  . PHE A 1 64  ? 0.288   -8.956  13.309  1.00 35.20 ? 64   PHE A CZ  1 
ATOM   519  N  N   . LYS A 1 65  ? 1.332   -11.590 6.360   1.00 32.87 ? 65   LYS A N   1 
ATOM   520  C  CA  . LYS A 1 65  ? 1.436   -12.675 5.393   1.00 34.19 ? 65   LYS A CA  1 
ATOM   521  C  C   . LYS A 1 65  ? 2.656   -12.525 4.514   1.00 33.24 ? 65   LYS A C   1 
ATOM   522  O  O   . LYS A 1 65  ? 2.749   -11.571 3.761   1.00 32.74 ? 65   LYS A O   1 
ATOM   523  C  CB  . LYS A 1 65  ? 0.196   -12.758 4.506   1.00 34.31 ? 65   LYS A CB  1 
ATOM   524  C  CG  . LYS A 1 65  ? 0.298   -13.848 3.438   1.00 34.90 ? 65   LYS A CG  1 
ATOM   525  C  CD  . LYS A 1 65  ? 0.046   -15.217 4.059   1.00 36.30 ? 65   LYS A CD  1 
ATOM   526  C  CE  . LYS A 1 65  ? 0.004   -16.349 3.039   1.00 35.40 ? 65   LYS A CE  1 
ATOM   527  N  NZ  . LYS A 1 65  ? -0.183  -17.610 3.745   1.00 36.36 ? 65   LYS A NZ  1 
ATOM   528  N  N   . THR A 1 66  ? 3.549   -13.509 4.578   1.00 33.03 ? 66   THR A N   1 
ATOM   529  C  CA  . THR A 1 66  ? 4.732   -13.532 3.724   1.00 33.68 ? 66   THR A CA  1 
ATOM   530  C  C   . THR A 1 66  ? 4.354   -13.935 2.321   1.00 33.36 ? 66   THR A C   1 
ATOM   531  O  O   . THR A 1 66  ? 3.567   -14.882 2.129   1.00 34.25 ? 66   THR A O   1 
ATOM   532  C  CB  . THR A 1 66  ? 5.794   -14.500 4.268   1.00 33.87 ? 66   THR A CB  1 
ATOM   533  O  OG1 . THR A 1 66  ? 6.192   -14.050 5.577   1.00 37.09 ? 66   THR A OG1 1 
ATOM   534  C  CG2 . THR A 1 66  ? 7.020   -14.517 3.359   1.00 34.10 ? 66   THR A CG2 1 
ATOM   535  N  N   . TYR A 1 67  ? 4.915   -13.245 1.336   1.00 32.84 ? 67   TYR A N   1 
ATOM   536  C  CA  . TYR A 1 67  ? 4.685   -13.648 -0.077  1.00 33.55 ? 67   TYR A CA  1 
ATOM   537  C  C   . TYR A 1 67  ? 6.006   -13.627 -0.829  1.00 33.25 ? 67   TYR A C   1 
ATOM   538  O  O   . TYR A 1 67  ? 7.036   -13.251 -0.270  1.00 33.98 ? 67   TYR A O   1 
ATOM   539  C  CB  . TYR A 1 67  ? 3.622   -12.776 -0.738  1.00 32.94 ? 67   TYR A CB  1 
ATOM   540  C  CG  . TYR A 1 67  ? 3.844   -11.277 -0.670  1.00 33.24 ? 67   TYR A CG  1 
ATOM   541  C  CD1 . TYR A 1 67  ? 4.832   -10.665 -1.408  1.00 34.49 ? 67   TYR A CD1 1 
ATOM   542  C  CD2 . TYR A 1 67  ? 3.012   -10.463 0.087   1.00 33.56 ? 67   TYR A CD2 1 
ATOM   543  C  CE1 . TYR A 1 67  ? 5.013   -9.304  -1.368  1.00 33.30 ? 67   TYR A CE1 1 
ATOM   544  C  CE2 . TYR A 1 67  ? 3.189   -9.053  0.124   1.00 31.71 ? 67   TYR A CE2 1 
ATOM   545  C  CZ  . TYR A 1 67  ? 4.208   -8.500  -0.588  1.00 30.46 ? 67   TYR A CZ  1 
ATOM   546  O  OH  . TYR A 1 67  ? 4.422   -7.143  -0.583  1.00 33.11 ? 67   TYR A OH  1 
ATOM   547  N  N   . SER A 1 68  ? 5.979   -14.109 -2.064  1.00 34.06 ? 68   SER A N   1 
ATOM   548  C  CA  . SER A 1 68  ? 7.159   -14.210 -2.910  1.00 34.63 ? 68   SER A CA  1 
ATOM   549  C  C   . SER A 1 68  ? 6.999   -13.234 -4.066  1.00 33.98 ? 68   SER A C   1 
ATOM   550  O  O   . SER A 1 68  ? 5.986   -13.243 -4.771  1.00 33.23 ? 68   SER A O   1 
ATOM   551  C  CB  . SER A 1 68  ? 7.286   -15.644 -3.434  1.00 34.41 ? 68   SER A CB  1 
ATOM   552  O  OG  . SER A 1 68  ? 8.383   -15.793 -4.319  1.00 39.67 ? 68   SER A OG  1 
ATOM   553  N  N   . TYR A 1 69  ? 7.995   -12.378 -4.244  1.00 32.86 ? 69   TYR A N   1 
ATOM   554  C  CA  . TYR A 1 69  ? 7.993   -11.408 -5.331  1.00 32.74 ? 69   TYR A CA  1 
ATOM   555  C  C   . TYR A 1 69  ? 9.423   -11.007 -5.657  1.00 33.23 ? 69   TYR A C   1 
ATOM   556  O  O   . TYR A 1 69  ? 10.360  -11.353 -4.926  1.00 33.41 ? 69   TYR A O   1 
ATOM   557  C  CB  . TYR A 1 69  ? 7.184   -10.175 -4.901  1.00 32.73 ? 69   TYR A CB  1 
ATOM   558  C  CG  . TYR A 1 69  ? 7.995   -9.250  -4.061  1.00 32.07 ? 69   TYR A CG  1 
ATOM   559  C  CD1 . TYR A 1 69  ? 8.296   -9.569  -2.729  1.00 31.97 ? 69   TYR A CD1 1 
ATOM   560  C  CD2 . TYR A 1 69  ? 8.486   -8.074  -4.579  1.00 33.62 ? 69   TYR A CD2 1 
ATOM   561  C  CE1 . TYR A 1 69  ? 9.043   -8.723  -1.946  1.00 31.64 ? 69   TYR A CE1 1 
ATOM   562  C  CE2 . TYR A 1 69  ? 9.277   -7.214  -3.794  1.00 33.07 ? 69   TYR A CE2 1 
ATOM   563  C  CZ  . TYR A 1 69  ? 9.559   -7.569  -2.485  1.00 32.31 ? 69   TYR A CZ  1 
ATOM   564  O  OH  . TYR A 1 69  ? 10.342  -6.751  -1.697  1.00 34.70 ? 69   TYR A OH  1 
ATOM   565  N  N   A LYS A 1 70  ? 9.602   -10.285 -6.761  0.50 33.31 ? 70   LYS A N   1 
ATOM   566  N  N   B LYS A 1 70  ? 9.566   -10.285 -6.764  0.50 33.44 ? 70   LYS A N   1 
ATOM   567  C  CA  A LYS A 1 70  ? 10.916  -9.758  -7.142  0.50 33.63 ? 70   LYS A CA  1 
ATOM   568  C  CA  B LYS A 1 70  ? 10.838  -9.728  -7.198  0.50 33.86 ? 70   LYS A CA  1 
ATOM   569  C  C   A LYS A 1 70  ? 10.809  -8.299  -7.602  0.50 33.72 ? 70   LYS A C   1 
ATOM   570  C  C   B LYS A 1 70  ? 10.707  -8.236  -7.499  0.50 33.76 ? 70   LYS A C   1 
ATOM   571  O  O   A LYS A 1 70  ? 9.924   -7.962  -8.372  0.50 33.56 ? 70   LYS A O   1 
ATOM   572  O  O   B LYS A 1 70  ? 9.704   -7.814  -8.050  0.50 33.54 ? 70   LYS A O   1 
ATOM   573  C  CB  A LYS A 1 70  ? 11.502  -10.653 -8.241  0.50 33.87 ? 70   LYS A CB  1 
ATOM   574  C  CB  B LYS A 1 70  ? 11.268  -10.455 -8.461  0.50 34.24 ? 70   LYS A CB  1 
ATOM   575  C  CG  A LYS A 1 70  ? 12.763  -10.165 -8.929  0.50 34.69 ? 70   LYS A CG  1 
ATOM   576  C  CG  B LYS A 1 70  ? 12.448  -9.852  -9.159  0.50 35.74 ? 70   LYS A CG  1 
ATOM   577  C  CD  A LYS A 1 70  ? 13.941  -9.998  -7.978  0.50 34.44 ? 70   LYS A CD  1 
ATOM   578  C  CD  B LYS A 1 70  ? 12.819  -10.642 -10.388 0.50 37.53 ? 70   LYS A CD  1 
ATOM   579  C  CE  A LYS A 1 70  ? 15.223  -9.697  -8.765  0.50 33.69 ? 70   LYS A CE  1 
ATOM   580  C  CE  B LYS A 1 70  ? 12.071  -10.178 -11.625 0.50 37.69 ? 70   LYS A CE  1 
ATOM   581  N  NZ  A LYS A 1 70  ? 16.078  -8.633  -8.163  0.50 35.05 ? 70   LYS A NZ  1 
ATOM   582  N  NZ  B LYS A 1 70  ? 10.684  -10.704 -11.698 0.50 38.95 ? 70   LYS A NZ  1 
ATOM   583  N  N   . CYS A 1 71  ? 11.720  -7.454  -7.115  1.00 33.45 ? 71   CYS A N   1 
ATOM   584  C  CA  . CYS A 1 71  ? 11.932  -6.102  -7.637  1.00 33.80 ? 71   CYS A CA  1 
ATOM   585  C  C   . CYS A 1 71  ? 13.169  -6.138  -8.534  1.00 34.83 ? 71   CYS A C   1 
ATOM   586  O  O   . CYS A 1 71  ? 14.285  -6.393  -8.058  1.00 34.86 ? 71   CYS A O   1 
ATOM   587  C  CB  . CYS A 1 71  ? 12.162  -5.115  -6.505  1.00 33.80 ? 71   CYS A CB  1 
ATOM   588  S  SG  . CYS A 1 71  ? 12.715  -3.508  -7.103  1.00 33.80 ? 71   CYS A SG  1 
ATOM   589  N  N   . SER A 1 72  ? 12.969  -5.891  -9.822  1.00 35.02 ? 72   SER A N   1 
ATOM   590  C  CA  . SER A 1 72  ? 14.072  -5.841  -10.784 1.00 36.78 ? 72   SER A CA  1 
ATOM   591  C  C   . SER A 1 72  ? 14.024  -4.542  -11.524 1.00 36.84 ? 72   SER A C   1 
ATOM   592  O  O   . SER A 1 72  ? 13.062  -4.283  -12.233 1.00 37.16 ? 72   SER A O   1 
ATOM   593  C  CB  . SER A 1 72  ? 13.951  -6.955  -11.810 1.00 37.09 ? 72   SER A CB  1 
ATOM   594  O  OG  . SER A 1 72  ? 13.987  -8.203  -11.188 1.00 40.40 ? 72   SER A OG  1 
ATOM   595  N  N   . GLN A 1 73  ? 15.067  -3.733  -11.359 1.00 37.55 ? 73   GLN A N   1 
ATOM   596  C  CA  . GLN A 1 73  ? 15.219  -2.489  -12.091 1.00 38.12 ? 73   GLN A CA  1 
ATOM   597  C  C   . GLN A 1 73  ? 13.945  -1.661  -12.004 1.00 37.27 ? 73   GLN A C   1 
ATOM   598  O  O   . GLN A 1 73  ? 13.456  -1.127  -13.007 1.00 37.01 ? 73   GLN A O   1 
ATOM   599  C  CB  . GLN A 1 73  ? 15.579  -2.783  -13.542 1.00 38.30 ? 73   GLN A CB  1 
ATOM   600  C  CG  . GLN A 1 73  ? 16.843  -3.589  -13.675 1.00 39.56 ? 73   GLN A CG  1 
ATOM   601  C  CD  . GLN A 1 73  ? 16.802  -4.490  -14.876 1.00 42.74 ? 73   GLN A CD  1 
ATOM   602  O  OE1 . GLN A 1 73  ? 16.262  -5.595  -14.815 1.00 44.15 ? 73   GLN A OE1 1 
ATOM   603  N  NE2 . GLN A 1 73  ? 17.360  -4.019  -15.985 1.00 42.59 ? 73   GLN A NE2 1 
ATOM   604  N  N   . GLY A 1 74  ? 13.405  -1.573  -10.796 1.00 37.11 ? 74   GLY A N   1 
ATOM   605  C  CA  . GLY A 1 74  ? 12.201  -0.799  -10.542 1.00 36.71 ? 74   GLY A CA  1 
ATOM   606  C  C   . GLY A 1 74  ? 10.858  -1.407  -10.933 1.00 36.36 ? 74   GLY A C   1 
ATOM   607  O  O   . GLY A 1 74  ? 9.825   -0.746  -10.760 1.00 35.47 ? 74   GLY A O   1 
ATOM   608  N  N   . THR A 1 75  ? 10.866  -2.652  -11.432 1.00 35.20 ? 75   THR A N   1 
ATOM   609  C  CA  . THR A 1 75  ? 9.653   -3.373  -11.839 1.00 34.83 ? 75   THR A CA  1 
ATOM   610  C  C   . THR A 1 75  ? 9.349   -4.492  -10.829 1.00 34.56 ? 75   THR A C   1 
ATOM   611  O  O   . THR A 1 75  ? 10.271  -5.248  -10.474 1.00 34.37 ? 75   THR A O   1 
ATOM   612  C  CB  . THR A 1 75  ? 9.833   -3.984  -13.236 1.00 34.25 ? 75   THR A CB  1 
ATOM   613  O  OG1 . THR A 1 75  ? 9.940   -2.930  -14.206 1.00 35.83 ? 75   THR A OG1 1 
ATOM   614  C  CG2 . THR A 1 75  ? 8.664   -4.895  -13.604 1.00 35.69 ? 75   THR A CG2 1 
ATOM   615  N  N   . LEU A 1 76  ? 8.083   -4.573  -10.368 1.00 33.89 ? 76   LEU A N   1 
ATOM   616  C  CA  . LEU A 1 76  ? 7.633   -5.591  -9.406  1.00 33.63 ? 76   LEU A CA  1 
ATOM   617  C  C   . LEU A 1 76  ? 6.916   -6.730  -10.080 1.00 33.94 ? 76   LEU A C   1 
ATOM   618  O  O   . LEU A 1 76  ? 6.052   -6.504  -10.923 1.00 33.95 ? 76   LEU A O   1 
ATOM   619  C  CB  . LEU A 1 76  ? 6.654   -5.001  -8.390  1.00 33.49 ? 76   LEU A CB  1 
ATOM   620  C  CG  . LEU A 1 76  ? 7.193   -3.896  -7.499  1.00 33.30 ? 76   LEU A CG  1 
ATOM   621  C  CD1 . LEU A 1 76  ? 6.071   -3.107  -6.787  1.00 35.44 ? 76   LEU A CD1 1 
ATOM   622  C  CD2 . LEU A 1 76  ? 8.145   -4.569  -6.504  1.00 32.63 ? 76   LEU A CD2 1 
ATOM   623  N  N   . THR A 1 77  ? 7.260   -7.958  -9.701  1.00 33.16 ? 77   THR A N   1 
ATOM   624  C  CA  . THR A 1 77  ? 6.517   -9.137  -10.144 1.00 33.42 ? 77   THR A CA  1 
ATOM   625  C  C   . THR A 1 77  ? 6.172   -10.025 -8.943  1.00 34.15 ? 77   THR A C   1 
ATOM   626  O  O   . THR A 1 77  ? 7.051   -10.355 -8.154  1.00 34.62 ? 77   THR A O   1 
ATOM   627  C  CB  . THR A 1 77  ? 7.350   -9.964  -11.146 1.00 34.03 ? 77   THR A CB  1 
ATOM   628  O  OG1 . THR A 1 77  ? 7.822   -9.125  -12.210 1.00 33.78 ? 77   THR A OG1 1 
ATOM   629  C  CG2 . THR A 1 77  ? 6.523   -11.070 -11.727 1.00 35.51 ? 77   THR A CG2 1 
ATOM   630  N  N   . CYS A 1 78  ? 4.911   -10.439 -8.817  1.00 33.77 ? 78   CYS A N   1 
ATOM   631  C  CA  . CYS A 1 78  ? 4.517   -11.420 -7.797  1.00 35.32 ? 78   CYS A CA  1 
ATOM   632  C  C   . CYS A 1 78  ? 4.745   -12.806 -8.367  1.00 35.90 ? 78   CYS A C   1 
ATOM   633  O  O   . CYS A 1 78  ? 4.362   -13.057 -9.504  1.00 36.16 ? 78   CYS A O   1 
ATOM   634  C  CB  . CYS A 1 78  ? 3.049   -11.243 -7.400  1.00 34.66 ? 78   CYS A CB  1 
ATOM   635  S  SG  . CYS A 1 78  ? 2.717   -9.692  -6.543  1.00 34.54 ? 78   CYS A SG  1 
ATOM   636  N  N   . LYS A 1 79  ? 5.393   -13.679 -7.604  1.00 36.56 ? 79   LYS A N   1 
ATOM   637  C  CA  . LYS A 1 79  ? 5.822   -14.990 -8.118  1.00 38.19 ? 79   LYS A CA  1 
ATOM   638  C  C   . LYS A 1 79  ? 4.700   -16.031 -8.058  1.00 38.61 ? 79   LYS A C   1 
ATOM   639  O  O   . LYS A 1 79  ? 3.782   -15.955 -7.235  1.00 39.28 ? 79   LYS A O   1 
ATOM   640  C  CB  . LYS A 1 79  ? 7.056   -15.500 -7.361  1.00 38.35 ? 79   LYS A CB  1 
ATOM   641  C  CG  . LYS A 1 79  ? 8.257   -14.592 -7.426  1.00 40.82 ? 79   LYS A CG  1 
ATOM   642  C  CD  . LYS A 1 79  ? 9.571   -15.364 -7.209  1.00 43.34 ? 79   LYS A CD  1 
ATOM   643  C  CE  . LYS A 1 79  ? 10.641  -14.530 -6.514  1.00 45.31 ? 79   LYS A CE  1 
ATOM   644  N  NZ  . LYS A 1 79  ? 11.825  -15.382 -6.160  1.00 48.03 ? 79   LYS A NZ  1 
ATOM   645  N  N   . GLY A 1 80  ? 4.804   -17.046 -8.915  1.00 39.59 ? 80   GLY A N   1 
ATOM   646  C  CA  . GLY A 1 80  ? 3.705   -17.985 -9.101  1.00 40.28 ? 80   GLY A CA  1 
ATOM   647  C  C   . GLY A 1 80  ? 3.410   -18.944 -7.957  1.00 41.13 ? 80   GLY A C   1 
ATOM   648  O  O   . GLY A 1 80  ? 2.286   -19.465 -7.871  1.00 42.33 ? 80   GLY A O   1 
ATOM   649  N  N   . GLY A 1 81  ? 4.390   -19.173 -7.075  1.00 40.97 ? 81   GLY A N   1 
ATOM   650  C  CA  . GLY A 1 81  ? 4.248   -20.152 -5.987  1.00 40.68 ? 81   GLY A CA  1 
ATOM   651  C  C   . GLY A 1 81  ? 3.504   -19.627 -4.757  1.00 40.25 ? 81   GLY A C   1 
ATOM   652  O  O   . GLY A 1 81  ? 3.425   -20.305 -3.725  1.00 41.75 ? 81   GLY A O   1 
ATOM   653  N  N   . ASN A 1 82  ? 2.979   -18.418 -4.841  1.00 38.63 ? 82   ASN A N   1 
ATOM   654  C  CA  . ASN A 1 82  ? 2.205   -17.839 -3.743  1.00 37.84 ? 82   ASN A CA  1 
ATOM   655  C  C   . ASN A 1 82  ? 0.881   -18.561 -3.569  1.00 37.19 ? 82   ASN A C   1 
ATOM   656  O  O   . ASN A 1 82  ? 0.207   -18.843 -4.556  1.00 36.86 ? 82   ASN A O   1 
ATOM   657  C  CB  . ASN A 1 82  ? 1.909   -16.379 -4.047  1.00 37.34 ? 82   ASN A CB  1 
ATOM   658  C  CG  . ASN A 1 82  ? 3.098   -15.484 -3.841  1.00 38.10 ? 82   ASN A CG  1 
ATOM   659  O  OD1 . ASN A 1 82  ? 3.807   -15.596 -2.840  1.00 36.38 ? 82   ASN A OD1 1 
ATOM   660  N  ND2 . ASN A 1 82  ? 3.272   -14.518 -4.747  1.00 37.06 ? 82   ASN A ND2 1 
ATOM   661  N  N   . ASN A 1 83  ? 0.512   -18.836 -2.317  1.00 35.78 ? 83   ASN A N   1 
ATOM   662  C  CA  . ASN A 1 83  ? -0.811  -19.360 -2.001  1.00 35.20 ? 83   ASN A CA  1 
ATOM   663  C  C   . ASN A 1 83  ? -1.874  -18.266 -2.230  1.00 34.76 ? 83   ASN A C   1 
ATOM   664  O  O   . ASN A 1 83  ? -1.539  -17.143 -2.636  1.00 33.46 ? 83   ASN A O   1 
ATOM   665  C  CB  . ASN A 1 83  ? -0.866  -20.090 -0.612  1.00 34.88 ? 83   ASN A CB  1 
ATOM   666  C  CG  . ASN A 1 83  ? -0.795  -19.158 0.619   1.00 36.23 ? 83   ASN A CG  1 
ATOM   667  O  OD1 . ASN A 1 83  ? -0.367  -19.570 1.726   1.00 34.81 ? 83   ASN A OD1 1 
ATOM   668  N  ND2 . ASN A 1 83  ? -1.222  -17.943 0.449   1.00 30.88 ? 83   ASN A ND2 1 
ATOM   669  N  N   . ALA A 1 84  ? -3.140  -18.609 -2.037  1.00 34.32 ? 84   ALA A N   1 
ATOM   670  C  CA  . ALA A 1 84  ? -4.223  -17.712 -2.421  1.00 34.17 ? 84   ALA A CA  1 
ATOM   671  C  C   . ALA A 1 84  ? -4.100  -16.361 -1.713  1.00 33.13 ? 84   ALA A C   1 
ATOM   672  O  O   . ALA A 1 84  ? -4.189  -15.295 -2.328  1.00 33.35 ? 84   ALA A O   1 
ATOM   673  C  CB  . ALA A 1 84  ? -5.568  -18.349 -2.101  1.00 34.69 ? 84   ALA A CB  1 
ATOM   674  N  N   . CYS A 1 85  ? -3.891  -16.430 -0.414  1.00 32.59 ? 85   CYS A N   1 
ATOM   675  C  CA  . CYS A 1 85  ? -3.708  -15.223 0.406   1.00 32.09 ? 85   CYS A CA  1 
ATOM   676  C  C   . CYS A 1 85  ? -2.479  -14.445 -0.024  1.00 32.45 ? 85   CYS A C   1 
ATOM   677  O  O   . CYS A 1 85  ? -2.547  -13.247 -0.267  1.00 33.15 ? 85   CYS A O   1 
ATOM   678  C  CB  . CYS A 1 85  ? -3.608  -15.617 1.877   1.00 31.53 ? 85   CYS A CB  1 
ATOM   679  S  SG  . CYS A 1 85  ? -3.267  -14.250 3.012   1.00 32.98 ? 85   CYS A SG  1 
ATOM   680  N  N   . ALA A 1 86  ? -1.327  -15.119 -0.071  1.00 32.15 ? 86   ALA A N   1 
ATOM   681  C  CA  . ALA A 1 86  ? -0.073  -14.491 -0.521  1.00 31.94 ? 86   ALA A CA  1 
ATOM   682  C  C   . ALA A 1 86  ? -0.227  -13.816 -1.876  1.00 31.92 ? 86   ALA A C   1 
ATOM   683  O  O   . ALA A 1 86  ? 0.198   -12.682 -2.065  1.00 32.06 ? 86   ALA A O   1 
ATOM   684  C  CB  . ALA A 1 86  ? 1.043   -15.528 -0.586  1.00 31.52 ? 86   ALA A CB  1 
ATOM   685  N  N   . ALA A 1 87  ? -0.844  -14.515 -2.825  1.00 31.99 ? 87   ALA A N   1 
ATOM   686  C  CA  . ALA A 1 87  ? -1.042  -13.965 -4.176  1.00 31.66 ? 87   ALA A CA  1 
ATOM   687  C  C   . ALA A 1 87  ? -1.856  -12.693 -4.128  1.00 31.97 ? 87   ALA A C   1 
ATOM   688  O  O   . ALA A 1 87  ? -1.477  -11.671 -4.735  1.00 32.21 ? 87   ALA A O   1 
ATOM   689  C  CB  . ALA A 1 87  ? -1.727  -14.991 -5.093  1.00 32.60 ? 87   ALA A CB  1 
ATOM   690  N  N   A SER A 1 88  ? -2.960  -12.730 -3.387  0.60 31.80 ? 88   SER A N   1 
ATOM   691  N  N   B SER A 1 88  ? -2.959  -12.737 -3.379  0.40 31.69 ? 88   SER A N   1 
ATOM   692  C  CA  A SER A 1 88  ? -3.855  -11.578 -3.320  0.60 31.97 ? 88   SER A CA  1 
ATOM   693  C  CA  B SER A 1 88  ? -3.878  -11.601 -3.293  0.40 31.63 ? 88   SER A CA  1 
ATOM   694  C  C   A SER A 1 88  ? -3.146  -10.392 -2.668  0.60 30.99 ? 88   SER A C   1 
ATOM   695  C  C   B SER A 1 88  ? -3.180  -10.400 -2.653  0.40 31.12 ? 88   SER A C   1 
ATOM   696  O  O   A SER A 1 88  ? -3.197  -9.261  -3.162  0.60 30.91 ? 88   SER A O   1 
ATOM   697  O  O   B SER A 1 88  ? -3.274  -9.270  -3.135  0.40 31.14 ? 88   SER A O   1 
ATOM   698  C  CB  A SER A 1 88  ? -5.110  -11.918 -2.535  0.60 31.95 ? 88   SER A CB  1 
ATOM   699  C  CB  B SER A 1 88  ? -5.130  -11.953 -2.482  0.40 31.63 ? 88   SER A CB  1 
ATOM   700  O  OG  A SER A 1 88  ? -4.772  -12.317 -1.215  0.60 35.31 ? 88   SER A OG  1 
ATOM   701  O  OG  B SER A 1 88  ? -5.263  -13.351 -2.272  0.40 32.83 ? 88   SER A OG  1 
ATOM   702  N  N   . VAL A 1 89  ? -2.494  -10.656 -1.549  1.00 31.46 ? 89   VAL A N   1 
ATOM   703  C  CA  . VAL A 1 89  ? -1.817  -9.583  -0.795  1.00 31.39 ? 89   VAL A CA  1 
ATOM   704  C  C   . VAL A 1 89  ? -0.683  -8.985  -1.627  1.00 31.56 ? 89   VAL A C   1 
ATOM   705  O  O   . VAL A 1 89  ? -0.474  -7.741  -1.671  1.00 30.99 ? 89   VAL A O   1 
ATOM   706  C  CB  . VAL A 1 89  ? -1.279  -10.120 0.557   1.00 30.78 ? 89   VAL A CB  1 
ATOM   707  C  CG1 . VAL A 1 89  ? -0.448  -9.045  1.289   1.00 31.22 ? 89   VAL A CG1 1 
ATOM   708  C  CG2 . VAL A 1 89  ? -2.447  -10.546 1.459   1.00 30.78 ? 89   VAL A CG2 1 
ATOM   709  N  N   . CYS A 1 90  ? 0.074   -9.859  -2.284  1.00 31.42 ? 90   CYS A N   1 
ATOM   710  C  CA  . CYS A 1 90  ? 1.170   -9.413  -3.140  1.00 31.95 ? 90   CYS A CA  1 
ATOM   711  C  C   . CYS A 1 90  ? 0.630   -8.481  -4.211  1.00 32.47 ? 90   CYS A C   1 
ATOM   712  O  O   . CYS A 1 90  ? 1.200   -7.423  -4.458  1.00 33.09 ? 90   CYS A O   1 
ATOM   713  C  CB  . CYS A 1 90  ? 1.895   -10.593 -3.793  1.00 32.09 ? 90   CYS A CB  1 
ATOM   714  S  SG  . CYS A 1 90  ? 3.399   -10.128 -4.689  1.00 32.81 ? 90   CYS A SG  1 
ATOM   715  N  N   . ASP A 1 91  ? -0.477  -8.847  -4.861  1.00 32.11 ? 91   ASP A N   1 
ATOM   716  C  CA  . ASP A 1 91  ? -1.016  -7.976  -5.934  1.00 32.93 ? 91   ASP A CA  1 
ATOM   717  C  C   . ASP A 1 91  ? -1.502  -6.635  -5.383  1.00 32.87 ? 91   ASP A C   1 
ATOM   718  O  O   . ASP A 1 91  ? -1.321  -5.591  -6.030  1.00 32.22 ? 91   ASP A O   1 
ATOM   719  C  CB  . ASP A 1 91  ? -2.124  -8.653  -6.703  1.00 33.86 ? 91   ASP A CB  1 
ATOM   720  C  CG  . ASP A 1 91  ? -2.329  -8.022  -8.107  1.00 35.78 ? 91   ASP A CG  1 
ATOM   721  O  OD1 . ASP A 1 91  ? -1.344  -7.994  -8.879  1.00 38.42 ? 91   ASP A OD1 1 
ATOM   722  O  OD2 . ASP A 1 91  ? -3.461  -7.567  -8.411  1.00 38.80 ? 91   ASP A OD2 1 
ATOM   723  N  N   . CYS A 1 92  ? -2.113  -6.658  -4.194  1.00 32.09 ? 92   CYS A N   1 
ATOM   724  C  CA  . CYS A 1 92  ? -2.584  -5.408  -3.581  1.00 31.97 ? 92   CYS A CA  1 
ATOM   725  C  C   . CYS A 1 92  ? -1.394  -4.473  -3.402  1.00 32.24 ? 92   CYS A C   1 
ATOM   726  O  O   . CYS A 1 92  ? -1.464  -3.268  -3.731  1.00 31.17 ? 92   CYS A O   1 
ATOM   727  C  CB  . CYS A 1 92  ? -3.189  -5.663  -2.201  1.00 31.86 ? 92   CYS A CB  1 
ATOM   728  S  SG  . CYS A 1 92  ? -4.748  -6.552  -2.229  1.00 32.89 ? 92   CYS A SG  1 
ATOM   729  N  N   . ASP A 1 93  ? -0.322  -5.025  -2.820  1.00 31.46 ? 93   ASP A N   1 
ATOM   730  C  CA  . ASP A 1 93  ? 0.923   -4.268  -2.592  1.00 31.19 ? 93   ASP A CA  1 
ATOM   731  C  C   . ASP A 1 93  ? 1.527   -3.739  -3.890  1.00 31.40 ? 93   ASP A C   1 
ATOM   732  O  O   . ASP A 1 93  ? 1.918   -2.574  -3.968  1.00 32.10 ? 93   ASP A O   1 
ATOM   733  C  CB  . ASP A 1 93  ? 1.915   -5.125  -1.829  1.00 30.15 ? 93   ASP A CB  1 
ATOM   734  C  CG  . ASP A 1 93  ? 1.506   -5.289  -0.364  1.00 30.49 ? 93   ASP A CG  1 
ATOM   735  O  OD1 . ASP A 1 93  ? 0.459   -4.749  0.071   1.00 30.65 ? 93   ASP A OD1 1 
ATOM   736  O  OD2 . ASP A 1 93  ? 2.261   -5.940  0.363   1.00 30.47 ? 93   ASP A OD2 1 
ATOM   737  N  N   . ARG A 1 94  ? 1.580   -4.591  -4.912  1.00 31.10 ? 94   ARG A N   1 
ATOM   738  C  CA  . ARG A 1 94  ? 2.169   -4.222  -6.193  1.00 32.37 ? 94   ARG A CA  1 
ATOM   739  C  C   . ARG A 1 94  ? 1.418   -3.056  -6.834  1.00 31.80 ? 94   ARG A C   1 
ATOM   740  O  O   . ARG A 1 94  ? 2.005   -2.043  -7.245  1.00 31.54 ? 94   ARG A O   1 
ATOM   741  C  CB  . ARG A 1 94  ? 2.148   -5.437  -7.127  1.00 32.23 ? 94   ARG A CB  1 
ATOM   742  C  CG  . ARG A 1 94  ? 2.743   -5.222  -8.512  1.00 32.71 ? 94   ARG A CG  1 
ATOM   743  C  CD  . ARG A 1 94  ? 2.605   -6.499  -9.374  1.00 33.15 ? 94   ARG A CD  1 
ATOM   744  N  NE  . ARG A 1 94  ? 1.208   -6.714  -9.735  1.00 33.05 ? 94   ARG A NE  1 
ATOM   745  C  CZ  . ARG A 1 94  ? 0.591   -6.024  -10.688 1.00 35.54 ? 94   ARG A CZ  1 
ATOM   746  N  NH1 . ARG A 1 94  ? 1.287   -5.156  -11.400 1.00 36.68 ? 94   ARG A NH1 1 
ATOM   747  N  NH2 . ARG A 1 94  ? -0.695  -6.227  -10.970 1.00 35.32 ? 94   ARG A NH2 1 
ATOM   748  N  N   . LEU A 1 95  ? 0.102   -3.198  -6.887  1.00 31.46 ? 95   LEU A N   1 
ATOM   749  C  CA  . LEU A 1 95  ? -0.724  -2.169  -7.509  1.00 32.67 ? 95   LEU A CA  1 
ATOM   750  C  C   . LEU A 1 95  ? -0.581  -0.846  -6.741  1.00 31.66 ? 95   LEU A C   1 
ATOM   751  O  O   . LEU A 1 95  ? -0.488  0.212   -7.363  1.00 32.32 ? 95   LEU A O   1 
ATOM   752  C  CB  . LEU A 1 95  ? -2.166  -2.625  -7.591  1.00 32.44 ? 95   LEU A CB  1 
ATOM   753  C  CG  . LEU A 1 95  ? -2.425  -3.790  -8.551  1.00 34.43 ? 95   LEU A CG  1 
ATOM   754  C  CD1 . LEU A 1 95  ? -3.833  -4.322  -8.326  1.00 37.63 ? 95   LEU A CD1 1 
ATOM   755  C  CD2 . LEU A 1 95  ? -2.165  -3.351  -10.005 1.00 35.16 ? 95   LEU A CD2 1 
ATOM   756  N  N   . ALA A 1 96  ? -0.515  -0.891  -5.415  1.00 31.99 ? 96   ALA A N   1 
ATOM   757  C  CA  . ALA A 1 96  ? -0.337  0.313   -4.610  1.00 31.81 ? 96   ALA A CA  1 
ATOM   758  C  C   . ALA A 1 96  ? 1.017   0.966   -4.860  1.00 31.55 ? 96   ALA A C   1 
ATOM   759  O  O   . ALA A 1 96  ? 1.123   2.198   -5.010  1.00 30.42 ? 96   ALA A O   1 
ATOM   760  C  CB  . ALA A 1 96  ? -0.484  -0.017  -3.112  1.00 32.69 ? 96   ALA A CB  1 
ATOM   761  N  N   . ALA A 1 97  ? 2.063   0.153   -4.881  1.00 30.92 ? 97   ALA A N   1 
ATOM   762  C  CA  . ALA A 1 97  ? 3.421   0.685   -5.129  1.00 32.00 ? 97   ALA A CA  1 
ATOM   763  C  C   . ALA A 1 97  ? 3.451   1.414   -6.474  1.00 31.36 ? 97   ALA A C   1 
ATOM   764  O  O   . ALA A 1 97  ? 4.042   2.490   -6.611  1.00 33.12 ? 97   ALA A O   1 
ATOM   765  C  CB  . ALA A 1 97  ? 4.476   -0.438  -5.103  1.00 32.01 ? 97   ALA A CB  1 
ATOM   766  N  N   . ILE A 1 98  ? 2.783   0.845   -7.458  1.00 31.25 ? 98   ILE A N   1 
ATOM   767  C  CA  . ILE A 1 98  ? 2.752   1.457   -8.792  1.00 31.05 ? 98   ILE A CA  1 
ATOM   768  C  C   . ILE A 1 98  ? 1.959   2.778   -8.715  1.00 30.84 ? 98   ILE A C   1 
ATOM   769  O  O   . ILE A 1 98  ? 2.410   3.789   -9.274  1.00 30.40 ? 98   ILE A O   1 
ATOM   770  C  CB  . ILE A 1 98  ? 2.134   0.525   -9.837  1.00 31.98 ? 98   ILE A CB  1 
ATOM   771  C  CG1 . ILE A 1 98  ? 3.055   -0.669  -10.087 1.00 30.77 ? 98   ILE A CG1 1 
ATOM   772  C  CG2 . ILE A 1 98  ? 1.915   1.261   -11.170 1.00 30.44 ? 98   ILE A CG2 1 
ATOM   773  C  CD1 . ILE A 1 98  ? 2.358   -1.864  -10.670 1.00 35.01 ? 98   ILE A CD1 1 
ATOM   774  N  N   . CYS A 1 99  ? 0.802   2.741   -8.052  1.00 30.71 ? 99   CYS A N   1 
ATOM   775  C  CA  . CYS A 1 99  ? -0.053  3.931   -7.822  1.00 31.18 ? 99   CYS A CA  1 
ATOM   776  C  C   . CYS A 1 99  ? 0.725   5.069   -7.122  1.00 31.00 ? 99   CYS A C   1 
ATOM   777  O  O   . CYS A 1 99  ? 0.767   6.229   -7.596  1.00 31.10 ? 99   CYS A O   1 
ATOM   778  C  CB  . CYS A 1 99  ? -1.301  3.546   -7.010  1.00 31.28 ? 99   CYS A CB  1 
ATOM   779  S  SG  . CYS A 1 99  ? -2.656  4.777   -7.103  1.00 34.64 ? 99   CYS A SG  1 
ATOM   780  N  N   . PHE A 1 100 ? 1.419   4.724   -6.048  1.00 30.62 ? 100  PHE A N   1 
ATOM   781  C  CA  . PHE A 1 100 ? 2.217   5.679   -5.285  1.00 31.32 ? 100  PHE A CA  1 
ATOM   782  C  C   . PHE A 1 100 ? 3.276   6.362   -6.167  1.00 31.72 ? 100  PHE A C   1 
ATOM   783  O  O   . PHE A 1 100 ? 3.529   7.559   -6.015  1.00 32.80 ? 100  PHE A O   1 
ATOM   784  C  CB  . PHE A 1 100 ? 2.968   5.008   -4.124  1.00 32.57 ? 100  PHE A CB  1 
ATOM   785  C  CG  . PHE A 1 100 ? 2.120   4.567   -2.928  1.00 33.42 ? 100  PHE A CG  1 
ATOM   786  C  CD1 . PHE A 1 100 ? 0.751   4.484   -2.958  1.00 32.00 ? 100  PHE A CD1 1 
ATOM   787  C  CD2 . PHE A 1 100 ? 2.776   4.123   -1.771  1.00 37.33 ? 100  PHE A CD2 1 
ATOM   788  C  CE1 . PHE A 1 100 ? 0.041   4.016   -1.843  1.00 36.04 ? 100  PHE A CE1 1 
ATOM   789  C  CE2 . PHE A 1 100 ? 2.055   3.672   -0.639  1.00 34.74 ? 100  PHE A CE2 1 
ATOM   790  C  CZ  . PHE A 1 100 ? 0.684   3.615   -0.711  1.00 37.16 ? 100  PHE A CZ  1 
ATOM   791  N  N   . ALA A 1 101 ? 3.939   5.603   -7.048  1.00 32.02 ? 101  ALA A N   1 
ATOM   792  C  CA  . ALA A 1 101 ? 4.990   6.163   -7.923  1.00 31.64 ? 101  ALA A CA  1 
ATOM   793  C  C   . ALA A 1 101 ? 4.456   7.283   -8.824  1.00 32.13 ? 101  ALA A C   1 
ATOM   794  O  O   . ALA A 1 101 ? 5.170   8.267   -9.086  1.00 32.27 ? 101  ALA A O   1 
ATOM   795  C  CB  . ALA A 1 101 ? 5.651   5.092   -8.772  1.00 32.07 ? 101  ALA A CB  1 
ATOM   796  N  N   . GLY A 1 102 ? 3.211   7.120   -9.276  1.00 31.12 ? 102  GLY A N   1 
ATOM   797  C  CA  . GLY A 1 102 ? 2.604   8.092   -10.177 1.00 30.63 ? 102  GLY A CA  1 
ATOM   798  C  C   . GLY A 1 102 ? 1.954   9.310   -9.503  1.00 31.29 ? 102  GLY A C   1 
ATOM   799  O  O   . GLY A 1 102 ? 1.820   10.373  -10.102 1.00 30.59 ? 102  GLY A O   1 
ATOM   800  N  N   . ALA A 1 103 ? 1.503   9.138   -8.269  1.00 31.18 ? 103  ALA A N   1 
ATOM   801  C  CA  . ALA A 1 103 ? 0.791   10.191  -7.564  1.00 32.13 ? 103  ALA A CA  1 
ATOM   802  C  C   . ALA A 1 103 ? 1.758   11.217  -6.956  1.00 33.11 ? 103  ALA A C   1 
ATOM   803  O  O   . ALA A 1 103 ? 2.770   10.835  -6.353  1.00 32.09 ? 103  ALA A O   1 
ATOM   804  C  CB  . ALA A 1 103 ? -0.078  9.545   -6.470  1.00 33.35 ? 103  ALA A CB  1 
ATOM   805  N  N   . PRO A 1 104 ? 1.467   12.528  -7.149  1.00 32.51 ? 104  PRO A N   1 
ATOM   806  C  CA  . PRO A 1 104 ? 2.361   13.519  -6.574  1.00 33.77 ? 104  PRO A CA  1 
ATOM   807  C  C   . PRO A 1 104 ? 2.212   13.595  -5.066  1.00 33.55 ? 104  PRO A C   1 
ATOM   808  O  O   . PRO A 1 104 ? 1.106   13.476  -4.549  1.00 34.16 ? 104  PRO A O   1 
ATOM   809  C  CB  . PRO A 1 104 ? 1.950   14.806  -7.255  1.00 33.76 ? 104  PRO A CB  1 
ATOM   810  C  CG  . PRO A 1 104 ? 0.524   14.605  -7.643  1.00 33.17 ? 104  PRO A CG  1 
ATOM   811  C  CD  . PRO A 1 104 ? 0.381   13.143  -7.912  1.00 34.11 ? 104  PRO A CD  1 
ATOM   812  N  N   . TYR A 1 105 ? 3.351   13.736  -4.389  1.00 34.59 ? 105  TYR A N   1 
ATOM   813  C  CA  . TYR A 1 105 ? 3.397   13.793  -2.933  1.00 33.76 ? 105  TYR A CA  1 
ATOM   814  C  C   . TYR A 1 105 ? 3.238   15.242  -2.513  1.00 34.63 ? 105  TYR A C   1 
ATOM   815  O  O   . TYR A 1 105 ? 4.075   16.079  -2.885  1.00 35.33 ? 105  TYR A O   1 
ATOM   816  C  CB  . TYR A 1 105 ? 4.734   13.304  -2.400  1.00 35.02 ? 105  TYR A CB  1 
ATOM   817  C  CG  . TYR A 1 105 ? 4.727   13.077  -0.917  1.00 33.96 ? 105  TYR A CG  1 
ATOM   818  C  CD1 . TYR A 1 105 ? 5.016   14.099  -0.032  1.00 36.44 ? 105  TYR A CD1 1 
ATOM   819  C  CD2 . TYR A 1 105 ? 4.424   11.826  -0.403  1.00 35.58 ? 105  TYR A CD2 1 
ATOM   820  C  CE1 . TYR A 1 105 ? 5.008   13.891  1.345   1.00 35.90 ? 105  TYR A CE1 1 
ATOM   821  C  CE2 . TYR A 1 105 ? 4.397   11.606  0.986   1.00 36.30 ? 105  TYR A CE2 1 
ATOM   822  C  CZ  . TYR A 1 105 ? 4.711   12.650  1.844   1.00 35.03 ? 105  TYR A CZ  1 
ATOM   823  O  OH  . TYR A 1 105 ? 4.692   12.433  3.207   1.00 38.42 ? 105  TYR A OH  1 
ATOM   824  N  N   . ASN A 1 106 ? 2.189   15.528  -1.744  1.00 34.90 ? 106  ASN A N   1 
ATOM   825  C  CA  . ASN A 1 106 ? 1.882   16.883  -1.231  1.00 35.08 ? 106  ASN A CA  1 
ATOM   826  C  C   . ASN A 1 106 ? 2.319   16.995  0.219   1.00 35.25 ? 106  ASN A C   1 
ATOM   827  O  O   . ASN A 1 106 ? 1.760   16.352  1.109   1.00 33.33 ? 106  ASN A O   1 
ATOM   828  C  CB  . ASN A 1 106 ? 0.369   17.107  -1.365  1.00 34.79 ? 106  ASN A CB  1 
ATOM   829  C  CG  . ASN A 1 106 ? -0.087  18.518  -0.978  1.00 36.52 ? 106  ASN A CG  1 
ATOM   830  O  OD1 . ASN A 1 106 ? 0.613   19.258  -0.292  1.00 37.56 ? 106  ASN A OD1 1 
ATOM   831  N  ND2 . ASN A 1 106 ? -1.300  18.871  -1.404  1.00 33.61 ? 106  ASN A ND2 1 
ATOM   832  N  N   . ASP A 1 107 ? 3.338   17.810  0.471   1.00 35.65 ? 107  ASP A N   1 
ATOM   833  C  CA  . ASP A 1 107 ? 3.849   17.949  1.832   1.00 36.61 ? 107  ASP A CA  1 
ATOM   834  C  C   . ASP A 1 107 ? 2.752   18.368  2.793   1.00 36.56 ? 107  ASP A C   1 
ATOM   835  O  O   . ASP A 1 107 ? 2.790   18.007  3.957   1.00 36.52 ? 107  ASP A O   1 
ATOM   836  C  CB  . ASP A 1 107 ? 4.960   18.990  1.879   1.00 36.84 ? 107  ASP A CB  1 
ATOM   837  C  CG  . ASP A 1 107 ? 6.174   18.573  1.104   1.00 39.59 ? 107  ASP A CG  1 
ATOM   838  O  OD1 . ASP A 1 107 ? 6.380   17.350  0.941   1.00 40.99 ? 107  ASP A OD1 1 
ATOM   839  O  OD2 . ASP A 1 107 ? 6.920   19.488  0.682   1.00 46.11 ? 107  ASP A OD2 1 
ATOM   840  N  N   . ASN A 1 108 ? 1.767   19.113  2.312   1.00 36.49 ? 108  ASN A N   1 
ATOM   841  C  CA  . ASN A 1 108 ? 0.694   19.570  3.187   1.00 36.92 ? 108  ASN A CA  1 
ATOM   842  C  C   . ASN A 1 108 ? -0.194  18.432  3.685   1.00 35.49 ? 108  ASN A C   1 
ATOM   843  O  O   . ASN A 1 108 ? -0.958  18.631  4.616   1.00 35.18 ? 108  ASN A O   1 
ATOM   844  C  CB  . ASN A 1 108 ? -0.168  20.639  2.526   1.00 37.14 ? 108  ASN A CB  1 
ATOM   845  C  CG  . ASN A 1 108 ? 0.623   21.880  2.159   1.00 40.91 ? 108  ASN A CG  1 
ATOM   846  O  OD1 . ASN A 1 108 ? 1.391   22.409  2.972   1.00 42.63 ? 108  ASN A OD1 1 
ATOM   847  N  ND2 . ASN A 1 108 ? 0.426   22.360  0.928   1.00 44.13 ? 108  ASN A ND2 1 
ATOM   848  N  N   . ASN A 1 109 ? -0.082  17.242  3.092   1.00 33.83 ? 109  ASN A N   1 
ATOM   849  C  CA  . ASN A 1 109 ? -0.894  16.090  3.501   1.00 33.84 ? 109  ASN A CA  1 
ATOM   850  C  C   . ASN A 1 109 ? -0.195  15.050  4.377   1.00 34.41 ? 109  ASN A C   1 
ATOM   851  O  O   . ASN A 1 109 ? -0.788  14.058  4.748   1.00 34.67 ? 109  ASN A O   1 
ATOM   852  C  CB  . ASN A 1 109 ? -1.500  15.455  2.244   1.00 32.66 ? 109  ASN A CB  1 
ATOM   853  C  CG  . ASN A 1 109 ? -2.506  16.350  1.632   1.00 33.13 ? 109  ASN A CG  1 
ATOM   854  O  OD1 . ASN A 1 109 ? -3.112  17.140  2.363   1.00 33.09 ? 109  ASN A OD1 1 
ATOM   855  N  ND2 . ASN A 1 109 ? -2.689  16.284  0.334   1.00 31.12 ? 109  ASN A ND2 1 
ATOM   856  N  N   . TYR A 1 110 ? 1.051   15.323  4.733   1.00 36.13 ? 110  TYR A N   1 
ATOM   857  C  CA  . TYR A 1 110 ? 1.790   14.463  5.660   1.00 37.86 ? 110  TYR A CA  1 
ATOM   858  C  C   . TYR A 1 110 ? 1.413   14.774  7.104   1.00 37.40 ? 110  TYR A C   1 
ATOM   859  O  O   . TYR A 1 110 ? 1.434   15.924  7.490   1.00 38.46 ? 110  TYR A O   1 
ATOM   860  C  CB  . TYR A 1 110 ? 3.290   14.701  5.490   1.00 38.17 ? 110  TYR A CB  1 
ATOM   861  C  CG  . TYR A 1 110 ? 4.142   13.915  6.456   1.00 38.55 ? 110  TYR A CG  1 
ATOM   862  C  CD1 . TYR A 1 110 ? 4.231   12.530  6.358   1.00 36.60 ? 110  TYR A CD1 1 
ATOM   863  C  CD2 . TYR A 1 110 ? 4.865   14.555  7.456   1.00 38.44 ? 110  TYR A CD2 1 
ATOM   864  C  CE1 . TYR A 1 110 ? 5.041   11.781  7.238   1.00 40.20 ? 110  TYR A CE1 1 
ATOM   865  C  CE2 . TYR A 1 110 ? 5.690   13.820  8.342   1.00 38.96 ? 110  TYR A CE2 1 
ATOM   866  C  CZ  . TYR A 1 110 ? 5.753   12.441  8.231   1.00 40.10 ? 110  TYR A CZ  1 
ATOM   867  O  OH  . TYR A 1 110 ? 6.547   11.709  9.102   1.00 41.21 ? 110  TYR A OH  1 
ATOM   868  N  N   . ASN A 1 111 ? 1.103   13.725  7.873   1.00 39.21 ? 111  ASN A N   1 
ATOM   869  C  CA  . ASN A 1 111 ? 0.918   13.804  9.320   1.00 39.93 ? 111  ASN A CA  1 
ATOM   870  C  C   . ASN A 1 111 ? -0.149  14.831  9.637   1.00 40.09 ? 111  ASN A C   1 
ATOM   871  O  O   . ASN A 1 111 ? 0.050   15.734  10.451  1.00 40.52 ? 111  ASN A O   1 
ATOM   872  C  CB  . ASN A 1 111 ? 2.253   14.160  9.997   1.00 40.69 ? 111  ASN A CB  1 
ATOM   873  C  CG  . ASN A 1 111 ? 2.179   14.126  11.534  1.00 41.70 ? 111  ASN A CG  1 
ATOM   874  O  OD1 . ASN A 1 111 ? 2.630   15.053  12.188  1.00 41.90 ? 111  ASN A OD1 1 
ATOM   875  N  ND2 . ASN A 1 111 ? 1.592   13.074  12.092  1.00 46.89 ? 111  ASN A ND2 1 
ATOM   876  N  N   . ILE A 1 112 ? -1.293  14.692  8.974   1.00 40.27 ? 112  ILE A N   1 
ATOM   877  C  CA  . ILE A 1 112 ? -2.349  15.666  9.149   1.00 40.20 ? 112  ILE A CA  1 
ATOM   878  C  C   . ILE A 1 112 ? -3.224  15.323  10.351  1.00 40.13 ? 112  ILE A C   1 
ATOM   879  O  O   . ILE A 1 112 ? -3.219  14.187  10.882  1.00 40.52 ? 112  ILE A O   1 
ATOM   880  C  CB  . ILE A 1 112 ? -3.211  15.858  7.860   1.00 39.62 ? 112  ILE A CB  1 
ATOM   881  C  CG1 . ILE A 1 112 ? -3.783  14.533  7.342   1.00 41.25 ? 112  ILE A CG1 1 
ATOM   882  C  CG2 . ILE A 1 112 ? -2.389  16.535  6.760   1.00 41.36 ? 112  ILE A CG2 1 
ATOM   883  C  CD1 . ILE A 1 112 ? -5.038  14.101  7.982   1.00 42.40 ? 112  ILE A CD1 1 
ATOM   884  N  N   . ASP A 1 113 ? -3.979  16.327  10.777  1.00 39.13 ? 113  ASP A N   1 
ATOM   885  C  CA  . ASP A 1 113 ? -4.913  16.161  11.855  1.00 39.46 ? 113  ASP A CA  1 
ATOM   886  C  C   . ASP A 1 113 ? -6.140  15.415  11.317  1.00 38.22 ? 113  ASP A C   1 
ATOM   887  O  O   . ASP A 1 113 ? -6.897  15.952  10.518  1.00 37.26 ? 113  ASP A O   1 
ATOM   888  C  CB  . ASP A 1 113 ? -5.306  17.527  12.420  1.00 40.29 ? 113  ASP A CB  1 
ATOM   889  C  CG  . ASP A 1 113 ? -6.032  17.417  13.746  1.00 43.84 ? 113  ASP A CG  1 
ATOM   890  O  OD1 . ASP A 1 113 ? -6.661  16.367  13.988  1.00 46.96 ? 113  ASP A OD1 1 
ATOM   891  O  OD2 . ASP A 1 113 ? -5.960  18.368  14.547  1.00 46.69 ? 113  ASP A OD2 1 
ATOM   892  N  N   . LEU A 1 114 ? -6.357  14.197  11.795  1.00 36.97 ? 114  LEU A N   1 
ATOM   893  C  CA  . LEU A 1 114 ? -7.445  13.371  11.285  1.00 37.59 ? 114  LEU A CA  1 
ATOM   894  C  C   . LEU A 1 114 ? -8.792  13.966  11.620  1.00 37.82 ? 114  LEU A C   1 
ATOM   895  O  O   . LEU A 1 114 ? -9.719  13.825  10.846  1.00 37.77 ? 114  LEU A O   1 
ATOM   896  C  CB  . LEU A 1 114 ? -7.377  11.927  11.813  1.00 37.66 ? 114  LEU A CB  1 
ATOM   897  C  CG  . LEU A 1 114 ? -6.149  11.108  11.396  1.00 39.18 ? 114  LEU A CG  1 
ATOM   898  C  CD1 . LEU A 1 114 ? -5.964  11.021  9.883   1.00 36.07 ? 114  LEU A CD1 1 
ATOM   899  C  CD2 . LEU A 1 114 ? -4.940  11.668  12.031  1.00 42.60 ? 114  LEU A CD2 1 
ATOM   900  N  N   . LYS A 1 115 ? -8.903  14.615  12.778  1.00 38.09 ? 115  LYS A N   1 
ATOM   901  C  CA  . LYS A 1 115 ? -10.148 15.263  13.181  1.00 38.93 ? 115  LYS A CA  1 
ATOM   902  C  C   . LYS A 1 115 ? -10.498 16.421  12.242  1.00 38.17 ? 115  LYS A C   1 
ATOM   903  O  O   . LYS A 1 115 ? -11.667 16.683  11.978  1.00 39.16 ? 115  LYS A O   1 
ATOM   904  C  CB  . LYS A 1 115 ? -10.093 15.776  14.640  1.00 38.69 ? 115  LYS A CB  1 
ATOM   905  C  CG  . LYS A 1 115 ? -10.268 14.667  15.708  1.00 40.87 ? 115  LYS A CG  1 
ATOM   906  C  CD  . LYS A 1 115 ? -10.476 15.267  17.097  1.00 41.33 ? 115  LYS A CD  1 
ATOM   907  C  CE  . LYS A 1 115 ? -9.161  15.747  17.690  1.00 43.18 ? 115  LYS A CE  1 
ATOM   908  N  NZ  . LYS A 1 115 ? -8.206  14.637  17.886  1.00 43.42 ? 115  LYS A NZ  1 
ATOM   909  N  N   . ALA A 1 116 ? -9.483  17.103  11.737  1.00 37.50 ? 116  ALA A N   1 
ATOM   910  C  CA  . ALA A 1 116 ? -9.666  18.252  10.853  1.00 37.52 ? 116  ALA A CA  1 
ATOM   911  C  C   . ALA A 1 116 ? -10.026 17.869  9.422   1.00 37.74 ? 116  ALA A C   1 
ATOM   912  O  O   . ALA A 1 116 ? -10.723 18.628  8.733   1.00 38.23 ? 116  ALA A O   1 
ATOM   913  C  CB  . ALA A 1 116 ? -8.389  19.069  10.822  1.00 37.57 ? 116  ALA A CB  1 
ATOM   914  N  N   . ARG A 1 117 ? -9.494  16.741  8.960   1.00 37.25 ? 117  ARG A N   1 
ATOM   915  C  CA  . ARG A 1 117 ? -9.516  16.393  7.532   1.00 37.51 ? 117  ARG A CA  1 
ATOM   916  C  C   . ARG A 1 117 ? -10.402 15.196  7.200   1.00 37.39 ? 117  ARG A C   1 
ATOM   917  O  O   . ARG A 1 117 ? -10.915 15.075  6.073   1.00 35.71 ? 117  ARG A O   1 
ATOM   918  C  CB  . ARG A 1 117 ? -8.111  16.031  7.034   1.00 38.11 ? 117  ARG A CB  1 
ATOM   919  C  CG  . ARG A 1 117 ? -7.052  17.109  7.078   1.00 39.04 ? 117  ARG A CG  1 
ATOM   920  C  CD  . ARG A 1 117 ? -7.250  18.205  6.036   1.00 39.01 ? 117  ARG A CD  1 
ATOM   921  N  NE  . ARG A 1 117 ? -5.969  18.871  5.828   1.00 39.63 ? 117  ARG A NE  1 
ATOM   922  C  CZ  . ARG A 1 117 ? -5.140  18.585  4.832   1.00 39.56 ? 117  ARG A CZ  1 
ATOM   923  N  NH1 . ARG A 1 117 ? -5.498  17.706  3.889   1.00 37.17 ? 117  ARG A NH1 1 
ATOM   924  N  NH2 . ARG A 1 117 ? -3.971  19.232  4.752   1.00 38.69 ? 117  ARG A NH2 1 
ATOM   925  N  N   . CYS A 1 118 ? -10.539 14.273  8.146   1.00 36.89 ? 118  CYS A N   1 
ATOM   926  C  CA  . CYS A 1 118 ? -10.979 12.929  7.787   1.00 38.47 ? 118  CYS A CA  1 
ATOM   927  C  C   . CYS A 1 118 ? -12.313 12.523  8.361   1.00 40.48 ? 118  CYS A C   1 
ATOM   928  O  O   . CYS A 1 118 ? -12.628 11.328  8.419   1.00 41.79 ? 118  CYS A O   1 
ATOM   929  C  CB  . CYS A 1 118 ? -9.915  11.920  8.205   1.00 38.30 ? 118  CYS A CB  1 
ATOM   930  S  SG  . CYS A 1 118 ? -8.299  12.276  7.603   1.00 36.97 ? 118  CYS A SG  1 
ATOM   931  N  N   . GLN A 1 119 ? -13.116 13.482  8.796   1.00 42.00 ? 119  GLN A N   1 
ATOM   932  C  CA  . GLN A 1 119 ? -14.410 13.093  9.309   1.00 43.98 ? 119  GLN A CA  1 
ATOM   933  C  C   . GLN A 1 119 ? -15.379 12.796  8.188   1.00 45.16 ? 119  GLN A C   1 
ATOM   934  O  O   . GLN A 1 119 ? -15.080 12.992  6.998   1.00 45.83 ? 119  GLN A O   1 
ATOM   935  C  CB  . GLN A 1 119 ? -14.932 14.140  10.269  1.00 44.59 ? 119  GLN A CB  1 
ATOM   936  C  CG  . GLN A 1 119 ? -14.052 14.211  11.492  1.00 46.78 ? 119  GLN A CG  1 
ATOM   937  C  CD  . GLN A 1 119 ? -13.703 12.832  12.046  1.00 49.69 ? 119  GLN A CD  1 
ATOM   938  O  OE1 . GLN A 1 119 ? -14.553 12.138  12.629  1.00 51.62 ? 119  GLN A OE1 1 
ATOM   939  N  NE2 . GLN A 1 119 ? -12.441 12.432  11.873  1.00 53.26 ? 119  GLN A NE2 1 
ATOM   940  O  OXT . GLN A 1 119 ? -16.478 12.322  8.487   1.00 47.52 ? 119  GLN A OXT 1 
HETATM 941  CA CA  . CA  B 2 .   ? -7.040  13.903  -9.556  0.33 33.79 ? 1001 CA  A CA  1 
HETATM 942  S  S   . SO4 C 3 .   ? 11.614  -9.001  0.918   1.00 38.67 ? 1002 SO4 A S   1 
HETATM 943  O  O1  . SO4 C 3 .   ? 10.789  -7.774  0.739   1.00 36.52 ? 1002 SO4 A O1  1 
HETATM 944  O  O2  . SO4 C 3 .   ? 10.827  -10.221 0.869   1.00 37.08 ? 1002 SO4 A O2  1 
HETATM 945  O  O3  . SO4 C 3 .   ? 12.619  -9.075  -0.163  1.00 40.82 ? 1002 SO4 A O3  1 
HETATM 946  O  O4  . SO4 C 3 .   ? 12.235  -8.890  2.248   1.00 37.28 ? 1002 SO4 A O4  1 
HETATM 947  O  O8  . MIY D 4 .   ? 1.322   4.582   12.690  0.50 61.96 ? 1120 MIY A O8  1 
HETATM 948  C  C21 . MIY D 4 .   ? 1.901   4.359   11.605  0.50 62.05 ? 1120 MIY A C21 1 
HETATM 949  N  N2  . MIY D 4 .   ? 2.855   5.185   11.167  0.50 61.97 ? 1120 MIY A N2  1 
HETATM 950  C  C2  . MIY D 4 .   ? 1.519   3.198   10.806  0.50 60.92 ? 1120 MIY A C2  1 
HETATM 951  C  C1  . MIY D 4 .   ? 1.665   1.837   11.284  0.50 59.84 ? 1120 MIY A C1  1 
HETATM 952  O  O1  . MIY D 4 .   ? 1.614   1.542   12.463  0.50 59.14 ? 1120 MIY A O1  1 
HETATM 953  C  C3  . MIY D 4 .   ? 0.689   3.369   9.794   0.50 61.46 ? 1120 MIY A C3  1 
HETATM 954  O  O2  . MIY D 4 .   ? -0.252  4.286   9.966   0.50 63.61 ? 1120 MIY A O2  1 
HETATM 955  C  C4  . MIY D 4 .   ? 0.525   2.307   8.725   0.50 60.76 ? 1120 MIY A C4  1 
HETATM 956  N  N1  . MIY D 4 .   ? 1.414   2.762   7.614   0.50 61.27 ? 1120 MIY A N1  1 
HETATM 957  C  C20 . MIY D 4 .   ? 1.162   1.916   6.434   0.50 60.97 ? 1120 MIY A C20 1 
HETATM 958  C  C19 . MIY D 4 .   ? 2.866   2.740   7.856   0.50 61.46 ? 1120 MIY A C19 1 
HETATM 959  C  C5  . MIY D 4 .   ? 0.702   0.878   9.246   0.50 59.66 ? 1120 MIY A C5  1 
HETATM 960  C  C18 . MIY D 4 .   ? 1.848   0.791   10.231  0.50 59.21 ? 1120 MIY A C18 1 
HETATM 961  O  O7  . MIY D 4 .   ? 3.041   1.061   9.504   1.00 58.74 ? 1120 MIY A O7  1 
HETATM 962  C  C17 . MIY D 4 .   ? 1.951   -0.560  10.878  1.00 58.13 ? 1120 MIY A C17 1 
HETATM 963  O  O6  . MIY D 4 .   ? 3.097   -0.833  11.499  1.00 57.43 ? 1120 MIY A O6  1 
HETATM 964  C  C16 . MIY D 4 .   ? 0.940   -1.436  10.850  1.00 58.44 ? 1120 MIY A C16 1 
HETATM 965  C  C7  . MIY D 4 .   ? -0.371  -1.165  10.147  1.00 58.63 ? 1120 MIY A C7  1 
HETATM 966  C  C6  . MIY D 4 .   ? -0.578  0.320   9.857   1.00 59.84 ? 1120 MIY A C6  1 
HETATM 967  C  C15 . MIY D 4 .   ? 1.112   -2.726  11.501  1.00 57.80 ? 1120 MIY A C15 1 
HETATM 968  O  O5  . MIY D 4 .   ? 2.214   -2.998  12.076  1.00 58.84 ? 1120 MIY A O5  1 
HETATM 969  C  C14 . MIY D 4 .   ? -0.053  -3.666  11.519  1.00 57.77 ? 1120 MIY A C14 1 
HETATM 970  C  C9  . MIY D 4 .   ? -1.331  -3.183  11.248  1.00 58.00 ? 1120 MIY A C9  1 
HETATM 971  C  C8  . MIY D 4 .   ? -1.527  -1.701  10.972  1.00 58.60 ? 1120 MIY A C8  1 
HETATM 972  C  C13 . MIY D 4 .   ? 0.144   -5.019  11.768  1.00 58.05 ? 1120 MIY A C13 1 
HETATM 973  O  O4  . MIY D 4 .   ? 1.363   -5.485  12.028  1.00 57.97 ? 1120 MIY A O4  1 
HETATM 974  C  C12 . MIY D 4 .   ? -0.953  -5.886  11.764  1.00 58.06 ? 1120 MIY A C12 1 
HETATM 975  C  C11 . MIY D 4 .   ? -2.232  -5.404  11.511  1.00 57.61 ? 1120 MIY A C11 1 
HETATM 976  C  C10 . MIY D 4 .   ? -2.430  -4.042  11.244  1.00 58.14 ? 1120 MIY A C10 1 
HETATM 977  N  N7  . MIY D 4 .   ? -3.715  -3.518  10.984  1.00 57.85 ? 1120 MIY A N7  1 
HETATM 978  C  CN7 . MIY D 4 .   ? -4.202  -2.814  12.166  1.00 59.37 ? 1120 MIY A CN7 1 
HETATM 979  C  C71 . MIY D 4 .   ? -4.706  -4.529  10.634  1.00 58.74 ? 1120 MIY A C71 1 
HETATM 980  O  O   . HOH E 5 .   ? 1.957   -7.300  2.986   1.00 29.35 ? 2001 HOH A O   1 
HETATM 981  O  O   . HOH E 5 .   ? 12.363  1.947   2.141   1.00 52.65 ? 2002 HOH A O   1 
HETATM 982  O  O   . HOH E 5 .   ? 13.083  -2.552  10.402  1.00 43.00 ? 2003 HOH A O   1 
HETATM 983  O  O   . HOH E 5 .   ? 14.871  -1.677  -4.267  1.00 56.82 ? 2004 HOH A O   1 
HETATM 984  O  O   . HOH E 5 .   ? -1.958  16.886  -8.640  0.33 33.34 ? 2005 HOH A O   1 
HETATM 985  O  O   . HOH E 5 .   ? 0.390   18.241  -8.066  0.33 34.92 ? 2006 HOH A O   1 
HETATM 986  O  O   . HOH E 5 .   ? 9.762   2.311   1.154   1.00 43.41 ? 2007 HOH A O   1 
HETATM 987  O  O   . HOH E 5 .   ? -6.163  -1.206  -8.041  1.00 45.66 ? 2008 HOH A O   1 
HETATM 988  O  O   . HOH E 5 .   ? 12.859  -3.045  -2.792  1.00 50.04 ? 2009 HOH A O   1 
HETATM 989  O  O   . HOH E 5 .   ? 15.276  -4.989  1.634   1.00 53.92 ? 2010 HOH A O   1 
HETATM 990  O  O   . HOH E 5 .   ? -15.075 -15.070 -1.640  0.33 46.63 ? 2011 HOH A O   1 
HETATM 991  O  O   . HOH E 5 .   ? 14.460  0.933   -7.463  1.00 65.14 ? 2012 HOH A O   1 
HETATM 992  O  O   . HOH E 5 .   ? 9.483   7.074   -8.345  1.00 52.18 ? 2013 HOH A O   1 
HETATM 993  O  O   . HOH E 5 .   ? 8.252   3.692   -10.514 1.00 43.22 ? 2014 HOH A O   1 
HETATM 994  O  O   . HOH E 5 .   ? -7.175  -4.757  -10.171 1.00 60.94 ? 2015 HOH A O   1 
HETATM 995  O  O   . HOH E 5 .   ? -18.795 13.389  0.152   1.00 52.34 ? 2016 HOH A O   1 
HETATM 996  O  O   . HOH E 5 .   ? -12.906 15.699  -2.682  1.00 44.57 ? 2017 HOH A O   1 
HETATM 997  O  O   . HOH E 5 .   ? -2.599  15.344  -6.164  1.00 37.49 ? 2018 HOH A O   1 
HETATM 998  O  O   . HOH E 5 .   ? 0.986   17.376  -5.037  1.00 43.66 ? 2019 HOH A O   1 
HETATM 999  O  O   . HOH E 5 .   ? 12.061  7.507   -8.406  1.00 59.77 ? 2020 HOH A O   1 
HETATM 1000 O  O   . HOH E 5 .   ? 11.423  8.040   -6.100  1.00 43.30 ? 2021 HOH A O   1 
HETATM 1001 O  O   . HOH E 5 .   ? -11.061 11.105  -8.253  1.00 53.79 ? 2022 HOH A O   1 
HETATM 1002 O  O   . HOH E 5 .   ? -8.664  7.183   -9.749  1.00 56.53 ? 2023 HOH A O   1 
HETATM 1003 O  O   . HOH E 5 .   ? -9.213  10.337  -5.897  1.00 55.52 ? 2024 HOH A O   1 
HETATM 1004 O  O   . HOH E 5 .   ? -6.169  5.157   -6.999  1.00 43.69 ? 2025 HOH A O   1 
HETATM 1005 O  O   . HOH E 5 .   ? -3.444  8.412   -9.155  1.00 36.95 ? 2026 HOH A O   1 
HETATM 1006 O  O   . HOH E 5 .   ? 6.772   10.632  -4.781  1.00 49.80 ? 2027 HOH A O   1 
HETATM 1007 O  O   . HOH E 5 .   ? 10.351  4.288   -0.803  1.00 48.50 ? 2028 HOH A O   1 
HETATM 1008 O  O   . HOH E 5 .   ? 13.553  4.851   0.003   1.00 70.81 ? 2029 HOH A O   1 
HETATM 1009 O  O   . HOH E 5 .   ? -8.633  2.549   -9.006  1.00 44.95 ? 2030 HOH A O   1 
HETATM 1010 O  O   . HOH E 5 .   ? -4.190  1.270   -7.448  1.00 45.93 ? 2031 HOH A O   1 
HETATM 1011 O  O   . HOH E 5 .   ? -14.603 9.928   -1.783  1.00 59.93 ? 2032 HOH A O   1 
HETATM 1012 O  O   . HOH E 5 .   ? -12.388 10.586  -3.608  1.00 52.75 ? 2033 HOH A O   1 
HETATM 1013 O  O   . HOH E 5 .   ? -5.961  -2.779  -5.819  1.00 37.79 ? 2034 HOH A O   1 
HETATM 1014 O  O   . HOH E 5 .   ? 14.093  5.161   5.208   1.00 71.24 ? 2035 HOH A O   1 
HETATM 1015 O  O   . HOH E 5 .   ? -14.325 2.017   -4.451  1.00 64.51 ? 2036 HOH A O   1 
HETATM 1016 O  O   . HOH E 5 .   ? 12.280  3.754   4.090   1.00 50.53 ? 2037 HOH A O   1 
HETATM 1017 O  O   . HOH E 5 .   ? -9.275  -6.205  -5.085  1.00 49.26 ? 2038 HOH A O   1 
HETATM 1018 O  O   . HOH E 5 .   ? -8.604  -11.552 -2.626  1.00 54.25 ? 2039 HOH A O   1 
HETATM 1019 O  O   . HOH E 5 .   ? -12.390 -15.298 -0.931  1.00 51.37 ? 2040 HOH A O   1 
HETATM 1020 O  O   . HOH E 5 .   ? -14.497 -2.099  -1.224  1.00 60.07 ? 2041 HOH A O   1 
HETATM 1021 O  O   . HOH E 5 .   ? -11.695 -10.219 -5.284  1.00 46.94 ? 2042 HOH A O   1 
HETATM 1022 O  O   . HOH E 5 .   ? -17.250 -14.772 0.048   0.33 38.83 ? 2043 HOH A O   1 
HETATM 1023 O  O   . HOH E 5 .   ? 0.854   3.039   3.066   1.00 63.60 ? 2044 HOH A O   1 
HETATM 1024 O  O   . HOH E 5 .   ? -1.791  11.702  7.889   1.00 47.27 ? 2045 HOH A O   1 
HETATM 1025 O  O   . HOH E 5 .   ? -1.914  11.724  11.254  1.00 50.03 ? 2046 HOH A O   1 
HETATM 1026 O  O   . HOH E 5 .   ? 4.402   -16.006 8.657   1.00 51.64 ? 2047 HOH A O   1 
HETATM 1027 O  O   . HOH E 5 .   ? -3.785  8.126   7.412   1.00 44.50 ? 2048 HOH A O   1 
HETATM 1028 O  O   . HOH E 5 .   ? 11.316  -7.245  -14.106 1.00 57.46 ? 2049 HOH A O   1 
HETATM 1029 O  O   . HOH E 5 .   ? 3.069   -8.493  -13.063 1.00 60.56 ? 2050 HOH A O   1 
HETATM 1030 O  O   . HOH E 5 .   ? -3.762  0.292   7.211   1.00 62.74 ? 2051 HOH A O   1 
HETATM 1031 O  O   . HOH E 5 .   ? -8.780  -16.666 -3.706  1.00 54.01 ? 2052 HOH A O   1 
HETATM 1032 O  O   . HOH E 5 .   ? -5.973  -10.879 -6.498  1.00 48.46 ? 2053 HOH A O   1 
HETATM 1033 O  O   . HOH E 5 .   ? -10.201 1.830   4.703   1.00 58.66 ? 2054 HOH A O   1 
HETATM 1034 O  O   . HOH E 5 .   ? -9.151  8.093   8.307   1.00 52.24 ? 2055 HOH A O   1 
HETATM 1035 O  O   . HOH E 5 .   ? -7.107  -5.141  -6.730  1.00 44.59 ? 2056 HOH A O   1 
HETATM 1036 O  O   . HOH E 5 .   ? -14.842 16.180  4.176   1.00 48.23 ? 2057 HOH A O   1 
HETATM 1037 O  O   . HOH E 5 .   ? -16.356 14.211  0.108   1.00 57.51 ? 2058 HOH A O   1 
HETATM 1038 O  O   . HOH E 5 .   ? -10.845 15.954  -0.846  1.00 36.52 ? 2059 HOH A O   1 
HETATM 1039 O  O   . HOH E 5 .   ? -9.575  13.885  -3.326  1.00 50.17 ? 2060 HOH A O   1 
HETATM 1040 O  O   . HOH E 5 .   ? -6.628  16.909  -3.905  1.00 34.93 ? 2061 HOH A O   1 
HETATM 1041 O  O   . HOH E 5 .   ? -8.826  17.640  -1.342  1.00 33.73 ? 2062 HOH A O   1 
HETATM 1042 O  O   . HOH E 5 .   ? -1.354  16.316  -3.858  1.00 43.45 ? 2063 HOH A O   1 
HETATM 1043 O  O   . HOH E 5 .   ? -9.393  13.505  -8.214  1.00 38.27 ? 2064 HOH A O   1 
HETATM 1044 O  O   . HOH E 5 .   ? -5.268  7.856   -7.149  1.00 34.60 ? 2065 HOH A O   1 
HETATM 1045 O  O   . HOH E 5 .   ? -8.299  13.430  -5.458  1.00 51.19 ? 2066 HOH A O   1 
HETATM 1046 O  O   . HOH E 5 .   ? -7.462  9.238   -8.098  1.00 42.95 ? 2067 HOH A O   1 
HETATM 1047 O  O   . HOH E 5 .   ? -2.843  12.809  -10.308 1.00 34.47 ? 2068 HOH A O   1 
HETATM 1048 O  O   . HOH E 5 .   ? 3.817   22.862  -0.909  1.00 80.36 ? 2069 HOH A O   1 
HETATM 1049 O  O   . HOH E 5 .   ? -12.944 7.407   -6.133  1.00 73.19 ? 2070 HOH A O   1 
HETATM 1050 O  O   . HOH E 5 .   ? -8.659  5.038   -7.734  1.00 41.41 ? 2071 HOH A O   1 
HETATM 1051 O  O   . HOH E 5 .   ? -3.570  1.057   -4.709  1.00 33.23 ? 2072 HOH A O   1 
HETATM 1052 O  O   . HOH E 5 .   ? -12.646 8.061   -3.070  1.00 52.75 ? 2073 HOH A O   1 
HETATM 1053 O  O   . HOH E 5 .   ? -12.976 3.716   2.045   1.00 53.41 ? 2074 HOH A O   1 
HETATM 1054 O  O   . HOH E 5 .   ? -14.351 8.112   0.507   1.00 55.49 ? 2075 HOH A O   1 
HETATM 1055 O  O   . HOH E 5 .   ? -9.137  -1.972  -4.470  1.00 45.57 ? 2076 HOH A O   1 
HETATM 1056 O  O   . HOH E 5 .   ? -2.948  1.316   2.379   1.00 50.60 ? 2077 HOH A O   1 
HETATM 1057 O  O   . HOH E 5 .   ? -4.054  -1.331  3.526   1.00 62.62 ? 2078 HOH A O   1 
HETATM 1058 O  O   . HOH E 5 .   ? -8.086  -2.525  5.026   1.00 44.02 ? 2079 HOH A O   1 
HETATM 1059 O  O   . HOH E 5 .   ? -11.395 0.330   -4.536  1.00 52.94 ? 2080 HOH A O   1 
HETATM 1060 O  O   . HOH E 5 .   ? -12.705 -1.724  2.601   1.00 66.99 ? 2081 HOH A O   1 
HETATM 1061 O  O   . HOH E 5 .   ? -10.392 -4.220  -3.948  1.00 47.84 ? 2082 HOH A O   1 
HETATM 1062 O  O   . HOH E 5 .   ? -7.679  -8.608  -2.861  1.00 39.58 ? 2083 HOH A O   1 
HETATM 1063 O  O   . HOH E 5 .   ? 1.854   -4.829  4.318   1.00 50.53 ? 2084 HOH A O   1 
HETATM 1064 O  O   . HOH E 5 .   ? -12.971 -8.631  4.780   1.00 40.88 ? 2085 HOH A O   1 
HETATM 1065 O  O   . HOH E 5 .   ? -13.123 -11.239 -3.116  1.00 41.35 ? 2086 HOH A O   1 
HETATM 1066 O  O   . HOH E 5 .   ? -13.589 -4.873  -4.004  1.00 49.82 ? 2087 HOH A O   1 
HETATM 1067 O  O   . HOH E 5 .   ? -11.053 -12.530 -1.707  1.00 41.46 ? 2088 HOH A O   1 
HETATM 1068 O  O   . HOH E 5 .   ? -13.063 -4.565  -0.479  1.00 44.43 ? 2089 HOH A O   1 
HETATM 1069 O  O   . HOH E 5 .   ? -9.278  -10.577 8.759   1.00 41.87 ? 2090 HOH A O   1 
HETATM 1070 O  O   . HOH E 5 .   ? -11.941 -14.377 6.668   1.00 43.47 ? 2091 HOH A O   1 
HETATM 1071 O  O   . HOH E 5 .   ? -11.996 -7.738  6.944   1.00 61.99 ? 2092 HOH A O   1 
HETATM 1072 O  O   . HOH E 5 .   ? -9.901  -4.679  6.309   1.00 58.77 ? 2093 HOH A O   1 
HETATM 1073 O  O   . HOH E 5 .   ? -13.678 -11.130 6.037   1.00 53.52 ? 2094 HOH A O   1 
HETATM 1074 O  O   . HOH E 5 .   ? -18.458 -8.599  0.496   1.00 50.98 ? 2095 HOH A O   1 
HETATM 1075 O  O   . HOH E 5 .   ? -15.379 -15.128 3.051   1.00 47.22 ? 2096 HOH A O   1 
HETATM 1076 O  O   . HOH E 5 .   ? -4.960  -17.606 4.253   1.00 35.23 ? 2097 HOH A O   1 
HETATM 1077 O  O   . HOH E 5 .   ? -13.685 -20.091 7.375   1.00 59.71 ? 2098 HOH A O   1 
HETATM 1078 O  O   . HOH E 5 .   ? -2.093  -14.764 6.846   1.00 33.62 ? 2099 HOH A O   1 
HETATM 1079 O  O   . HOH E 5 .   ? -2.827  -18.042 8.388   1.00 40.13 ? 2100 HOH A O   1 
HETATM 1080 O  O   . HOH E 5 .   ? -8.692  -12.717 7.187   1.00 36.74 ? 2101 HOH A O   1 
HETATM 1081 O  O   . HOH E 5 .   ? 0.298   -14.897 8.112   1.00 45.72 ? 2102 HOH A O   1 
HETATM 1082 O  O   . HOH E 5 .   ? 3.678   -12.753 12.619  0.33 39.50 ? 2103 HOH A O   1 
HETATM 1083 O  O   . HOH E 5 .   ? 2.341   -17.969 5.179   1.00 50.55 ? 2104 HOH A O   1 
HETATM 1084 O  O   . HOH E 5 .   ? -2.474  -17.300 5.183   1.00 40.50 ? 2105 HOH A O   1 
HETATM 1085 O  O   . HOH E 5 .   ? 3.230   -17.627 2.480   1.00 52.76 ? 2106 HOH A O   1 
HETATM 1086 O  O   . HOH E 5 .   ? 3.015   -15.714 6.489   1.00 39.80 ? 2107 HOH A O   1 
HETATM 1087 O  O   . HOH E 5 .   ? 5.551   -12.503 7.499   1.00 45.39 ? 2108 HOH A O   1 
HETATM 1088 O  O   . HOH E 5 .   ? 10.202  -12.833 -2.359  1.00 42.57 ? 2109 HOH A O   1 
HETATM 1089 O  O   . HOH E 5 .   ? 12.659  -5.966  -2.896  1.00 44.13 ? 2110 HOH A O   1 
HETATM 1090 O  O   . HOH E 5 .   ? 13.435  -8.204  -4.727  1.00 51.92 ? 2111 HOH A O   1 
HETATM 1091 O  O   . HOH E 5 .   ? 17.533  -4.143  -18.990 1.00 54.88 ? 2112 HOH A O   1 
HETATM 1092 O  O   . HOH E 5 .   ? 17.369  -4.806  -10.312 1.00 68.44 ? 2113 HOH A O   1 
HETATM 1093 O  O   . HOH E 5 .   ? 17.101  -7.384  -16.605 1.00 49.32 ? 2114 HOH A O   1 
HETATM 1094 O  O   . HOH E 5 .   ? 15.370  -1.794  -8.994  1.00 52.56 ? 2115 HOH A O   1 
HETATM 1095 O  O   . HOH E 5 .   ? 10.093  1.857   -11.240 1.00 50.06 ? 2116 HOH A O   1 
HETATM 1096 O  O   . HOH E 5 .   ? 10.245  -7.807  -11.455 1.00 45.98 ? 2117 HOH A O   1 
HETATM 1097 O  O   . HOH E 5 .   ? 4.137   -4.870  -12.075 1.00 47.85 ? 2118 HOH A O   1 
HETATM 1098 O  O   . HOH E 5 .   ? 2.949   -9.719  -10.651 1.00 46.00 ? 2119 HOH A O   1 
HETATM 1099 O  O   . HOH E 5 .   ? 11.104  -15.412 -3.431  1.00 59.78 ? 2120 HOH A O   1 
HETATM 1100 O  O   . HOH E 5 .   ? 6.893   -18.387 -5.695  1.00 70.81 ? 2121 HOH A O   1 
HETATM 1101 O  O   . HOH E 5 .   ? -2.308  -18.779 -5.493  1.00 52.59 ? 2122 HOH A O   1 
HETATM 1102 O  O   . HOH E 5 .   ? 4.722   -17.522 -1.032  1.00 51.53 ? 2123 HOH A O   1 
HETATM 1103 O  O   . HOH E 5 .   ? 1.343   -14.345 -6.942  1.00 44.08 ? 2124 HOH A O   1 
HETATM 1104 O  O   . HOH E 5 .   ? -2.804  -20.703 2.819   1.00 48.46 ? 2125 HOH A O   1 
HETATM 1105 O  O   . HOH E 5 .   ? 2.564   -18.794 -0.060  1.00 46.07 ? 2126 HOH A O   1 
HETATM 1106 O  O   . HOH E 5 .   ? 0.886   -21.915 1.866   1.00 44.11 ? 2127 HOH A O   1 
HETATM 1107 O  O   . HOH E 5 .   ? -5.784  -15.168 -4.612  1.00 48.59 ? 2128 HOH A O   1 
HETATM 1108 O  O   . HOH E 5 .   ? -4.658  -18.785 1.610   1.00 50.69 ? 2129 HOH A O   1 
HETATM 1109 O  O   . HOH E 5 .   ? -0.250  -12.129 -7.255  1.00 42.57 ? 2130 HOH A O   1 
HETATM 1110 O  O   . HOH E 5 .   ? -5.442  -8.896  -4.680  1.00 37.01 ? 2131 HOH A O   1 
HETATM 1111 O  O   . HOH E 5 .   ? -7.818  -12.917 -4.855  1.00 57.17 ? 2132 HOH A O   1 
HETATM 1112 O  O   . HOH E 5 .   ? -4.130  -7.385  -10.871 1.00 51.41 ? 2133 HOH A O   1 
HETATM 1113 O  O   . HOH E 5 .   ? 0.216   -10.204 -9.047  1.00 49.24 ? 2134 HOH A O   1 
HETATM 1114 O  O   . HOH E 5 .   ? -5.413  -7.225  -6.769  1.00 42.34 ? 2135 HOH A O   1 
HETATM 1115 O  O   . HOH E 5 .   ? -3.889  -1.711  -4.123  1.00 34.04 ? 2136 HOH A O   1 
HETATM 1116 O  O   . HOH E 5 .   ? -3.128  -5.376  -12.995 1.00 59.01 ? 2137 HOH A O   1 
HETATM 1117 O  O   . HOH E 5 .   ? 0.158   -3.178  -13.309 1.00 50.27 ? 2138 HOH A O   1 
HETATM 1118 O  O   . HOH E 5 .   ? -0.572  -9.135  -13.892 1.00 59.75 ? 2139 HOH A O   1 
HETATM 1119 O  O   . HOH E 5 .   ? -1.797  0.668   -9.786  1.00 37.18 ? 2140 HOH A O   1 
HETATM 1120 O  O   . HOH E 5 .   ? 2.042   5.029   -11.766 1.00 34.94 ? 2141 HOH A O   1 
HETATM 1121 O  O   . HOH E 5 .   ? -1.176  3.010   -11.103 1.00 34.27 ? 2142 HOH A O   1 
HETATM 1122 O  O   . HOH E 5 .   ? 4.187   9.616   -4.371  1.00 37.01 ? 2143 HOH A O   1 
HETATM 1123 O  O   . HOH E 5 .   ? 7.509   8.736   -7.950  1.00 49.33 ? 2144 HOH A O   1 
HETATM 1124 O  O   . HOH E 5 .   ? 4.995   10.745  -8.072  1.00 42.82 ? 2145 HOH A O   1 
HETATM 1125 O  O   . HOH E 5 .   ? -1.595  13.077  -5.030  1.00 35.16 ? 2146 HOH A O   1 
HETATM 1126 O  O   . HOH E 5 .   ? 6.932   14.217  4.321   1.00 56.58 ? 2147 HOH A O   1 
HETATM 1127 O  O   . HOH E 5 .   ? 5.980   13.305  -5.753  1.00 50.18 ? 2148 HOH A O   1 
HETATM 1128 O  O   . HOH E 5 .   ? 4.353   19.545  -1.435  1.00 60.00 ? 2149 HOH A O   1 
HETATM 1129 O  O   . HOH E 5 .   ? -1.201  25.344  1.956   1.00 62.10 ? 2150 HOH A O   1 
HETATM 1130 O  O   . HOH E 5 .   ? 2.856   14.637  14.509  1.00 53.65 ? 2151 HOH A O   1 
HETATM 1131 O  O   . HOH E 5 .   ? 2.789   16.921  11.606  1.00 50.17 ? 2152 HOH A O   1 
HETATM 1132 O  O   . HOH E 5 .   ? -3.684  18.853  9.523   1.00 47.83 ? 2153 HOH A O   1 
HETATM 1133 O  O   . HOH E 5 .   ? -11.974 20.867  9.907   1.00 44.17 ? 2154 HOH A O   1 
HETATM 1134 O  O   . HOH E 5 .   ? -10.297 15.354  3.318   1.00 33.30 ? 2155 HOH A O   1 
HETATM 1135 O  O   . HOH E 5 .   ? -3.061  20.225  7.373   1.00 47.10 ? 2156 HOH A O   1 
HETATM 1136 O  O   . HOH E 5 .   ? -13.219 14.052  5.250   1.00 39.04 ? 2157 HOH A O   1 
HETATM 1137 O  O   . HOH E 5 .   ? -12.997 16.435  8.285   1.00 45.65 ? 2158 HOH A O   1 
HETATM 1138 O  O   . HOH E 5 .   ? -15.975 12.293  4.545   1.00 54.60 ? 2159 HOH A O   1 
HETATM 1139 O  O   . HOH E 5 .   ? 14.578  -11.536 -0.107  1.00 62.35 ? 2160 HOH A O   1 
HETATM 1140 O  O   . HOH E 5 .   ? 14.396  -7.142  -0.635  1.00 54.52 ? 2161 HOH A O   1 
HETATM 1141 O  O   . HOH E 5 .   ? 11.066  -12.597 0.274   1.00 52.71 ? 2162 HOH A O   1 
HETATM 1142 O  O   . HOH E 5 .   ? 14.751  -9.415  2.234   1.00 43.66 ? 2163 HOH A O   1 
HETATM 1143 O  O   . HOH E 5 .   ? 12.037  -10.335 -2.713  1.00 43.35 ? 2164 HOH A O   1 
HETATM 1144 O  O   . HOH E 5 .   ? 2.175   -1.216  14.190  0.33 81.30 ? 2165 HOH A O   1 
HETATM 1145 O  O   . HOH E 5 .   ? 0.867   5.526   15.040  0.33 66.82 ? 2166 HOH A O   1 
HETATM 1146 O  O   . HOH E 5 .   ? 0.294   2.432   13.857  1.00 56.13 ? 2167 HOH A O   1 
# 
